data_6V47
#
_entry.id   6V47
#
_cell.length_a   80.120
_cell.length_b   121.149
_cell.length_c   217.733
_cell.angle_alpha   90.000
_cell.angle_beta   90.000
_cell.angle_gamma   90.000
#
_symmetry.space_group_name_H-M   'P 21 21 21'
#
loop_
_entity.id
_entity.type
_entity.pdbx_description
1 polymer 'Hemagglutinin HA1 chain'
2 polymer 'Hemagglutinin HA2 chain'
3 branched 2-acetamido-2-deoxy-beta-D-glucopyranose-(1-4)-2-acetamido-2-deoxy-beta-D-glucopyranose
#
loop_
_entity_poly.entity_id
_entity_poly.type
_entity_poly.pdbx_seq_one_letter_code
_entity_poly.pdbx_strand_id
1 'polypeptide(L)'
;DEICIGYLSNNSTEKVDTIIESNVTVTSSVELVENEYTGSFCSIDGKAPISLGDCSFAGWILGNPMCDDLIGKTSWSYIV
EKPNPINGICYPGTLENEEELRLKFSGVLEFNKFEAFTSNGWGSVNSGAGVTAACKFGSSNSFFRNMVWLIHQSGTYPVI
RRTFNNTKGRDVLMVWGVHHPATLKEHQDLYKKDNSYVAVGSESYNRRFTPEISTRPKVNGQAGRMTFYWTIVKPEEAIT
FESNGAFLAPRYAFELVSLGNGKLFRSDLNIESCSTKCQSEIGWINTNRSFHSVHRNTIGDCPKYVNVKSLKLATGLRNV
PAIAAR
;
A,C,E
2 'polypeptide(L)'
;GLFGAIAGFIEGGWPGLINGWYGFQHRNEEGTGIAADKESTQTAIDQITSKVNNIVDRMNTNFESVQHEFSEIEERINQL
SKHVDDSVIDIWSYNAQLLVLLENEKTLDLHDSNVRNLHEKVRRMLKDNAKDEGNGCFTFYHKCDNECIEKVRNGTYDHK
EFEEESRLNRQEIESGRLVPR
;
B,D,F
#
# COMPACT_ATOMS: atom_id res chain seq x y z
N ASP A 1 45.02 -43.75 -18.11
CA ASP A 1 44.71 -43.33 -16.69
C ASP A 1 44.00 -41.97 -16.79
N GLU A 2 42.82 -41.78 -16.18
CA GLU A 2 42.02 -40.54 -16.38
C GLU A 2 41.18 -40.18 -15.15
N ILE A 3 40.87 -38.88 -15.02
CA ILE A 3 39.97 -38.29 -13.98
C ILE A 3 38.99 -37.30 -14.61
N CYS A 4 37.72 -37.45 -14.27
CA CYS A 4 36.61 -36.57 -14.75
C CYS A 4 36.10 -35.69 -13.61
N ILE A 5 35.48 -34.56 -13.95
CA ILE A 5 34.79 -33.69 -12.95
C ILE A 5 33.29 -33.78 -13.21
N GLY A 6 32.50 -33.87 -12.16
CA GLY A 6 31.06 -34.21 -12.29
C GLY A 6 30.20 -33.59 -11.21
N TYR A 7 28.89 -33.81 -11.31
CA TYR A 7 27.87 -33.25 -10.40
C TYR A 7 26.87 -34.35 -10.03
N LEU A 8 25.85 -34.01 -9.23
CA LEU A 8 24.84 -34.97 -8.74
C LEU A 8 23.72 -35.17 -9.77
N SER A 9 23.31 -36.42 -9.91
CA SER A 9 22.07 -36.90 -10.56
C SER A 9 21.32 -37.63 -9.45
N ASN A 10 20.01 -37.84 -9.63
CA ASN A 10 19.11 -38.03 -8.48
C ASN A 10 17.85 -38.78 -8.87
N ASN A 11 17.29 -39.49 -7.89
CA ASN A 11 15.90 -40.04 -7.89
C ASN A 11 14.88 -38.90 -8.05
N SER A 12 15.25 -37.67 -7.71
CA SER A 12 14.32 -36.53 -7.43
C SER A 12 13.44 -36.21 -8.64
N THR A 13 12.18 -35.98 -8.33
CA THR A 13 11.05 -35.84 -9.27
C THR A 13 10.52 -34.40 -9.16
N GLU A 14 11.14 -33.61 -8.27
CA GLU A 14 10.66 -32.29 -7.78
C GLU A 14 11.00 -31.24 -8.83
N LYS A 15 10.03 -30.39 -9.14
CA LYS A 15 10.15 -29.37 -10.20
C LYS A 15 10.04 -27.98 -9.58
N VAL A 16 10.69 -27.01 -10.21
CA VAL A 16 10.69 -25.57 -9.84
C VAL A 16 10.62 -24.74 -11.12
N ASP A 17 10.36 -23.45 -11.00
CA ASP A 17 10.22 -22.55 -12.17
C ASP A 17 11.24 -21.43 -12.06
N THR A 18 11.57 -20.90 -13.24
CA THR A 18 12.36 -19.67 -13.46
C THR A 18 11.61 -18.85 -14.51
N ILE A 19 12.16 -17.73 -14.96
CA ILE A 19 11.46 -16.79 -15.87
C ILE A 19 11.46 -17.37 -17.29
N ILE A 20 12.39 -18.28 -17.58
CA ILE A 20 12.74 -18.74 -18.96
C ILE A 20 12.36 -20.21 -19.13
N GLU A 21 11.84 -20.84 -18.10
CA GLU A 21 11.68 -22.32 -18.05
C GLU A 21 10.73 -22.63 -16.90
N SER A 22 9.73 -23.49 -17.14
CA SER A 22 8.80 -24.01 -16.13
C SER A 22 9.17 -25.47 -15.82
N ASN A 23 8.64 -26.03 -14.74
CA ASN A 23 8.66 -27.49 -14.45
C ASN A 23 10.05 -28.06 -14.79
N VAL A 24 11.10 -27.46 -14.24
CA VAL A 24 12.53 -27.91 -14.32
C VAL A 24 12.81 -28.87 -13.15
N THR A 25 12.91 -30.18 -13.36
CA THR A 25 13.26 -31.18 -12.31
C THR A 25 14.65 -30.81 -11.74
N VAL A 26 14.84 -30.89 -10.42
CA VAL A 26 16.12 -30.52 -9.72
C VAL A 26 16.39 -31.55 -8.64
N THR A 27 17.64 -31.60 -8.13
CA THR A 27 18.09 -32.65 -7.19
C THR A 27 17.48 -32.43 -5.80
N SER A 28 16.99 -31.25 -5.51
CA SER A 28 16.34 -30.95 -4.22
C SER A 28 15.77 -29.53 -4.27
N SER A 29 14.69 -29.32 -3.52
CA SER A 29 13.94 -28.05 -3.48
C SER A 29 13.14 -28.05 -2.17
N VAL A 30 12.98 -26.87 -1.58
CA VAL A 30 12.18 -26.68 -0.32
C VAL A 30 10.90 -25.97 -0.71
N GLU A 31 9.82 -26.31 -0.01
CA GLU A 31 8.53 -25.58 -0.10
C GLU A 31 8.53 -24.51 1.01
N LEU A 32 8.39 -23.24 0.64
CA LEU A 32 8.57 -22.11 1.57
C LEU A 32 7.25 -21.79 2.29
N VAL A 33 6.13 -22.13 1.65
CA VAL A 33 4.75 -21.76 2.06
C VAL A 33 4.11 -22.92 2.84
N GLU A 34 3.31 -22.59 3.83
CA GLU A 34 2.63 -23.54 4.73
C GLU A 34 1.13 -23.47 4.46
N ASN A 35 0.46 -24.61 4.34
CA ASN A 35 -0.98 -24.64 3.98
C ASN A 35 -1.77 -25.53 4.92
N GLU A 36 -1.14 -26.25 5.85
CA GLU A 36 -1.94 -27.10 6.76
C GLU A 36 -2.20 -26.32 8.07
N TYR A 37 -3.43 -26.47 8.57
CA TYR A 37 -3.99 -25.77 9.75
C TYR A 37 -5.01 -26.71 10.36
N THR A 38 -5.42 -26.49 11.60
CA THR A 38 -6.15 -27.54 12.34
C THR A 38 -7.62 -27.18 12.49
N GLY A 39 -7.99 -26.01 12.95
CA GLY A 39 -9.43 -25.67 12.87
C GLY A 39 -10.10 -25.76 14.21
N SER A 40 -9.42 -25.15 15.19
CA SER A 40 -9.96 -24.76 16.51
C SER A 40 -9.17 -23.56 16.99
N PHE A 41 -9.56 -22.98 18.12
CA PHE A 41 -8.85 -21.86 18.74
C PHE A 41 -8.05 -22.44 19.90
N CYS A 42 -6.73 -22.25 19.87
CA CYS A 42 -5.81 -22.67 20.95
C CYS A 42 -5.42 -21.42 21.74
N SER A 43 -4.61 -21.59 22.77
CA SER A 43 -4.04 -20.51 23.60
C SER A 43 -2.74 -20.04 22.96
N ILE A 44 -2.38 -18.78 23.16
CA ILE A 44 -1.14 -18.13 22.67
C ILE A 44 -0.23 -17.95 23.90
N ASP A 45 0.79 -18.80 24.01
CA ASP A 45 1.78 -18.81 25.14
C ASP A 45 1.04 -19.20 26.42
N GLY A 46 0.15 -20.19 26.33
CA GLY A 46 -0.60 -20.73 27.48
C GLY A 46 -1.68 -19.79 28.04
N LYS A 47 -1.94 -18.63 27.42
CA LYS A 47 -3.06 -17.74 27.81
C LYS A 47 -4.29 -18.08 26.93
N ALA A 48 -5.35 -18.62 27.52
CA ALA A 48 -6.54 -19.08 26.78
C ALA A 48 -7.28 -17.88 26.22
N PRO A 49 -8.00 -18.02 25.08
CA PRO A 49 -8.93 -17.01 24.64
C PRO A 49 -10.29 -17.31 25.29
N ILE A 50 -11.27 -16.45 25.06
CA ILE A 50 -12.66 -16.64 25.59
C ILE A 50 -13.61 -16.69 24.40
N SER A 51 -14.65 -17.48 24.57
CA SER A 51 -15.88 -17.48 23.76
C SER A 51 -16.85 -16.49 24.38
N LEU A 52 -17.51 -15.69 23.55
CA LEU A 52 -18.71 -14.93 23.99
C LEU A 52 -19.94 -15.86 24.06
N GLY A 53 -19.77 -17.17 23.83
CA GLY A 53 -20.86 -18.15 23.88
C GLY A 53 -21.90 -17.76 22.85
N ASP A 54 -23.11 -17.42 23.27
CA ASP A 54 -24.21 -17.04 22.34
C ASP A 54 -24.53 -15.55 22.45
N CYS A 55 -23.54 -14.69 22.69
CA CYS A 55 -23.77 -13.22 22.81
C CYS A 55 -23.03 -12.46 21.74
N SER A 56 -23.63 -11.37 21.29
CA SER A 56 -22.93 -10.32 20.53
C SER A 56 -22.02 -9.60 21.51
N PHE A 57 -20.93 -9.03 20.98
CA PHE A 57 -20.09 -8.01 21.62
C PHE A 57 -21.03 -7.14 22.48
N ALA A 58 -22.00 -6.50 21.84
CA ALA A 58 -22.98 -5.60 22.49
C ALA A 58 -23.64 -6.29 23.70
N GLY A 59 -24.16 -7.50 23.50
CA GLY A 59 -24.85 -8.25 24.58
C GLY A 59 -23.92 -8.46 25.76
N TRP A 60 -22.68 -8.82 25.47
CA TRP A 60 -21.63 -9.01 26.50
C TRP A 60 -21.36 -7.70 27.25
N ILE A 61 -21.16 -6.58 26.57
CA ILE A 61 -20.77 -5.29 27.21
C ILE A 61 -21.94 -4.77 28.05
N LEU A 62 -23.16 -4.88 27.55
CA LEU A 62 -24.37 -4.38 28.26
C LEU A 62 -24.86 -5.39 29.30
N GLY A 63 -24.40 -6.64 29.25
CA GLY A 63 -24.85 -7.70 30.18
C GLY A 63 -26.24 -8.22 29.86
N ASN A 64 -26.51 -8.55 28.60
CA ASN A 64 -27.71 -9.36 28.24
C ASN A 64 -27.84 -10.44 29.29
N PRO A 65 -29.02 -10.60 29.93
CA PRO A 65 -29.19 -11.49 31.07
C PRO A 65 -29.03 -12.99 30.79
N MET A 66 -28.98 -13.37 29.52
CA MET A 66 -28.75 -14.79 29.14
C MET A 66 -27.28 -15.07 28.91
N CYS A 67 -26.41 -14.10 29.19
CA CYS A 67 -24.96 -14.11 28.95
C CYS A 67 -24.25 -14.17 30.30
N ASP A 68 -24.79 -14.98 31.22
CA ASP A 68 -24.22 -15.12 32.58
C ASP A 68 -23.05 -16.11 32.59
N ASP A 69 -22.98 -17.04 31.64
CA ASP A 69 -21.79 -17.92 31.49
C ASP A 69 -20.55 -17.03 31.35
N LEU A 70 -20.72 -15.75 31.02
CA LEU A 70 -19.61 -14.85 30.64
C LEU A 70 -19.03 -14.15 31.87
N ILE A 71 -19.72 -14.12 33.00
CA ILE A 71 -19.24 -13.44 34.25
C ILE A 71 -18.00 -14.15 34.74
N GLY A 72 -16.90 -13.46 34.97
CA GLY A 72 -15.66 -14.17 35.39
C GLY A 72 -14.80 -14.70 34.24
N LYS A 73 -15.22 -14.53 32.99
CA LYS A 73 -14.33 -14.47 31.80
C LYS A 73 -13.81 -13.03 31.66
N THR A 74 -12.69 -12.73 32.32
CA THR A 74 -12.18 -11.34 32.55
C THR A 74 -10.78 -11.14 31.96
N SER A 75 -10.12 -12.19 31.47
CA SER A 75 -8.81 -12.06 30.75
C SER A 75 -8.71 -13.11 29.64
N TRP A 76 -7.92 -12.81 28.62
CA TRP A 76 -7.87 -13.54 27.34
C TRP A 76 -6.64 -13.13 26.52
N SER A 77 -6.20 -14.03 25.66
CA SER A 77 -5.28 -13.76 24.55
C SER A 77 -6.07 -13.13 23.39
N TYR A 78 -7.29 -13.60 23.15
CA TYR A 78 -8.20 -13.00 22.14
C TYR A 78 -9.63 -13.45 22.38
N ILE A 79 -10.56 -12.98 21.56
CA ILE A 79 -12.01 -13.20 21.81
C ILE A 79 -12.60 -13.85 20.57
N VAL A 80 -13.43 -14.86 20.78
CA VAL A 80 -14.21 -15.52 19.70
C VAL A 80 -15.70 -15.26 19.91
N GLU A 81 -16.30 -14.63 18.91
CA GLU A 81 -17.76 -14.40 18.78
C GLU A 81 -18.28 -15.30 17.68
N LYS A 82 -19.50 -15.80 17.80
CA LYS A 82 -20.19 -16.54 16.72
C LYS A 82 -20.76 -15.54 15.73
N PRO A 83 -20.91 -15.89 14.43
CA PRO A 83 -21.19 -14.89 13.38
C PRO A 83 -22.61 -14.31 13.52
N ASN A 84 -23.54 -15.13 14.03
CA ASN A 84 -24.95 -14.74 14.30
C ASN A 84 -25.34 -15.22 15.69
N PRO A 85 -24.86 -14.53 16.75
CA PRO A 85 -25.21 -14.88 18.12
C PRO A 85 -26.70 -14.60 18.33
N ILE A 86 -27.32 -15.28 19.27
CA ILE A 86 -28.80 -15.28 19.46
C ILE A 86 -29.16 -14.14 20.46
N ASN A 87 -28.23 -13.77 21.34
CA ASN A 87 -28.49 -12.87 22.48
C ASN A 87 -27.72 -11.57 22.27
N GLY A 88 -28.39 -10.55 21.75
CA GLY A 88 -27.77 -9.25 21.42
C GLY A 88 -28.28 -8.15 22.33
N ILE A 89 -28.69 -7.05 21.74
CA ILE A 89 -29.41 -5.95 22.41
C ILE A 89 -30.89 -6.39 22.41
N CYS A 90 -31.23 -7.29 23.34
CA CYS A 90 -32.56 -7.98 23.45
C CYS A 90 -33.69 -6.92 23.38
N TYR A 91 -33.70 -5.91 24.24
CA TYR A 91 -34.62 -4.75 24.05
C TYR A 91 -34.05 -3.95 22.88
N PRO A 92 -34.83 -3.79 21.78
CA PRO A 92 -34.26 -3.45 20.50
C PRO A 92 -33.73 -2.02 20.55
N GLY A 93 -32.56 -1.83 19.97
CA GLY A 93 -31.82 -0.57 20.10
C GLY A 93 -30.52 -0.64 19.36
N THR A 94 -29.59 0.19 19.77
CA THR A 94 -28.24 0.35 19.16
C THR A 94 -27.31 0.69 20.31
N LEU A 95 -26.05 0.28 20.19
CA LEU A 95 -24.98 0.82 21.05
C LEU A 95 -24.17 1.81 20.21
N GLU A 96 -24.28 3.13 20.44
CA GLU A 96 -23.53 4.20 19.72
C GLU A 96 -22.04 3.80 19.64
N ASN A 97 -21.43 3.92 18.47
CA ASN A 97 -19.97 3.71 18.26
C ASN A 97 -19.59 2.29 18.67
N GLU A 98 -20.47 1.33 18.46
CA GLU A 98 -20.17 -0.09 18.83
C GLU A 98 -18.90 -0.52 18.12
N GLU A 99 -18.62 0.01 16.94
CA GLU A 99 -17.47 -0.42 16.12
C GLU A 99 -16.20 0.17 16.72
N GLU A 100 -16.21 1.42 17.14
CA GLU A 100 -15.01 1.99 17.79
C GLU A 100 -14.78 1.25 19.10
N LEU A 101 -15.82 0.81 19.80
CA LEU A 101 -15.62 0.07 21.07
C LEU A 101 -15.08 -1.33 20.77
N ARG A 102 -15.42 -1.87 19.63
CA ARG A 102 -14.92 -3.19 19.18
C ARG A 102 -13.41 -3.11 18.98
N LEU A 103 -12.95 -2.02 18.39
CA LEU A 103 -11.51 -1.78 18.16
C LEU A 103 -10.79 -1.66 19.51
N LYS A 104 -11.36 -0.91 20.47
CA LYS A 104 -10.79 -0.75 21.85
C LYS A 104 -10.46 -2.15 22.39
N PHE A 105 -11.39 -3.09 22.20
CA PHE A 105 -11.37 -4.44 22.82
C PHE A 105 -10.42 -5.38 22.08
N SER A 106 -10.07 -5.07 20.81
CA SER A 106 -8.90 -5.62 20.08
C SER A 106 -7.62 -5.30 20.84
N GLY A 107 -7.60 -4.18 21.58
CA GLY A 107 -6.44 -3.70 22.35
C GLY A 107 -6.52 -4.07 23.83
N VAL A 108 -7.67 -4.56 24.31
CA VAL A 108 -7.89 -4.91 25.73
C VAL A 108 -7.67 -6.41 25.89
N LEU A 109 -6.93 -6.82 26.91
CA LEU A 109 -6.63 -8.23 27.25
C LEU A 109 -7.18 -8.60 28.62
N GLU A 110 -7.52 -7.64 29.47
CA GLU A 110 -8.13 -7.96 30.77
C GLU A 110 -8.92 -6.76 31.29
N PHE A 111 -10.14 -7.02 31.71
CA PHE A 111 -10.97 -6.01 32.41
C PHE A 111 -11.42 -6.61 33.74
N ASN A 112 -11.96 -5.72 34.52
CA ASN A 112 -12.40 -6.00 35.89
C ASN A 112 -13.75 -5.30 36.02
N LYS A 113 -14.83 -6.07 36.15
CA LYS A 113 -16.18 -5.51 36.25
C LYS A 113 -16.47 -5.12 37.72
N PHE A 114 -16.95 -3.91 37.99
CA PHE A 114 -17.29 -3.48 39.37
C PHE A 114 -18.56 -2.63 39.35
N GLU A 115 -19.20 -2.53 40.53
CA GLU A 115 -20.44 -1.76 40.77
C GLU A 115 -20.03 -0.31 41.02
N ALA A 116 -20.33 0.57 40.07
CA ALA A 116 -19.94 1.99 40.06
C ALA A 116 -21.05 2.80 40.71
N PHE A 117 -22.29 2.30 40.58
CA PHE A 117 -23.50 2.86 41.22
C PHE A 117 -24.42 1.74 41.69
N THR A 118 -24.67 1.69 42.99
CA THR A 118 -25.61 0.72 43.59
C THR A 118 -26.97 0.92 42.92
N SER A 119 -27.65 -0.17 42.54
CA SER A 119 -29.00 -0.15 41.93
C SER A 119 -29.98 0.61 42.84
N ASN A 120 -29.76 0.57 44.16
CA ASN A 120 -30.74 1.05 45.18
C ASN A 120 -30.46 2.45 45.66
N GLY A 121 -29.37 3.06 45.22
CA GLY A 121 -28.89 4.34 45.77
C GLY A 121 -29.27 5.55 44.94
N TRP A 122 -30.28 5.45 44.06
CA TRP A 122 -30.59 6.56 43.10
C TRP A 122 -31.67 7.51 43.65
N GLY A 123 -32.30 7.17 44.77
CA GLY A 123 -33.24 8.06 45.47
C GLY A 123 -34.64 7.50 45.40
N SER A 124 -35.64 8.38 45.47
CA SER A 124 -37.06 7.96 45.48
C SER A 124 -37.47 7.53 44.09
N VAL A 125 -37.23 6.27 43.78
CA VAL A 125 -37.36 5.73 42.40
C VAL A 125 -37.31 4.22 42.53
N ASN A 126 -38.03 3.47 41.72
CA ASN A 126 -38.14 1.99 41.83
C ASN A 126 -37.00 1.33 41.06
N SER A 127 -36.02 0.76 41.75
CA SER A 127 -34.87 0.04 41.12
C SER A 127 -35.27 -1.39 40.76
N GLY A 128 -36.48 -1.78 41.13
CA GLY A 128 -36.89 -3.18 41.41
C GLY A 128 -37.71 -3.77 40.29
N ALA A 129 -38.74 -3.08 39.80
CA ALA A 129 -39.33 -3.34 38.46
C ALA A 129 -38.39 -2.62 37.50
N GLY A 130 -38.42 -3.03 36.23
CA GLY A 130 -37.42 -2.59 35.25
C GLY A 130 -36.96 -3.78 34.42
N VAL A 131 -37.94 -4.56 34.01
CA VAL A 131 -37.83 -5.91 33.44
C VAL A 131 -38.84 -5.97 32.28
N THR A 132 -38.57 -6.80 31.28
CA THR A 132 -39.38 -6.86 30.04
C THR A 132 -39.26 -8.22 29.37
N ALA A 133 -40.31 -8.64 28.67
CA ALA A 133 -40.38 -9.94 27.95
C ALA A 133 -39.30 -9.98 26.87
N ALA A 134 -38.81 -8.85 26.40
CA ALA A 134 -37.72 -8.78 25.39
C ALA A 134 -36.43 -9.41 25.91
N CYS A 135 -36.14 -9.17 27.18
CA CYS A 135 -34.84 -9.50 27.82
C CYS A 135 -35.03 -10.58 28.87
N LYS A 136 -35.36 -11.80 28.43
CA LYS A 136 -35.72 -12.92 29.32
C LYS A 136 -34.45 -13.39 30.00
N PHE A 137 -34.59 -13.88 31.25
CA PHE A 137 -33.50 -14.55 32.01
C PHE A 137 -33.63 -16.05 31.75
N GLY A 138 -34.56 -16.70 32.42
CA GLY A 138 -34.90 -18.05 31.98
C GLY A 138 -36.07 -17.94 31.06
N SER A 139 -37.22 -18.38 31.58
CA SER A 139 -38.56 -18.14 31.02
C SER A 139 -39.15 -16.92 31.76
N SER A 140 -38.33 -16.18 32.52
CA SER A 140 -38.86 -15.03 33.30
C SER A 140 -38.24 -13.70 32.83
N ASN A 141 -39.05 -12.63 32.92
CA ASN A 141 -38.77 -11.26 32.43
C ASN A 141 -37.57 -10.66 33.16
N SER A 142 -36.59 -10.15 32.43
CA SER A 142 -35.36 -9.55 33.02
C SER A 142 -34.96 -8.29 32.28
N PHE A 143 -33.67 -7.94 32.38
CA PHE A 143 -33.07 -6.77 31.73
C PHE A 143 -31.55 -6.85 31.81
N PHE A 144 -30.87 -6.09 30.96
CA PHE A 144 -29.39 -5.99 30.95
C PHE A 144 -28.91 -5.78 32.37
N ARG A 145 -27.97 -6.61 32.82
CA ARG A 145 -27.47 -6.64 34.22
C ARG A 145 -26.55 -5.45 34.56
N ASN A 146 -25.90 -4.85 33.55
CA ASN A 146 -24.89 -3.75 33.70
C ASN A 146 -25.58 -2.39 33.80
N MET A 147 -26.89 -2.33 33.56
CA MET A 147 -27.65 -1.08 33.79
C MET A 147 -28.92 -1.40 34.57
N VAL A 148 -29.53 -0.41 35.18
CA VAL A 148 -30.85 -0.63 35.84
C VAL A 148 -31.88 0.36 35.27
N TRP A 149 -33.05 -0.17 34.95
CA TRP A 149 -34.16 0.59 34.34
C TRP A 149 -35.01 1.17 35.47
N LEU A 150 -34.72 2.39 35.84
CA LEU A 150 -35.40 3.10 36.97
C LEU A 150 -36.78 3.55 36.51
N ILE A 151 -37.78 3.40 37.38
CA ILE A 151 -39.16 3.91 37.17
C ILE A 151 -39.63 4.68 38.41
N HIS A 152 -40.79 5.33 38.32
CA HIS A 152 -41.43 6.07 39.45
C HIS A 152 -41.48 5.17 40.70
N GLN A 153 -41.40 5.80 41.87
CA GLN A 153 -41.85 5.24 43.17
C GLN A 153 -43.13 5.99 43.51
N SER A 154 -44.21 5.28 43.87
CA SER A 154 -45.48 5.86 44.39
C SER A 154 -45.91 7.07 43.53
N GLY A 155 -45.85 6.94 42.21
CA GLY A 155 -46.46 7.91 41.29
C GLY A 155 -45.61 9.16 41.02
N THR A 156 -44.31 9.12 41.34
CA THR A 156 -43.37 10.26 41.15
C THR A 156 -41.97 9.75 40.83
N TYR A 157 -41.35 10.35 39.82
CA TYR A 157 -39.94 10.11 39.46
C TYR A 157 -39.20 11.42 39.65
N PRO A 158 -38.45 11.60 40.76
CA PRO A 158 -37.80 12.87 41.02
C PRO A 158 -36.63 13.06 40.04
N VAL A 159 -36.03 14.23 40.05
CA VAL A 159 -34.71 14.47 39.39
C VAL A 159 -33.62 13.76 40.22
N ILE A 160 -33.02 12.71 39.68
CA ILE A 160 -31.97 11.92 40.37
C ILE A 160 -30.63 12.39 39.82
N ARG A 161 -29.60 12.31 40.63
CA ARG A 161 -28.24 12.73 40.26
C ARG A 161 -27.24 11.96 41.10
N ARG A 162 -26.26 11.30 40.48
CA ARG A 162 -25.13 10.66 41.19
C ARG A 162 -23.87 10.89 40.38
N THR A 163 -22.74 10.86 41.07
CA THR A 163 -21.42 11.02 40.42
C THR A 163 -20.57 9.78 40.66
N PHE A 164 -19.84 9.35 39.63
CA PHE A 164 -18.73 8.39 39.74
C PHE A 164 -17.40 9.11 39.60
N ASN A 165 -16.63 9.09 40.67
CA ASN A 165 -15.24 9.60 40.80
C ASN A 165 -14.33 8.40 40.46
N ASN A 166 -13.71 8.38 39.29
CA ASN A 166 -12.79 7.28 38.87
C ASN A 166 -11.47 7.41 39.64
N THR A 167 -11.32 6.65 40.72
CA THR A 167 -10.15 6.69 41.62
C THR A 167 -9.30 5.44 41.43
N LYS A 168 -9.52 4.71 40.33
CA LYS A 168 -8.86 3.41 40.03
C LYS A 168 -7.49 3.66 39.40
N GLY A 169 -7.15 4.90 39.05
CA GLY A 169 -5.90 5.16 38.30
C GLY A 169 -5.85 4.41 36.96
N ARG A 170 -6.99 4.00 36.39
CA ARG A 170 -7.05 3.38 35.02
C ARG A 170 -8.39 3.65 34.33
N ASP A 171 -8.41 3.50 33.02
CA ASP A 171 -9.58 3.86 32.18
C ASP A 171 -10.73 2.95 32.63
N VAL A 172 -11.90 3.54 32.93
CA VAL A 172 -13.15 2.79 33.24
C VAL A 172 -14.14 2.96 32.11
N LEU A 173 -14.63 1.84 31.55
CA LEU A 173 -15.63 1.83 30.47
C LEU A 173 -17.00 1.90 31.11
N MET A 174 -17.75 2.95 30.87
CA MET A 174 -19.09 3.03 31.48
C MET A 174 -20.18 2.94 30.40
N VAL A 175 -21.25 2.24 30.71
CA VAL A 175 -22.39 2.17 29.77
C VAL A 175 -23.66 2.57 30.53
N TRP A 176 -24.61 3.09 29.77
CA TRP A 176 -25.95 3.55 30.19
C TRP A 176 -26.80 3.63 28.94
N GLY A 177 -28.07 3.97 29.10
CA GLY A 177 -28.96 4.12 27.94
C GLY A 177 -30.02 5.18 28.17
N VAL A 178 -30.76 5.45 27.10
CA VAL A 178 -31.97 6.30 27.06
C VAL A 178 -33.11 5.47 26.49
N HIS A 179 -34.26 5.55 27.12
CA HIS A 179 -35.46 4.80 26.68
C HIS A 179 -36.20 5.70 25.73
N HIS A 180 -36.55 5.16 24.56
CA HIS A 180 -37.38 5.79 23.52
C HIS A 180 -38.73 5.13 23.49
N PRO A 181 -39.65 5.45 24.44
CA PRO A 181 -40.92 4.72 24.55
C PRO A 181 -41.73 4.79 23.26
N ALA A 182 -42.68 3.87 23.09
CA ALA A 182 -43.50 3.78 21.87
C ALA A 182 -44.62 4.81 21.94
N THR A 183 -45.14 5.13 23.12
CA THR A 183 -46.27 6.08 23.28
C THR A 183 -45.99 6.97 24.48
N LEU A 184 -46.59 8.15 24.48
CA LEU A 184 -46.62 9.05 25.65
C LEU A 184 -47.05 8.26 26.90
N LYS A 185 -48.05 7.39 26.78
CA LYS A 185 -48.58 6.63 27.92
C LYS A 185 -47.50 5.76 28.55
N GLU A 186 -46.73 5.01 27.76
CA GLU A 186 -45.63 4.15 28.26
C GLU A 186 -44.68 5.07 29.04
N HIS A 187 -44.52 6.33 28.60
CA HIS A 187 -43.64 7.33 29.24
C HIS A 187 -44.25 7.73 30.59
N GLN A 188 -45.50 8.20 30.55
CA GLN A 188 -46.36 8.47 31.75
C GLN A 188 -46.36 7.32 32.75
N ASP A 189 -46.62 6.06 32.34
CA ASP A 189 -46.78 4.93 33.30
C ASP A 189 -45.46 4.68 34.02
N LEU A 190 -44.33 4.91 33.36
CA LEU A 190 -42.98 4.55 33.87
C LEU A 190 -42.33 5.75 34.55
N TYR A 191 -42.50 6.96 34.03
CA TYR A 191 -41.73 8.15 34.51
C TYR A 191 -42.70 9.24 35.02
N LYS A 192 -43.96 8.91 35.26
CA LYS A 192 -45.04 9.79 35.82
C LYS A 192 -44.72 11.26 35.51
N LYS A 193 -44.64 11.54 34.21
CA LYS A 193 -44.52 12.91 33.60
C LYS A 193 -44.47 12.70 32.09
N ASP A 194 -44.54 13.76 31.29
CA ASP A 194 -44.82 13.68 29.81
C ASP A 194 -43.54 13.61 28.98
N ASN A 195 -42.44 14.05 29.55
CA ASN A 195 -41.19 14.29 28.81
C ASN A 195 -40.05 14.34 29.82
N SER A 196 -38.95 13.65 29.55
CA SER A 196 -37.81 13.50 30.49
C SER A 196 -36.53 13.95 29.83
N TYR A 197 -35.45 13.95 30.59
CA TYR A 197 -34.06 14.14 30.08
C TYR A 197 -33.10 13.16 30.78
N VAL A 198 -32.03 12.86 30.08
CA VAL A 198 -30.83 12.18 30.66
C VAL A 198 -29.63 13.07 30.38
N ALA A 199 -28.98 13.55 31.42
CA ALA A 199 -27.85 14.50 31.35
C ALA A 199 -26.62 13.84 31.98
N VAL A 200 -25.58 13.72 31.16
CA VAL A 200 -24.31 13.06 31.50
C VAL A 200 -23.22 14.08 31.26
N GLY A 201 -22.46 14.40 32.31
CA GLY A 201 -21.40 15.41 32.31
C GLY A 201 -20.17 14.95 33.09
N SER A 202 -18.97 15.13 32.50
CA SER A 202 -17.65 14.90 33.13
C SER A 202 -16.76 16.09 32.77
N GLU A 203 -15.46 16.03 33.06
CA GLU A 203 -14.53 17.13 32.69
C GLU A 203 -14.44 17.19 31.17
N SER A 204 -14.75 16.07 30.49
CA SER A 204 -14.56 15.93 29.02
C SER A 204 -15.86 15.57 28.29
N TYR A 205 -16.85 15.00 28.97
CA TYR A 205 -18.12 14.49 28.38
C TYR A 205 -19.17 15.55 28.68
N ASN A 206 -20.17 15.69 27.78
CA ASN A 206 -21.23 16.71 27.92
C ASN A 206 -22.38 16.40 26.98
N ARG A 207 -23.44 15.76 27.46
CA ARG A 207 -24.63 15.42 26.62
C ARG A 207 -25.92 15.49 27.45
N ARG A 208 -26.99 16.05 26.86
CA ARG A 208 -28.39 15.95 27.33
C ARG A 208 -29.09 15.15 26.26
N PHE A 209 -29.74 14.04 26.62
CA PHE A 209 -30.55 13.19 25.72
C PHE A 209 -31.99 13.31 26.12
N THR A 210 -32.88 13.20 25.12
CA THR A 210 -34.34 13.23 25.38
C THR A 210 -34.95 12.01 24.72
N PRO A 211 -36.00 11.44 25.32
CA PRO A 211 -36.72 10.34 24.67
C PRO A 211 -37.28 10.92 23.38
N GLU A 212 -37.41 10.05 22.37
CA GLU A 212 -38.09 10.32 21.09
C GLU A 212 -39.23 9.31 20.96
N ILE A 213 -40.46 9.75 21.18
CA ILE A 213 -41.62 8.83 21.36
C ILE A 213 -42.23 8.65 19.97
N SER A 214 -42.45 7.38 19.56
CA SER A 214 -43.10 6.96 18.27
C SER A 214 -43.27 5.43 18.23
N THR A 215 -44.31 4.92 17.57
CA THR A 215 -44.43 3.45 17.36
C THR A 215 -43.51 3.09 16.20
N ARG A 216 -42.47 2.31 16.49
CA ARG A 216 -41.68 1.52 15.50
C ARG A 216 -42.27 0.12 15.36
N PRO A 217 -42.00 -0.59 14.24
CA PRO A 217 -42.35 -2.01 14.13
C PRO A 217 -41.77 -2.81 15.30
N LYS A 218 -42.49 -3.82 15.77
CA LYS A 218 -42.11 -4.59 16.97
C LYS A 218 -40.86 -5.45 16.67
N VAL A 219 -39.91 -5.47 17.61
CA VAL A 219 -38.75 -6.41 17.64
C VAL A 219 -38.69 -6.96 19.06
N ASN A 220 -38.72 -8.29 19.21
CA ASN A 220 -38.80 -8.96 20.52
C ASN A 220 -40.07 -8.44 21.23
N GLY A 221 -41.09 -8.18 20.43
CA GLY A 221 -42.40 -7.74 20.94
C GLY A 221 -42.43 -6.29 21.40
N GLN A 222 -41.42 -5.48 21.06
CA GLN A 222 -41.33 -4.09 21.57
C GLN A 222 -41.41 -3.10 20.42
N ALA A 223 -42.34 -2.17 20.53
CA ALA A 223 -42.47 -1.00 19.63
C ALA A 223 -41.53 0.14 20.06
N GLY A 224 -41.00 0.11 21.30
CA GLY A 224 -40.11 1.16 21.80
C GLY A 224 -38.70 0.83 21.40
N ARG A 225 -37.78 1.77 21.53
CA ARG A 225 -36.35 1.48 21.35
C ARG A 225 -35.58 1.93 22.58
N MET A 226 -34.33 1.54 22.67
CA MET A 226 -33.34 2.12 23.63
C MET A 226 -32.06 2.40 22.85
N THR A 227 -31.43 3.53 23.10
CA THR A 227 -30.09 3.83 22.55
C THR A 227 -29.09 3.73 23.69
N PHE A 228 -28.10 2.86 23.57
CA PHE A 228 -27.10 2.61 24.64
C PHE A 228 -25.84 3.37 24.24
N TYR A 229 -25.27 4.09 25.19
CA TYR A 229 -24.09 4.92 24.97
C TYR A 229 -22.99 4.26 25.78
N TRP A 230 -21.74 4.48 25.39
CA TRP A 230 -20.58 4.19 26.23
C TRP A 230 -19.64 5.40 26.20
N THR A 231 -18.80 5.56 27.24
CA THR A 231 -17.65 6.49 27.22
C THR A 231 -16.60 5.90 28.13
N ILE A 232 -15.37 6.36 27.95
CA ILE A 232 -14.18 6.03 28.79
C ILE A 232 -14.06 7.13 29.82
N VAL A 233 -14.22 6.81 31.09
CA VAL A 233 -13.94 7.77 32.17
C VAL A 233 -12.46 7.61 32.50
N LYS A 234 -11.66 8.61 32.18
CA LYS A 234 -10.18 8.55 32.35
C LYS A 234 -9.88 8.74 33.82
N PRO A 235 -8.71 8.28 34.31
CA PRO A 235 -8.38 8.40 35.74
C PRO A 235 -8.45 9.86 36.21
N GLU A 236 -9.14 10.04 37.34
CA GLU A 236 -9.34 11.34 38.04
C GLU A 236 -10.55 12.09 37.49
N GLU A 237 -11.22 11.60 36.44
CA GLU A 237 -12.45 12.23 35.91
C GLU A 237 -13.63 11.86 36.82
N ALA A 238 -14.52 12.78 37.08
CA ALA A 238 -15.81 12.56 37.77
C ALA A 238 -16.87 12.67 36.68
N ILE A 239 -17.83 11.77 36.66
CA ILE A 239 -18.93 11.80 35.65
C ILE A 239 -20.27 11.75 36.38
N THR A 240 -21.11 12.75 36.17
CA THR A 240 -22.41 12.97 36.85
C THR A 240 -23.53 12.59 35.88
N PHE A 241 -24.41 11.70 36.33
CA PHE A 241 -25.69 11.35 35.67
C PHE A 241 -26.83 12.01 36.43
N GLU A 242 -27.60 12.80 35.68
CA GLU A 242 -28.79 13.55 36.14
C GLU A 242 -29.89 13.07 35.23
N SER A 243 -31.04 12.76 35.78
CA SER A 243 -32.20 12.33 34.97
C SER A 243 -33.47 12.43 35.80
N ASN A 244 -34.58 12.59 35.09
CA ASN A 244 -35.97 12.54 35.60
C ASN A 244 -36.80 11.55 34.77
N GLY A 245 -36.12 10.67 34.02
CA GLY A 245 -36.81 9.58 33.32
C GLY A 245 -36.08 9.02 32.12
N ALA A 246 -36.66 8.00 31.53
CA ALA A 246 -36.21 7.36 30.28
C ALA A 246 -34.75 6.96 30.42
N PHE A 247 -34.32 6.68 31.64
CA PHE A 247 -32.89 6.53 31.98
C PHE A 247 -32.62 5.08 32.27
N LEU A 248 -31.78 4.45 31.45
CA LEU A 248 -31.18 3.13 31.78
C LEU A 248 -29.87 3.42 32.51
N ALA A 249 -29.92 3.43 33.84
CA ALA A 249 -28.89 4.01 34.74
C ALA A 249 -27.72 3.06 34.80
N PRO A 250 -26.48 3.58 34.82
CA PRO A 250 -25.31 2.72 34.86
C PRO A 250 -25.32 1.99 36.21
N ARG A 251 -24.91 0.71 36.20
CA ARG A 251 -24.68 -0.08 37.43
C ARG A 251 -23.24 -0.62 37.44
N TYR A 252 -22.96 -1.56 36.54
CA TYR A 252 -21.62 -2.17 36.41
C TYR A 252 -20.90 -1.41 35.31
N ALA A 253 -19.59 -1.29 35.54
CA ALA A 253 -18.61 -0.66 34.64
C ALA A 253 -17.37 -1.57 34.55
N PHE A 254 -16.47 -1.28 33.62
CA PHE A 254 -15.31 -2.15 33.33
C PHE A 254 -14.04 -1.33 33.47
N GLU A 255 -13.20 -1.69 34.43
CA GLU A 255 -11.80 -1.17 34.53
C GLU A 255 -10.97 -1.83 33.42
N LEU A 256 -10.43 -1.06 32.49
CA LEU A 256 -9.58 -1.60 31.39
C LEU A 256 -8.18 -1.84 31.94
N VAL A 257 -7.87 -3.08 32.34
CA VAL A 257 -6.75 -3.47 33.24
C VAL A 257 -5.46 -3.70 32.46
N SER A 258 -5.49 -4.61 31.48
CA SER A 258 -4.35 -4.91 30.58
C SER A 258 -4.73 -4.47 29.17
N LEU A 259 -3.83 -3.70 28.55
CA LEU A 259 -3.81 -3.54 27.08
C LEU A 259 -2.72 -4.43 26.49
N GLY A 260 -2.77 -4.69 25.19
CA GLY A 260 -1.89 -5.62 24.45
C GLY A 260 -2.50 -5.99 23.11
N ASN A 261 -1.81 -6.74 22.27
CA ASN A 261 -2.34 -7.10 20.93
C ASN A 261 -3.32 -8.27 21.08
N GLY A 262 -4.60 -7.96 20.95
CA GLY A 262 -5.67 -8.96 20.97
C GLY A 262 -6.28 -9.07 19.59
N LYS A 263 -7.36 -9.85 19.49
CA LYS A 263 -8.23 -9.93 18.31
C LYS A 263 -9.64 -10.27 18.77
N LEU A 264 -10.59 -10.03 17.87
CA LEU A 264 -11.95 -10.61 17.93
C LEU A 264 -12.18 -11.37 16.61
N PHE A 265 -12.21 -12.69 16.67
CA PHE A 265 -12.57 -13.54 15.52
C PHE A 265 -14.09 -13.64 15.52
N ARG A 266 -14.73 -13.57 14.35
CA ARG A 266 -16.09 -14.13 14.13
C ARG A 266 -15.94 -15.53 13.52
N SER A 267 -16.27 -16.59 14.27
CA SER A 267 -16.34 -17.99 13.73
C SER A 267 -17.08 -18.98 14.66
N ASP A 268 -17.59 -20.07 14.07
CA ASP A 268 -18.32 -21.13 14.81
C ASP A 268 -17.34 -22.16 15.35
N LEU A 269 -16.03 -22.03 15.11
CA LEU A 269 -15.03 -22.99 15.63
C LEU A 269 -14.96 -22.92 17.16
N ASN A 270 -14.49 -24.01 17.76
CA ASN A 270 -14.50 -24.24 19.23
C ASN A 270 -13.12 -23.91 19.79
N ILE A 271 -13.11 -23.39 21.00
CA ILE A 271 -11.88 -23.17 21.81
C ILE A 271 -11.53 -24.54 22.38
N GLU A 272 -10.34 -25.06 22.09
CA GLU A 272 -9.84 -26.33 22.68
C GLU A 272 -8.70 -25.98 23.63
N SER A 273 -8.25 -26.92 24.44
CA SER A 273 -7.10 -26.74 25.38
C SER A 273 -5.81 -27.34 24.76
N CYS A 274 -5.12 -26.50 23.99
CA CYS A 274 -3.85 -26.72 23.26
C CYS A 274 -3.14 -25.36 23.24
N SER A 275 -1.84 -25.31 22.91
CA SER A 275 -1.10 -24.04 22.67
C SER A 275 -0.76 -23.98 21.18
N THR A 276 -0.52 -22.78 20.67
CA THR A 276 -0.10 -22.54 19.27
C THR A 276 0.75 -21.29 19.30
N LYS A 277 1.78 -21.27 18.48
CA LYS A 277 2.59 -20.05 18.24
C LYS A 277 1.72 -19.08 17.43
N CYS A 278 0.73 -19.60 16.70
CA CYS A 278 0.01 -18.87 15.64
C CYS A 278 -1.42 -19.40 15.48
N GLN A 279 -2.39 -18.48 15.45
CA GLN A 279 -3.85 -18.74 15.37
C GLN A 279 -4.48 -17.89 14.26
N SER A 280 -5.15 -18.53 13.32
CA SER A 280 -5.87 -17.84 12.21
C SER A 280 -7.38 -17.99 12.44
N GLU A 281 -8.16 -17.18 11.74
CA GLU A 281 -9.65 -17.17 11.82
C GLU A 281 -10.24 -18.57 11.60
N ILE A 282 -9.57 -19.46 10.85
CA ILE A 282 -10.14 -20.77 10.43
C ILE A 282 -9.37 -21.92 11.06
N GLY A 283 -8.35 -21.63 11.87
CA GLY A 283 -7.64 -22.67 12.64
C GLY A 283 -6.23 -22.24 13.00
N TRP A 284 -5.56 -23.07 13.80
CA TRP A 284 -4.16 -22.83 14.23
C TRP A 284 -3.16 -23.44 13.24
N ILE A 285 -2.00 -22.80 13.16
CA ILE A 285 -0.90 -23.08 12.21
C ILE A 285 0.31 -23.46 13.05
N ASN A 286 0.87 -24.64 12.82
CA ASN A 286 2.09 -25.13 13.53
C ASN A 286 3.16 -25.41 12.49
N THR A 287 4.07 -24.47 12.27
CA THR A 287 5.04 -24.53 11.15
C THR A 287 6.34 -23.87 11.56
N ASN A 288 7.45 -24.38 11.00
CA ASN A 288 8.83 -23.83 11.11
C ASN A 288 9.04 -22.87 9.90
N ARG A 289 8.15 -22.87 8.89
CA ARG A 289 8.28 -22.08 7.63
C ARG A 289 7.88 -20.62 7.87
N SER A 290 8.27 -19.73 6.98
CA SER A 290 8.19 -18.26 7.14
C SER A 290 7.13 -17.60 6.25
N PHE A 291 6.46 -18.40 5.42
CA PHE A 291 5.29 -17.95 4.64
C PHE A 291 4.18 -18.96 4.91
N HIS A 292 2.93 -18.50 4.86
CA HIS A 292 1.74 -19.38 4.88
C HIS A 292 0.66 -18.76 4.02
N SER A 293 -0.33 -19.57 3.66
CA SER A 293 -1.49 -19.13 2.85
C SER A 293 -2.77 -19.77 3.39
N VAL A 294 -2.85 -19.90 4.72
CA VAL A 294 -4.01 -20.49 5.43
C VAL A 294 -5.15 -19.47 5.44
N HIS A 295 -4.92 -18.30 6.03
CA HIS A 295 -5.88 -17.18 6.15
C HIS A 295 -5.15 -15.94 6.68
N ARG A 296 -5.46 -14.75 6.13
CA ARG A 296 -4.71 -13.50 6.42
C ARG A 296 -4.95 -13.01 7.83
N ASN A 297 -6.10 -13.34 8.40
CA ASN A 297 -6.56 -12.84 9.71
C ASN A 297 -5.94 -13.75 10.78
N THR A 298 -4.86 -13.27 11.39
CA THR A 298 -3.88 -14.10 12.13
C THR A 298 -3.58 -13.39 13.47
N ILE A 299 -3.31 -14.13 14.54
CA ILE A 299 -2.73 -13.54 15.79
C ILE A 299 -1.66 -14.49 16.34
N GLY A 300 -0.61 -13.93 16.95
CA GLY A 300 0.52 -14.68 17.52
C GLY A 300 1.80 -14.42 16.73
N ASP A 301 2.82 -15.23 16.94
CA ASP A 301 4.09 -15.13 16.19
C ASP A 301 3.93 -15.91 14.88
N CYS A 302 3.65 -15.23 13.77
CA CYS A 302 3.06 -15.87 12.55
C CYS A 302 3.94 -15.69 11.32
N PRO A 303 3.92 -16.67 10.40
CA PRO A 303 4.49 -16.49 9.06
C PRO A 303 3.72 -15.39 8.31
N LYS A 304 4.37 -14.71 7.37
CA LYS A 304 3.78 -13.75 6.41
C LYS A 304 2.74 -14.51 5.58
N TYR A 305 1.49 -14.06 5.61
CA TYR A 305 0.45 -14.56 4.67
C TYR A 305 0.81 -14.13 3.25
N VAL A 306 0.56 -15.00 2.26
CA VAL A 306 0.65 -14.65 0.81
C VAL A 306 -0.50 -15.33 0.08
N ASN A 307 -0.93 -14.71 -1.02
CA ASN A 307 -1.87 -15.24 -2.05
C ASN A 307 -1.42 -16.57 -2.61
N VAL A 308 -0.12 -16.69 -2.89
CA VAL A 308 0.50 -17.84 -3.61
C VAL A 308 0.43 -19.06 -2.69
N LYS A 309 -0.08 -20.19 -3.18
CA LYS A 309 -0.26 -21.42 -2.39
C LYS A 309 1.06 -22.17 -2.34
N SER A 310 1.97 -22.00 -3.30
CA SER A 310 3.28 -22.70 -3.31
C SER A 310 4.41 -21.81 -3.84
N LEU A 311 5.52 -21.77 -3.10
CA LEU A 311 6.83 -21.27 -3.59
C LEU A 311 7.86 -22.39 -3.46
N LYS A 312 8.12 -23.07 -4.58
CA LYS A 312 9.15 -24.13 -4.71
C LYS A 312 10.47 -23.40 -5.05
N LEU A 313 11.37 -23.35 -4.06
CA LEU A 313 12.71 -22.74 -4.15
C LEU A 313 13.76 -23.83 -4.34
N ALA A 314 14.47 -23.78 -5.46
CA ALA A 314 15.55 -24.71 -5.80
C ALA A 314 16.69 -24.48 -4.82
N THR A 315 17.19 -25.59 -4.27
CA THR A 315 18.47 -25.74 -3.54
C THR A 315 19.52 -26.50 -4.40
N GLY A 316 19.11 -27.57 -5.10
CA GLY A 316 20.01 -28.53 -5.77
C GLY A 316 20.32 -28.14 -7.20
N LEU A 317 20.74 -29.09 -8.02
CA LEU A 317 21.23 -28.87 -9.42
C LEU A 317 20.13 -29.27 -10.39
N ARG A 318 20.36 -29.13 -11.68
CA ARG A 318 19.30 -29.36 -12.68
C ARG A 318 18.90 -30.85 -12.75
N ASN A 319 19.78 -31.83 -12.52
CA ASN A 319 19.38 -33.27 -12.45
C ASN A 319 19.07 -33.81 -13.85
N VAL A 320 20.06 -34.43 -14.49
CA VAL A 320 19.95 -34.95 -15.89
C VAL A 320 20.85 -36.19 -16.01
N PRO A 321 20.29 -37.40 -16.26
CA PRO A 321 21.13 -38.58 -16.52
C PRO A 321 21.87 -38.54 -17.88
N ALA B 7 33.57 -41.08 -18.29
CA ALA B 7 32.17 -40.43 -18.21
C ALA B 7 32.15 -39.09 -17.42
N GLY B 8 32.27 -37.93 -18.08
CA GLY B 8 32.41 -36.61 -17.40
C GLY B 8 31.11 -35.83 -17.20
N PHE B 9 31.18 -34.52 -16.89
CA PHE B 9 30.04 -33.64 -16.48
C PHE B 9 29.26 -33.07 -17.68
N ILE B 10 29.88 -33.03 -18.86
CA ILE B 10 29.26 -32.53 -20.13
C ILE B 10 28.10 -33.45 -20.50
N GLU B 11 28.24 -34.75 -20.25
CA GLU B 11 27.29 -35.81 -20.67
C GLU B 11 26.28 -36.05 -19.56
N GLY B 12 26.38 -35.31 -18.44
CA GLY B 12 25.39 -35.34 -17.35
C GLY B 12 25.97 -35.71 -15.98
N GLY B 13 25.06 -35.72 -14.99
CA GLY B 13 25.39 -35.97 -13.57
C GLY B 13 25.55 -37.46 -13.30
N TRP B 14 25.95 -37.80 -12.08
CA TRP B 14 26.32 -39.16 -11.64
C TRP B 14 25.42 -39.61 -10.49
N PRO B 15 24.46 -40.54 -10.71
CA PRO B 15 23.81 -41.21 -9.59
C PRO B 15 25.02 -41.99 -9.05
N GLY B 16 25.35 -41.88 -7.77
CA GLY B 16 26.59 -42.50 -7.28
C GLY B 16 27.58 -41.49 -6.72
N LEU B 17 27.41 -40.20 -6.97
CA LEU B 17 28.03 -39.14 -6.14
C LEU B 17 27.33 -39.15 -4.77
N ILE B 18 28.00 -39.65 -3.74
CA ILE B 18 27.38 -39.98 -2.42
C ILE B 18 27.28 -38.68 -1.61
N ASN B 19 28.41 -38.12 -1.14
CA ASN B 19 28.40 -37.13 -0.03
C ASN B 19 28.69 -35.70 -0.55
N GLY B 20 28.05 -35.33 -1.66
CA GLY B 20 28.37 -34.06 -2.32
C GLY B 20 27.52 -33.80 -3.54
N TRP B 21 27.68 -32.58 -4.03
CA TRP B 21 27.03 -32.03 -5.24
C TRP B 21 28.02 -32.10 -6.41
N TYR B 22 29.32 -31.91 -6.14
CA TYR B 22 30.35 -31.94 -7.19
C TYR B 22 31.50 -32.82 -6.74
N GLY B 23 32.14 -33.50 -7.70
CA GLY B 23 33.32 -34.33 -7.42
C GLY B 23 34.02 -34.86 -8.66
N PHE B 24 34.76 -35.95 -8.48
CA PHE B 24 35.67 -36.56 -9.47
C PHE B 24 35.38 -38.05 -9.62
N GLN B 25 35.35 -38.54 -10.86
CA GLN B 25 35.39 -39.98 -11.26
C GLN B 25 36.78 -40.24 -11.87
N HIS B 26 37.52 -41.22 -11.35
CA HIS B 26 38.86 -41.59 -11.87
C HIS B 26 38.88 -43.06 -12.31
N ARG B 27 39.74 -43.37 -13.28
CA ARG B 27 40.13 -44.77 -13.61
C ARG B 27 41.64 -44.80 -13.75
N ASN B 28 42.31 -45.60 -12.92
CA ASN B 28 43.76 -45.86 -12.98
C ASN B 28 43.95 -47.38 -13.05
N GLU B 29 45.16 -47.82 -12.74
CA GLU B 29 45.54 -49.24 -12.78
C GLU B 29 44.97 -49.95 -11.54
N GLU B 30 44.91 -49.32 -10.36
CA GLU B 30 44.36 -49.95 -9.11
C GLU B 30 42.83 -50.07 -9.15
N GLY B 31 42.15 -49.48 -10.12
CA GLY B 31 40.68 -49.58 -10.25
C GLY B 31 40.03 -48.23 -10.49
N THR B 32 38.76 -48.11 -10.10
CA THR B 32 37.84 -46.99 -10.46
C THR B 32 37.19 -46.47 -9.16
N GLY B 33 36.79 -45.20 -9.13
CA GLY B 33 36.10 -44.61 -7.98
C GLY B 33 35.38 -43.31 -8.32
N ILE B 34 34.32 -43.03 -7.56
CA ILE B 34 33.69 -41.68 -7.47
C ILE B 34 33.96 -41.17 -6.05
N ALA B 35 34.30 -39.90 -5.93
CA ALA B 35 34.51 -39.21 -4.64
C ALA B 35 34.05 -37.75 -4.75
N ALA B 36 33.24 -37.32 -3.80
CA ALA B 36 32.76 -35.91 -3.73
C ALA B 36 33.92 -34.97 -3.39
N ASP B 37 33.84 -33.72 -3.84
CA ASP B 37 34.78 -32.61 -3.46
C ASP B 37 34.23 -31.87 -2.24
N LYS B 38 34.84 -32.12 -1.07
CA LYS B 38 34.45 -31.59 0.27
C LYS B 38 34.28 -30.06 0.14
N GLU B 39 35.29 -29.37 -0.42
CA GLU B 39 35.46 -27.90 -0.27
C GLU B 39 34.50 -27.14 -1.20
N SER B 40 34.41 -27.48 -2.47
CA SER B 40 33.50 -26.81 -3.45
C SER B 40 32.03 -27.10 -3.12
N THR B 41 31.73 -28.25 -2.52
CA THR B 41 30.37 -28.66 -2.10
C THR B 41 29.97 -27.82 -0.89
N GLN B 42 30.84 -27.71 0.12
CA GLN B 42 30.47 -26.96 1.37
C GLN B 42 30.21 -25.49 1.00
N THR B 43 31.08 -24.88 0.22
CA THR B 43 30.97 -23.46 -0.24
C THR B 43 29.61 -23.24 -0.91
N ALA B 44 29.25 -24.04 -1.91
CA ALA B 44 27.90 -24.03 -2.53
C ALA B 44 26.81 -24.14 -1.45
N ILE B 45 26.96 -25.03 -0.45
CA ILE B 45 25.94 -25.19 0.63
C ILE B 45 25.88 -23.91 1.48
N ASP B 46 27.01 -23.33 1.89
CA ASP B 46 27.05 -22.02 2.62
C ASP B 46 26.28 -20.97 1.80
N GLN B 47 26.53 -20.93 0.49
CA GLN B 47 25.93 -19.93 -0.41
C GLN B 47 24.41 -20.13 -0.50
N ILE B 48 23.95 -21.35 -0.80
CA ILE B 48 22.48 -21.67 -0.89
C ILE B 48 21.85 -21.49 0.50
N THR B 49 22.51 -21.85 1.59
CA THR B 49 21.99 -21.63 2.97
C THR B 49 21.83 -20.13 3.22
N SER B 50 22.73 -19.30 2.73
CA SER B 50 22.63 -17.83 2.85
C SER B 50 21.39 -17.38 2.09
N LYS B 51 21.20 -17.93 0.88
CA LYS B 51 20.11 -17.54 -0.05
C LYS B 51 18.74 -17.85 0.57
N VAL B 52 18.56 -19.07 1.07
CA VAL B 52 17.32 -19.48 1.76
C VAL B 52 17.10 -18.55 2.97
N ASN B 53 18.07 -18.47 3.89
CA ASN B 53 17.96 -17.70 5.16
C ASN B 53 17.67 -16.23 4.86
N ASN B 54 18.16 -15.65 3.76
CA ASN B 54 17.84 -14.26 3.34
C ASN B 54 16.37 -14.20 2.88
N ILE B 55 15.87 -15.17 2.15
CA ILE B 55 14.51 -15.13 1.54
C ILE B 55 13.45 -15.35 2.62
N VAL B 56 13.69 -16.24 3.59
CA VAL B 56 12.65 -16.63 4.61
C VAL B 56 12.73 -15.78 5.89
N ASP B 57 13.68 -14.85 6.02
CA ASP B 57 13.95 -14.13 7.29
C ASP B 57 15.01 -13.07 6.96
N ARG B 58 14.81 -11.80 7.30
CA ARG B 58 15.77 -10.68 7.05
C ARG B 58 15.37 -9.96 5.77
N MET B 59 15.14 -10.69 4.69
CA MET B 59 14.51 -10.15 3.45
C MET B 59 13.04 -10.49 3.47
N ASN B 60 12.52 -10.95 4.60
CA ASN B 60 11.10 -11.36 4.68
C ASN B 60 10.36 -10.33 5.52
N THR B 61 10.30 -9.09 5.05
CA THR B 61 9.82 -7.97 5.89
C THR B 61 8.34 -8.30 6.17
N ASN B 62 7.96 -8.12 7.42
CA ASN B 62 6.68 -8.61 7.99
C ASN B 62 5.55 -7.61 7.72
N PHE B 63 4.38 -8.16 7.42
CA PHE B 63 3.13 -7.41 7.21
C PHE B 63 1.97 -8.24 7.77
N GLU B 64 1.24 -7.72 8.77
CA GLU B 64 0.03 -8.38 9.31
C GLU B 64 -1.18 -7.48 8.99
N SER B 65 -2.23 -8.10 8.44
CA SER B 65 -3.55 -7.51 8.06
C SER B 65 -4.22 -6.91 9.29
N VAL B 66 -4.68 -5.67 9.18
CA VAL B 66 -5.56 -5.01 10.18
C VAL B 66 -6.96 -4.90 9.53
N GLN B 67 -7.92 -5.71 9.93
CA GLN B 67 -9.35 -5.49 9.54
C GLN B 67 -10.20 -5.18 10.77
N HIS B 68 -10.87 -4.03 10.77
CA HIS B 68 -11.85 -3.61 11.81
C HIS B 68 -13.26 -3.69 11.22
N GLU B 69 -14.28 -3.37 12.01
CA GLU B 69 -15.69 -3.46 11.57
C GLU B 69 -16.18 -2.05 11.22
N PHE B 70 -17.17 -1.96 10.35
CA PHE B 70 -17.76 -0.68 9.87
C PHE B 70 -19.27 -0.86 9.74
N SER B 71 -20.02 0.23 9.93
CA SER B 71 -21.51 0.27 9.85
C SER B 71 -21.95 0.26 8.39
N GLU B 72 -23.24 0.22 8.12
CA GLU B 72 -23.78 0.31 6.74
C GLU B 72 -23.51 1.67 6.07
N ILE B 73 -23.17 2.74 6.78
CA ILE B 73 -22.90 4.07 6.15
C ILE B 73 -21.43 4.43 6.34
N GLU B 74 -20.59 3.41 6.59
CA GLU B 74 -19.11 3.51 6.63
C GLU B 74 -18.50 2.62 5.53
N GLU B 75 -19.26 2.45 4.46
CA GLU B 75 -18.92 1.50 3.37
C GLU B 75 -17.65 2.01 2.65
N ARG B 76 -17.48 3.32 2.51
CA ARG B 76 -16.29 3.92 1.86
C ARG B 76 -15.06 3.53 2.64
N ILE B 77 -15.07 3.71 3.95
CA ILE B 77 -13.88 3.45 4.78
C ILE B 77 -13.68 1.93 4.87
N ASN B 78 -14.77 1.14 4.87
CA ASN B 78 -14.70 -0.35 4.91
C ASN B 78 -13.97 -0.82 3.66
N GLN B 79 -14.46 -0.43 2.47
CA GLN B 79 -13.91 -0.81 1.15
C GLN B 79 -12.46 -0.31 1.05
N LEU B 80 -12.12 0.86 1.58
CA LEU B 80 -10.73 1.40 1.54
C LEU B 80 -9.85 0.54 2.42
N SER B 81 -10.26 0.23 3.66
CA SER B 81 -9.40 -0.58 4.57
C SER B 81 -9.15 -1.95 3.92
N LYS B 82 -10.15 -2.55 3.28
CA LYS B 82 -10.03 -3.88 2.61
C LYS B 82 -9.19 -3.79 1.32
N HIS B 83 -9.26 -2.69 0.58
CA HIS B 83 -8.45 -2.43 -0.64
C HIS B 83 -6.97 -2.28 -0.26
N VAL B 84 -6.66 -1.61 0.84
CA VAL B 84 -5.27 -1.46 1.36
C VAL B 84 -4.72 -2.87 1.67
N ASP B 85 -5.47 -3.64 2.43
CA ASP B 85 -5.10 -5.00 2.85
C ASP B 85 -4.89 -5.89 1.62
N ASP B 86 -5.84 -5.91 0.67
CA ASP B 86 -5.78 -6.72 -0.56
C ASP B 86 -4.53 -6.37 -1.39
N SER B 87 -4.31 -5.09 -1.71
CA SER B 87 -3.26 -4.66 -2.64
C SER B 87 -1.88 -4.82 -2.00
N VAL B 88 -1.78 -4.67 -0.68
CA VAL B 88 -0.49 -4.87 0.04
C VAL B 88 -0.18 -6.37 0.15
N ILE B 89 -1.15 -7.22 0.41
CA ILE B 89 -0.87 -8.67 0.28
C ILE B 89 -0.44 -8.99 -1.17
N ASP B 90 -1.18 -8.54 -2.18
CA ASP B 90 -0.82 -8.71 -3.62
C ASP B 90 0.66 -8.36 -3.82
N ILE B 91 1.14 -7.28 -3.19
CA ILE B 91 2.52 -6.74 -3.40
C ILE B 91 3.54 -7.66 -2.74
N TRP B 92 3.34 -8.03 -1.47
CA TRP B 92 4.26 -9.00 -0.80
C TRP B 92 4.24 -10.37 -1.49
N SER B 93 3.11 -10.78 -2.07
CA SER B 93 2.91 -12.06 -2.80
C SER B 93 3.68 -12.03 -4.14
N TYR B 94 3.61 -10.93 -4.92
CA TYR B 94 4.48 -10.72 -6.11
C TYR B 94 5.93 -10.82 -5.67
N ASN B 95 6.31 -10.06 -4.66
CA ASN B 95 7.71 -9.95 -4.19
C ASN B 95 8.26 -11.33 -3.86
N ALA B 96 7.48 -12.18 -3.20
CA ALA B 96 7.96 -13.52 -2.80
C ALA B 96 8.11 -14.38 -4.05
N GLN B 97 7.08 -14.46 -4.90
CA GLN B 97 7.10 -15.35 -6.08
C GLN B 97 8.20 -14.92 -7.04
N LEU B 98 8.37 -13.61 -7.28
CA LEU B 98 9.40 -13.04 -8.18
C LEU B 98 10.77 -13.43 -7.64
N LEU B 99 11.06 -13.06 -6.40
CA LEU B 99 12.35 -13.36 -5.77
C LEU B 99 12.67 -14.85 -5.91
N VAL B 100 11.71 -15.74 -5.68
CA VAL B 100 11.92 -17.21 -5.84
C VAL B 100 12.24 -17.54 -7.29
N LEU B 101 11.47 -17.01 -8.24
CA LEU B 101 11.68 -17.23 -9.70
C LEU B 101 13.06 -16.75 -10.11
N LEU B 102 13.47 -15.56 -9.69
CA LEU B 102 14.77 -14.99 -10.13
C LEU B 102 15.91 -15.76 -9.45
N GLU B 103 15.71 -16.19 -8.21
CA GLU B 103 16.78 -16.87 -7.44
C GLU B 103 16.82 -18.34 -7.82
N ASN B 104 15.74 -18.94 -8.28
CA ASN B 104 15.78 -20.31 -8.84
C ASN B 104 16.74 -20.32 -10.05
N GLU B 105 16.56 -19.40 -11.00
CA GLU B 105 17.44 -19.27 -12.20
C GLU B 105 18.89 -19.13 -11.76
N LYS B 106 19.15 -18.35 -10.71
CA LYS B 106 20.53 -18.05 -10.21
C LYS B 106 21.12 -19.27 -9.51
N THR B 107 20.32 -20.03 -8.76
CA THR B 107 20.76 -21.28 -8.09
C THR B 107 21.25 -22.28 -9.15
N LEU B 108 20.44 -22.53 -10.20
CA LEU B 108 20.74 -23.48 -11.30
C LEU B 108 22.04 -23.05 -12.01
N ASP B 109 22.25 -21.75 -12.20
CA ASP B 109 23.43 -21.18 -12.90
C ASP B 109 24.66 -21.23 -11.99
N LEU B 110 24.48 -21.19 -10.66
CA LEU B 110 25.56 -21.27 -9.64
C LEU B 110 26.16 -22.68 -9.62
N HIS B 111 25.31 -23.71 -9.58
CA HIS B 111 25.73 -25.13 -9.65
C HIS B 111 26.50 -25.38 -10.95
N ASP B 112 25.91 -25.05 -12.11
CA ASP B 112 26.57 -25.10 -13.45
C ASP B 112 27.93 -24.41 -13.37
N SER B 113 27.98 -23.23 -12.78
CA SER B 113 29.18 -22.36 -12.74
C SER B 113 30.22 -22.90 -11.74
N ASN B 114 29.77 -23.54 -10.65
CA ASN B 114 30.65 -24.12 -9.60
C ASN B 114 31.38 -25.34 -10.21
N VAL B 115 30.65 -26.27 -10.87
CA VAL B 115 31.26 -27.49 -11.49
C VAL B 115 32.30 -27.07 -12.56
N ARG B 116 32.04 -26.04 -13.37
CA ARG B 116 32.97 -25.62 -14.45
C ARG B 116 34.21 -24.94 -13.85
N ASN B 117 34.14 -24.53 -12.58
CA ASN B 117 35.26 -23.85 -11.88
C ASN B 117 36.20 -24.88 -11.28
N LEU B 118 35.65 -25.98 -10.77
CA LEU B 118 36.43 -27.17 -10.38
C LEU B 118 37.18 -27.68 -11.61
N HIS B 119 36.46 -27.92 -12.71
CA HIS B 119 37.04 -28.43 -13.99
C HIS B 119 38.23 -27.54 -14.37
N GLU B 120 38.20 -26.25 -14.07
CA GLU B 120 39.28 -25.34 -14.52
C GLU B 120 40.35 -25.20 -13.44
N LYS B 121 40.00 -25.36 -12.16
CA LYS B 121 41.00 -25.37 -11.06
C LYS B 121 41.87 -26.63 -11.21
N VAL B 122 41.29 -27.72 -11.73
CA VAL B 122 41.98 -29.00 -11.99
C VAL B 122 42.78 -28.86 -13.29
N ARG B 123 42.24 -28.26 -14.34
CA ARG B 123 43.03 -28.04 -15.60
C ARG B 123 44.31 -27.25 -15.29
N ARG B 124 44.23 -26.28 -14.38
CA ARG B 124 45.36 -25.36 -14.11
C ARG B 124 46.42 -26.07 -13.26
N MET B 125 45.99 -26.95 -12.35
CA MET B 125 46.89 -27.81 -11.55
C MET B 125 47.63 -28.78 -12.47
N LEU B 126 46.90 -29.40 -13.41
CA LEU B 126 47.36 -30.50 -14.31
C LEU B 126 48.25 -29.93 -15.40
N LYS B 127 47.95 -28.70 -15.84
CA LYS B 127 48.83 -27.95 -16.79
C LYS B 127 49.10 -28.86 -18.00
N ASP B 128 50.35 -29.24 -18.24
CA ASP B 128 50.77 -29.87 -19.52
C ASP B 128 50.80 -31.39 -19.39
N ASN B 129 50.34 -31.93 -18.26
CA ASN B 129 50.51 -33.36 -17.89
C ASN B 129 49.26 -34.16 -18.27
N ALA B 130 48.18 -33.52 -18.67
CA ALA B 130 46.93 -34.24 -19.01
C ALA B 130 46.30 -33.61 -20.25
N LYS B 131 45.68 -34.44 -21.09
CA LYS B 131 44.91 -33.96 -22.28
C LYS B 131 43.51 -33.66 -21.77
N ASP B 132 43.05 -32.44 -22.03
CA ASP B 132 41.63 -32.07 -21.83
C ASP B 132 40.82 -32.77 -22.90
N GLU B 133 40.10 -33.85 -22.55
CA GLU B 133 39.34 -34.69 -23.52
C GLU B 133 38.10 -33.90 -23.99
N GLY B 134 37.76 -32.78 -23.34
CA GLY B 134 36.68 -31.86 -23.73
C GLY B 134 35.36 -32.24 -23.09
N ASN B 135 35.14 -33.54 -22.79
CA ASN B 135 33.90 -34.06 -22.13
C ASN B 135 33.96 -33.84 -20.60
N GLY B 136 34.85 -32.96 -20.11
CA GLY B 136 35.03 -32.69 -18.68
C GLY B 136 35.96 -33.69 -18.01
N CYS B 137 36.73 -34.45 -18.80
CA CYS B 137 37.71 -35.46 -18.31
C CYS B 137 39.13 -35.07 -18.69
N PHE B 138 40.08 -35.90 -18.28
CA PHE B 138 41.53 -35.65 -18.44
C PHE B 138 42.27 -36.99 -18.57
N THR B 139 42.76 -37.33 -19.75
CA THR B 139 43.71 -38.46 -19.91
C THR B 139 45.07 -37.94 -19.44
N PHE B 140 45.67 -38.54 -18.42
CA PHE B 140 47.02 -38.18 -17.94
C PHE B 140 48.06 -38.72 -18.92
N TYR B 141 49.26 -38.15 -18.89
CA TYR B 141 50.40 -38.56 -19.74
C TYR B 141 51.38 -39.36 -18.89
N HIS B 142 50.98 -39.71 -17.66
CA HIS B 142 51.79 -40.50 -16.72
C HIS B 142 50.88 -41.47 -15.96
N LYS B 143 51.46 -42.48 -15.29
CA LYS B 143 50.72 -43.35 -14.34
C LYS B 143 50.29 -42.42 -13.19
N CYS B 144 49.00 -42.43 -12.86
CA CYS B 144 48.42 -41.70 -11.71
C CYS B 144 47.81 -42.75 -10.78
N ASP B 145 48.64 -43.28 -9.87
CA ASP B 145 48.25 -44.20 -8.78
C ASP B 145 47.33 -43.46 -7.79
N ASN B 146 46.65 -44.19 -6.92
CA ASN B 146 45.70 -43.65 -5.92
C ASN B 146 46.38 -42.53 -5.11
N GLU B 147 47.68 -42.57 -4.89
CA GLU B 147 48.40 -41.48 -4.17
C GLU B 147 48.38 -40.22 -5.06
N CYS B 148 48.55 -40.37 -6.37
CA CYS B 148 48.50 -39.26 -7.36
C CYS B 148 47.06 -38.71 -7.47
N ILE B 149 46.07 -39.59 -7.56
CA ILE B 149 44.64 -39.18 -7.71
C ILE B 149 44.24 -38.35 -6.47
N GLU B 150 44.45 -38.86 -5.26
CA GLU B 150 44.07 -38.17 -4.00
C GLU B 150 44.76 -36.79 -3.95
N LYS B 151 45.92 -36.64 -4.58
CA LYS B 151 46.59 -35.31 -4.63
C LYS B 151 45.85 -34.38 -5.59
N VAL B 152 45.25 -34.92 -6.66
CA VAL B 152 44.44 -34.12 -7.63
C VAL B 152 43.16 -33.68 -6.92
N ARG B 153 42.55 -34.58 -6.15
CA ARG B 153 41.27 -34.35 -5.44
C ARG B 153 41.45 -33.29 -4.34
N ASN B 154 42.53 -33.36 -3.54
CA ASN B 154 42.72 -32.41 -2.41
C ASN B 154 43.57 -31.21 -2.88
N GLY B 155 43.80 -31.06 -4.18
CA GLY B 155 44.49 -29.89 -4.78
C GLY B 155 45.95 -29.74 -4.36
N THR B 156 46.67 -30.79 -3.96
CA THR B 156 48.13 -30.76 -3.63
C THR B 156 49.00 -31.29 -4.79
N TYR B 157 48.40 -31.62 -5.95
CA TYR B 157 49.09 -32.18 -7.16
C TYR B 157 50.10 -31.14 -7.69
N ASP B 158 51.38 -31.37 -7.44
CA ASP B 158 52.49 -30.59 -8.03
C ASP B 158 52.80 -31.17 -9.41
N HIS B 159 52.71 -30.36 -10.46
CA HIS B 159 52.86 -30.78 -11.87
C HIS B 159 54.34 -31.05 -12.20
N LYS B 160 55.26 -30.59 -11.35
CA LYS B 160 56.70 -30.85 -11.53
C LYS B 160 57.02 -32.32 -11.22
N GLU B 161 56.33 -32.94 -10.26
CA GLU B 161 56.56 -34.35 -9.84
C GLU B 161 56.42 -35.26 -11.06
N PHE B 162 55.59 -34.92 -12.06
CA PHE B 162 55.28 -35.78 -13.23
C PHE B 162 55.60 -35.07 -14.54
N GLU B 163 56.41 -34.01 -14.52
CA GLU B 163 56.59 -33.10 -15.68
C GLU B 163 57.34 -33.79 -16.82
N GLU B 164 58.45 -34.46 -16.51
CA GLU B 164 59.34 -35.09 -17.50
C GLU B 164 58.64 -36.33 -18.08
N GLU B 165 58.16 -37.23 -17.21
CA GLU B 165 57.45 -38.47 -17.65
C GLU B 165 56.38 -38.08 -18.68
N SER B 166 55.61 -37.02 -18.39
CA SER B 166 54.48 -36.50 -19.20
C SER B 166 55.00 -35.98 -20.56
N ARG B 167 55.94 -35.04 -20.53
CA ARG B 167 56.55 -34.47 -21.75
C ARG B 167 57.07 -35.61 -22.65
N LEU B 168 57.68 -36.66 -22.06
CA LEU B 168 58.25 -37.81 -22.82
C LEU B 168 57.12 -38.62 -23.51
N ASN B 169 56.04 -38.96 -22.81
CA ASN B 169 54.91 -39.75 -23.38
C ASN B 169 54.20 -38.91 -24.46
N ARG B 170 54.04 -37.61 -24.21
CA ARG B 170 53.32 -36.67 -25.12
C ARG B 170 54.14 -36.41 -26.38
N GLN B 171 55.42 -36.02 -26.21
CA GLN B 171 56.37 -35.86 -27.33
C GLN B 171 56.17 -37.04 -28.31
N GLU B 172 56.18 -38.28 -27.80
CA GLU B 172 56.10 -39.52 -28.62
C GLU B 172 54.72 -39.66 -29.28
N ILE B 173 53.79 -38.71 -29.10
CA ILE B 173 52.50 -38.64 -29.87
C ILE B 173 52.48 -37.38 -30.76
N ASP C 1 39.58 -25.22 -45.86
CA ASP C 1 38.10 -25.41 -45.74
C ASP C 1 37.72 -25.05 -44.30
N GLU C 2 36.65 -24.28 -44.07
CA GLU C 2 36.36 -23.71 -42.73
C GLU C 2 34.87 -23.55 -42.45
N ILE C 3 34.48 -23.53 -41.17
CA ILE C 3 33.09 -23.24 -40.63
C ILE C 3 33.18 -22.29 -39.45
N CYS C 4 32.39 -21.23 -39.46
CA CYS C 4 32.31 -20.27 -38.33
C CYS C 4 30.95 -20.38 -37.63
N ILE C 5 30.88 -19.90 -36.40
CA ILE C 5 29.62 -19.80 -35.62
C ILE C 5 29.30 -18.32 -35.44
N GLY C 6 28.03 -17.95 -35.54
CA GLY C 6 27.64 -16.53 -35.57
C GLY C 6 26.26 -16.29 -35.00
N TYR C 7 25.84 -15.03 -35.08
CA TYR C 7 24.49 -14.57 -34.65
C TYR C 7 23.96 -13.59 -35.68
N LEU C 8 22.73 -13.12 -35.45
CA LEU C 8 22.01 -12.18 -36.35
C LEU C 8 22.44 -10.72 -36.06
N SER C 9 22.60 -9.99 -37.15
CA SER C 9 22.72 -8.52 -37.22
C SER C 9 21.53 -8.07 -38.07
N ASN C 10 21.16 -6.78 -38.03
CA ASN C 10 19.77 -6.39 -38.33
C ASN C 10 19.69 -4.95 -38.82
N ASN C 11 18.66 -4.68 -39.62
CA ASN C 11 18.22 -3.30 -39.98
C ASN C 11 17.73 -2.60 -38.71
N SER C 12 17.42 -3.32 -37.62
CA SER C 12 16.66 -2.83 -36.44
C SER C 12 17.38 -1.65 -35.78
N THR C 13 16.59 -0.64 -35.43
CA THR C 13 17.03 0.68 -34.96
C THR C 13 16.52 0.84 -33.51
N GLU C 14 15.86 -0.20 -33.01
CA GLU C 14 15.10 -0.24 -31.72
C GLU C 14 16.07 -0.36 -30.56
N LYS C 15 15.88 0.48 -29.54
CA LYS C 15 16.78 0.56 -28.37
C LYS C 15 16.00 0.12 -27.11
N VAL C 16 16.74 -0.41 -26.14
CA VAL C 16 16.24 -0.81 -24.80
C VAL C 16 17.29 -0.43 -23.76
N ASP C 17 16.92 -0.51 -22.48
CA ASP C 17 17.83 -0.16 -21.38
C ASP C 17 18.03 -1.38 -20.48
N THR C 18 19.16 -1.35 -19.78
CA THR C 18 19.53 -2.21 -18.63
C THR C 18 20.03 -1.26 -17.53
N ILE C 19 20.50 -1.77 -16.41
CA ILE C 19 20.88 -0.94 -15.23
C ILE C 19 22.24 -0.32 -15.48
N ILE C 20 23.03 -0.89 -16.41
CA ILE C 20 24.47 -0.55 -16.62
C ILE C 20 24.65 0.13 -17.99
N GLU C 21 23.60 0.25 -18.79
CA GLU C 21 23.71 0.65 -20.21
C GLU C 21 22.34 1.14 -20.69
N SER C 22 22.29 2.29 -21.36
CA SER C 22 21.04 2.88 -21.90
C SER C 22 21.07 2.78 -23.42
N ASN C 23 19.93 2.97 -24.08
CA ASN C 23 19.82 3.12 -25.56
C ASN C 23 20.77 2.13 -26.24
N VAL C 24 20.63 0.85 -25.91
CA VAL C 24 21.32 -0.31 -26.53
C VAL C 24 20.47 -0.82 -27.69
N THR C 25 20.85 -0.57 -28.95
CA THR C 25 20.14 -1.08 -30.16
C THR C 25 20.12 -2.62 -30.08
N VAL C 26 19.01 -3.27 -30.43
CA VAL C 26 18.82 -4.75 -30.38
C VAL C 26 18.05 -5.19 -31.63
N THR C 27 18.09 -6.49 -31.94
CA THR C 27 17.52 -7.04 -33.20
C THR C 27 16.00 -7.04 -33.14
N SER C 28 15.40 -6.92 -31.97
CA SER C 28 13.93 -6.88 -31.81
C SER C 28 13.58 -6.61 -30.35
N SER C 29 12.43 -6.00 -30.12
CA SER C 29 11.96 -5.58 -28.78
C SER C 29 10.45 -5.37 -28.89
N VAL C 30 9.72 -5.68 -27.84
CA VAL C 30 8.25 -5.42 -27.75
C VAL C 30 8.05 -4.21 -26.83
N GLU C 31 7.04 -3.41 -27.15
CA GLU C 31 6.50 -2.34 -26.27
C GLU C 31 5.37 -2.98 -25.45
N LEU C 32 5.51 -2.96 -24.12
CA LEU C 32 4.59 -3.70 -23.22
C LEU C 32 3.36 -2.83 -22.91
N VAL C 33 3.54 -1.51 -22.96
CA VAL C 33 2.58 -0.47 -22.48
C VAL C 33 1.76 0.07 -23.66
N GLU C 34 0.48 0.32 -23.41
CA GLU C 34 -0.49 0.80 -24.41
C GLU C 34 -0.89 2.24 -24.05
N ASN C 35 -0.94 3.15 -25.01
CA ASN C 35 -1.19 4.58 -24.74
C ASN C 35 -2.25 5.15 -25.67
N GLU C 36 -2.76 4.40 -26.63
CA GLU C 36 -3.77 4.99 -27.56
C GLU C 36 -5.16 4.57 -27.07
N TYR C 37 -6.11 5.52 -27.15
CA TYR C 37 -7.49 5.41 -26.61
C TYR C 37 -8.38 6.31 -27.46
N THR C 38 -9.69 6.13 -27.40
CA THR C 38 -10.58 6.70 -28.45
C THR C 38 -11.36 7.90 -27.93
N GLY C 39 -12.02 7.84 -26.79
CA GLY C 39 -12.50 9.12 -26.21
C GLY C 39 -13.99 9.27 -26.41
N SER C 40 -14.69 8.19 -26.08
CA SER C 40 -16.14 8.08 -25.89
C SER C 40 -16.37 6.89 -24.95
N PHE C 41 -17.63 6.68 -24.59
CA PHE C 41 -18.03 5.58 -23.70
C PHE C 41 -18.68 4.57 -24.61
N CYS C 42 -18.16 3.35 -24.58
CA CYS C 42 -18.71 2.19 -25.33
C CYS C 42 -19.39 1.30 -24.32
N SER C 43 -19.94 0.19 -24.80
CA SER C 43 -20.57 -0.87 -23.99
C SER C 43 -19.49 -1.88 -23.61
N ILE C 44 -19.66 -2.53 -22.47
CA ILE C 44 -18.75 -3.57 -21.93
C ILE C 44 -19.43 -4.92 -22.12
N ASP C 45 -19.01 -5.64 -23.18
CA ASP C 45 -19.55 -6.96 -23.58
C ASP C 45 -21.00 -6.74 -24.03
N GLY C 46 -21.22 -5.69 -24.80
CA GLY C 46 -22.54 -5.39 -25.40
C GLY C 46 -23.56 -4.83 -24.43
N LYS C 47 -23.23 -4.60 -23.14
CA LYS C 47 -24.17 -3.94 -22.18
C LYS C 47 -23.89 -2.42 -22.16
N ALA C 48 -24.82 -1.60 -22.64
CA ALA C 48 -24.62 -0.14 -22.76
C ALA C 48 -24.57 0.47 -21.37
N PRO C 49 -23.86 1.59 -21.19
CA PRO C 49 -23.98 2.39 -19.99
C PRO C 49 -25.12 3.38 -20.17
N ILE C 50 -25.41 4.17 -19.14
CA ILE C 50 -26.42 5.27 -19.19
C ILE C 50 -25.71 6.59 -18.90
N SER C 51 -26.20 7.63 -19.56
CA SER C 51 -25.89 9.04 -19.26
C SER C 51 -26.92 9.53 -18.25
N LEU C 52 -26.52 10.29 -17.25
CA LEU C 52 -27.48 11.05 -16.40
C LEU C 52 -27.93 12.31 -17.13
N GLY C 53 -27.59 12.47 -18.41
CA GLY C 53 -27.96 13.67 -19.18
C GLY C 53 -27.49 14.93 -18.47
N ASP C 54 -28.38 15.79 -18.01
CA ASP C 54 -28.01 17.05 -17.32
C ASP C 54 -28.34 17.00 -15.82
N CYS C 55 -28.25 15.84 -15.17
CA CYS C 55 -28.58 15.69 -13.72
C CYS C 55 -27.41 15.22 -12.92
N SER C 56 -27.36 15.67 -11.67
CA SER C 56 -26.47 15.10 -10.65
C SER C 56 -27.04 13.72 -10.29
N PHE C 57 -26.18 12.83 -9.82
CA PHE C 57 -26.53 11.61 -9.06
C PHE C 57 -27.76 11.95 -8.23
N ALA C 58 -27.62 12.93 -7.33
CA ALA C 58 -28.70 13.30 -6.37
C ALA C 58 -29.98 13.64 -7.14
N GLY C 59 -29.91 14.45 -8.20
CA GLY C 59 -31.09 14.85 -8.99
C GLY C 59 -31.79 13.64 -9.58
N TRP C 60 -31.02 12.71 -10.08
CA TRP C 60 -31.53 11.42 -10.59
C TRP C 60 -32.23 10.63 -9.49
N ILE C 61 -31.62 10.46 -8.32
CA ILE C 61 -32.15 9.59 -7.23
C ILE C 61 -33.42 10.23 -6.66
N LEU C 62 -33.43 11.55 -6.50
CA LEU C 62 -34.58 12.29 -5.91
C LEU C 62 -35.66 12.55 -6.96
N GLY C 63 -35.36 12.40 -8.24
CA GLY C 63 -36.30 12.69 -9.34
C GLY C 63 -36.47 14.20 -9.56
N ASN C 64 -35.39 14.97 -9.65
CA ASN C 64 -35.46 16.35 -10.18
C ASN C 64 -36.39 16.31 -11.38
N PRO C 65 -37.41 17.19 -11.45
CA PRO C 65 -38.47 17.08 -12.47
C PRO C 65 -38.02 17.37 -13.90
N MET C 66 -36.82 17.91 -14.08
CA MET C 66 -36.26 18.12 -15.43
C MET C 66 -35.37 16.96 -15.87
N CYS C 67 -35.38 15.87 -15.10
CA CYS C 67 -34.57 14.64 -15.29
C CYS C 67 -35.49 13.50 -15.72
N ASP C 68 -36.50 13.79 -16.54
CA ASP C 68 -37.49 12.78 -17.00
C ASP C 68 -36.94 11.94 -18.18
N ASP C 69 -35.98 12.45 -18.96
CA ASP C 69 -35.28 11.64 -19.99
C ASP C 69 -34.71 10.38 -19.31
N LEU C 70 -34.60 10.38 -17.97
CA LEU C 70 -33.85 9.34 -17.24
C LEU C 70 -34.78 8.21 -16.78
N ILE C 71 -36.09 8.39 -16.85
CA ILE C 71 -37.08 7.40 -16.35
C ILE C 71 -37.01 6.21 -17.30
N GLY C 72 -36.84 4.99 -16.80
CA GLY C 72 -36.74 3.84 -17.74
C GLY C 72 -35.33 3.59 -18.26
N LYS C 73 -34.33 4.38 -17.82
CA LYS C 73 -32.90 3.97 -17.77
C LYS C 73 -32.67 3.21 -16.46
N THR C 74 -32.86 1.89 -16.49
CA THR C 74 -33.02 1.01 -15.30
C THR C 74 -31.95 -0.06 -15.22
N SER C 75 -31.13 -0.25 -16.27
CA SER C 75 -29.95 -1.16 -16.22
C SER C 75 -28.80 -0.59 -17.05
N TRP C 76 -27.57 -0.98 -16.70
CA TRP C 76 -26.32 -0.36 -17.19
C TRP C 76 -25.11 -1.23 -16.86
N SER C 77 -24.07 -1.10 -17.67
CA SER C 77 -22.70 -1.57 -17.36
C SER C 77 -22.04 -0.53 -16.43
N TYR C 78 -22.29 0.75 -16.68
CA TYR C 78 -21.81 1.84 -15.79
C TYR C 78 -22.58 3.13 -16.06
N ILE C 79 -22.27 4.17 -15.31
CA ILE C 79 -23.05 5.42 -15.34
C ILE C 79 -22.10 6.56 -15.66
N VAL C 80 -22.53 7.46 -16.55
CA VAL C 80 -21.78 8.69 -16.89
C VAL C 80 -22.58 9.91 -16.41
N GLU C 81 -21.96 10.70 -15.55
CA GLU C 81 -22.44 12.00 -15.05
C GLU C 81 -21.55 13.07 -15.67
N LYS C 82 -22.09 14.25 -15.99
CA LYS C 82 -21.27 15.40 -16.43
C LYS C 82 -20.74 16.12 -15.20
N PRO C 83 -19.58 16.83 -15.30
CA PRO C 83 -18.85 17.27 -14.11
C PRO C 83 -19.61 18.38 -13.35
N ASN C 84 -20.38 19.19 -14.10
CA ASN C 84 -21.18 20.32 -13.53
C ASN C 84 -22.60 20.29 -14.06
N PRO C 85 -23.43 19.29 -13.68
CA PRO C 85 -24.78 19.13 -14.20
C PRO C 85 -25.62 20.32 -13.74
N ILE C 86 -26.64 20.67 -14.53
CA ILE C 86 -27.43 21.92 -14.39
C ILE C 86 -28.61 21.64 -13.45
N ASN C 87 -29.07 20.39 -13.37
CA ASN C 87 -30.27 19.99 -12.60
C ASN C 87 -29.81 19.12 -11.42
N GLY C 88 -29.68 19.71 -10.22
CA GLY C 88 -29.23 19.00 -9.02
C GLY C 88 -30.34 18.80 -8.01
N ILE C 89 -30.05 19.17 -6.75
CA ILE C 89 -31.08 19.32 -5.69
C ILE C 89 -31.61 20.74 -5.87
N CYS C 90 -32.53 20.91 -6.84
CA CYS C 90 -33.09 22.22 -7.33
C CYS C 90 -33.52 23.04 -6.11
N TYR C 91 -34.40 22.53 -5.23
CA TYR C 91 -34.70 23.18 -3.93
C TYR C 91 -33.47 23.00 -3.06
N PRO C 92 -32.82 24.09 -2.63
CA PRO C 92 -31.45 24.02 -2.16
C PRO C 92 -31.42 23.23 -0.85
N GLY C 93 -30.40 22.39 -0.72
CA GLY C 93 -30.28 21.42 0.38
C GLY C 93 -29.25 20.39 0.00
N THR C 94 -29.32 19.22 0.61
CA THR C 94 -28.25 18.19 0.61
C THR C 94 -28.96 16.85 0.71
N LEU C 95 -28.36 15.81 0.17
CA LEU C 95 -28.75 14.41 0.39
C LEU C 95 -27.75 13.79 1.38
N GLU C 96 -28.11 13.58 2.65
CA GLU C 96 -27.25 12.96 3.70
C GLU C 96 -26.56 11.73 3.11
N ASN C 97 -25.25 11.59 3.35
CA ASN C 97 -24.43 10.42 2.98
C ASN C 97 -24.53 10.21 1.47
N GLU C 98 -24.58 11.29 0.68
CA GLU C 98 -24.70 11.15 -0.81
C GLU C 98 -23.53 10.33 -1.33
N GLU C 99 -22.37 10.43 -0.67
CA GLU C 99 -21.13 9.76 -1.12
C GLU C 99 -21.26 8.27 -0.83
N GLU C 100 -21.78 7.89 0.32
CA GLU C 100 -21.96 6.45 0.62
C GLU C 100 -22.95 5.89 -0.40
N LEU C 101 -23.97 6.66 -0.78
CA LEU C 101 -25.01 6.15 -1.73
C LEU C 101 -24.38 6.04 -3.13
N ARG C 102 -23.43 6.91 -3.43
CA ARG C 102 -22.72 6.90 -4.71
C ARG C 102 -21.94 5.59 -4.85
N LEU C 103 -21.30 5.17 -3.77
CA LEU C 103 -20.53 3.90 -3.70
C LEU C 103 -21.47 2.72 -3.90
N LYS C 104 -22.64 2.70 -3.23
CA LYS C 104 -23.68 1.63 -3.38
C LYS C 104 -23.90 1.42 -4.88
N PHE C 105 -24.04 2.53 -5.63
CA PHE C 105 -24.51 2.56 -7.04
C PHE C 105 -23.38 2.19 -8.00
N SER C 106 -22.12 2.30 -7.56
CA SER C 106 -20.93 1.63 -8.17
C SER C 106 -21.13 0.11 -8.18
N GLY C 107 -21.90 -0.43 -7.23
CA GLY C 107 -22.13 -1.88 -7.06
C GLY C 107 -23.49 -2.31 -7.59
N VAL C 108 -24.35 -1.35 -7.95
CA VAL C 108 -25.70 -1.63 -8.52
C VAL C 108 -25.59 -1.58 -10.04
N LEU C 109 -26.19 -2.55 -10.73
CA LEU C 109 -26.25 -2.60 -12.22
C LEU C 109 -27.69 -2.50 -12.73
N GLU C 110 -28.69 -2.77 -11.89
CA GLU C 110 -30.10 -2.64 -12.33
C GLU C 110 -31.00 -2.38 -11.12
N PHE C 111 -31.85 -1.38 -11.23
CA PHE C 111 -32.93 -1.10 -10.26
C PHE C 111 -34.27 -1.07 -11.01
N ASN C 112 -35.31 -1.02 -10.21
CA ASN C 112 -36.71 -1.02 -10.67
C ASN C 112 -37.40 -0.03 -9.75
N LYS C 113 -37.87 1.08 -10.29
CA LYS C 113 -38.55 2.16 -9.53
C LYS C 113 -40.02 1.81 -9.34
N PHE C 114 -40.56 1.87 -8.12
CA PHE C 114 -42.00 1.59 -7.85
C PHE C 114 -42.56 2.57 -6.82
N GLU C 115 -43.89 2.67 -6.77
CA GLU C 115 -44.66 3.51 -5.82
C GLU C 115 -44.84 2.74 -4.51
N ALA C 116 -44.16 3.19 -3.46
CA ALA C 116 -44.11 2.58 -2.12
C ALA C 116 -45.22 3.18 -1.26
N PHE C 117 -45.55 4.43 -1.54
CA PHE C 117 -46.65 5.20 -0.91
C PHE C 117 -47.36 6.06 -1.94
N THR C 118 -48.65 5.81 -2.15
CA THR C 118 -49.50 6.64 -3.05
C THR C 118 -49.40 8.10 -2.57
N SER C 119 -49.21 9.04 -3.49
CA SER C 119 -49.20 10.50 -3.22
C SER C 119 -50.46 10.94 -2.45
N ASN C 120 -51.58 10.25 -2.68
CA ASN C 120 -52.97 10.62 -2.29
C ASN C 120 -53.34 10.02 -0.93
N GLY C 121 -52.56 9.08 -0.41
CA GLY C 121 -53.01 8.15 0.64
C GLY C 121 -52.50 8.55 2.01
N TRP C 122 -52.12 9.81 2.23
CA TRP C 122 -51.44 10.26 3.47
C TRP C 122 -52.44 10.79 4.51
N GLY C 123 -53.72 10.96 4.14
CA GLY C 123 -54.78 11.38 5.09
C GLY C 123 -55.26 12.79 4.82
N SER C 124 -55.84 13.47 5.80
CA SER C 124 -56.31 14.87 5.66
C SER C 124 -55.13 15.83 5.55
N VAL C 125 -54.62 15.99 4.34
CA VAL C 125 -53.37 16.72 4.07
C VAL C 125 -53.33 16.95 2.57
N ASN C 126 -52.78 18.06 2.09
CA ASN C 126 -52.85 18.44 0.66
C ASN C 126 -51.66 17.84 -0.09
N SER C 127 -51.87 16.80 -0.91
CA SER C 127 -50.81 16.17 -1.74
C SER C 127 -50.56 17.01 -3.00
N GLY C 128 -51.35 18.05 -3.19
CA GLY C 128 -51.76 18.66 -4.47
C GLY C 128 -51.03 19.96 -4.78
N ALA C 129 -51.01 20.93 -3.88
CA ALA C 129 -49.94 21.98 -3.89
C ALA C 129 -48.77 21.34 -3.18
N GLY C 130 -47.56 21.83 -3.43
CA GLY C 130 -46.33 21.09 -3.08
C GLY C 130 -45.32 21.19 -4.20
N VAL C 131 -45.27 22.40 -4.77
CA VAL C 131 -44.58 22.79 -6.02
C VAL C 131 -43.91 24.12 -5.75
N THR C 132 -42.83 24.48 -6.46
CA THR C 132 -42.04 25.71 -6.20
C THR C 132 -41.23 26.11 -7.44
N ALA C 133 -40.98 27.41 -7.59
CA ALA C 133 -40.19 28.02 -8.67
C ALA C 133 -38.77 27.46 -8.70
N ALA C 134 -38.25 26.94 -7.59
CA ALA C 134 -36.90 26.33 -7.55
C ALA C 134 -36.82 25.11 -8.47
N CYS C 135 -37.88 24.32 -8.50
CA CYS C 135 -37.93 22.96 -9.10
C CYS C 135 -38.89 22.95 -10.29
N LYS C 136 -38.56 23.69 -11.35
CA LYS C 136 -39.46 23.89 -12.51
C LYS C 136 -39.47 22.57 -13.29
N PHE C 137 -40.59 22.27 -13.94
CA PHE C 137 -40.76 21.14 -14.90
C PHE C 137 -40.47 21.70 -16.29
N GLY C 138 -41.41 22.42 -16.87
CA GLY C 138 -41.04 23.17 -18.07
C GLY C 138 -40.67 24.56 -17.64
N SER C 139 -41.59 25.46 -17.92
CA SER C 139 -41.68 26.84 -17.41
C SER C 139 -42.62 26.82 -16.20
N SER C 140 -43.06 25.63 -15.77
CA SER C 140 -44.12 25.53 -14.73
C SER C 140 -43.56 24.85 -13.47
N ASN C 141 -44.02 25.36 -12.33
CA ASN C 141 -43.56 25.08 -10.96
C ASN C 141 -43.84 23.62 -10.64
N SER C 142 -42.84 22.89 -10.18
CA SER C 142 -42.93 21.45 -9.91
C SER C 142 -42.17 21.12 -8.62
N PHE C 143 -41.76 19.85 -8.51
CA PHE C 143 -41.01 19.34 -7.34
C PHE C 143 -40.45 17.96 -7.67
N PHE C 144 -39.46 17.53 -6.89
CA PHE C 144 -38.88 16.18 -7.02
C PHE C 144 -40.02 15.16 -7.11
N ARG C 145 -39.97 14.29 -8.11
CA ARG C 145 -41.03 13.32 -8.46
C ARG C 145 -41.10 12.13 -7.51
N ASN C 146 -39.97 11.80 -6.85
CA ASN C 146 -39.82 10.60 -5.98
C ASN C 146 -40.31 10.90 -4.56
N MET C 147 -40.62 12.16 -4.25
CA MET C 147 -41.20 12.51 -2.95
C MET C 147 -42.35 13.49 -3.16
N VAL C 148 -43.23 13.61 -2.17
CA VAL C 148 -44.33 14.59 -2.27
C VAL C 148 -44.31 15.48 -1.02
N TRP C 149 -44.41 16.77 -1.26
CA TRP C 149 -44.35 17.86 -0.29
C TRP C 149 -45.75 18.10 0.25
N LEU C 150 -46.08 17.45 1.37
CA LEU C 150 -47.42 17.52 1.97
C LEU C 150 -47.56 18.85 2.71
N ILE C 151 -48.73 19.48 2.63
CA ILE C 151 -49.13 20.68 3.42
C ILE C 151 -50.52 20.47 4.05
N HIS C 152 -50.96 21.39 4.89
CA HIS C 152 -52.31 21.38 5.53
C HIS C 152 -53.39 21.14 4.48
N GLN C 153 -54.49 20.50 4.90
CA GLN C 153 -55.82 20.55 4.23
C GLN C 153 -56.70 21.38 5.15
N SER C 154 -57.40 22.37 4.59
CA SER C 154 -58.45 23.18 5.27
C SER C 154 -57.95 23.61 6.66
N GLY C 155 -56.71 24.11 6.72
CA GLY C 155 -56.20 24.84 7.89
C GLY C 155 -55.70 23.93 9.01
N THR C 156 -55.44 22.65 8.73
CA THR C 156 -54.92 21.66 9.72
C THR C 156 -54.03 20.63 9.03
N TYR C 157 -52.89 20.32 9.65
CA TYR C 157 -51.98 19.21 9.23
C TYR C 157 -51.96 18.16 10.34
N PRO C 158 -52.72 17.06 10.19
CA PRO C 158 -52.86 16.11 11.29
C PRO C 158 -51.54 15.31 11.41
N VAL C 159 -51.47 14.44 12.42
CA VAL C 159 -50.39 13.43 12.54
C VAL C 159 -50.62 12.34 11.51
N ILE C 160 -49.76 12.25 10.49
CA ILE C 160 -49.90 11.27 9.40
C ILE C 160 -48.89 10.15 9.67
N ARG C 161 -49.22 8.94 9.31
CA ARG C 161 -48.38 7.76 9.59
C ARG C 161 -48.72 6.68 8.57
N ARG C 162 -47.73 6.17 7.83
CA ARG C 162 -47.90 5.02 6.92
C ARG C 162 -46.68 4.13 7.07
N THR C 163 -46.84 2.86 6.74
CA THR C 163 -45.75 1.86 6.76
C THR C 163 -45.60 1.24 5.37
N PHE C 164 -44.34 1.00 4.96
CA PHE C 164 -43.97 0.17 3.80
C PHE C 164 -43.42 -1.17 4.27
N ASN C 165 -44.12 -2.25 3.92
CA ASN C 165 -43.78 -3.67 4.17
C ASN C 165 -42.98 -4.12 2.92
N ASN C 166 -41.67 -4.29 3.02
CA ASN C 166 -40.80 -4.67 1.87
C ASN C 166 -40.99 -6.17 1.57
N THR C 167 -41.84 -6.49 0.60
CA THR C 167 -42.23 -7.88 0.22
C THR C 167 -41.59 -8.26 -1.12
N LYS C 168 -40.58 -7.50 -1.55
CA LYS C 168 -39.93 -7.61 -2.88
C LYS C 168 -38.87 -8.71 -2.88
N GLY C 169 -38.56 -9.31 -1.73
CA GLY C 169 -37.38 -10.17 -1.56
C GLY C 169 -36.07 -9.52 -2.00
N ARG C 170 -35.95 -8.18 -2.03
CA ARG C 170 -34.66 -7.50 -2.32
C ARG C 170 -34.60 -6.12 -1.67
N ASP C 171 -33.36 -5.61 -1.51
CA ASP C 171 -33.05 -4.29 -0.93
C ASP C 171 -33.89 -3.25 -1.68
N VAL C 172 -34.66 -2.43 -0.97
CA VAL C 172 -35.36 -1.23 -1.53
C VAL C 172 -34.69 0.03 -1.01
N LEU C 173 -34.29 0.92 -1.91
CA LEU C 173 -33.68 2.23 -1.59
C LEU C 173 -34.83 3.20 -1.39
N MET C 174 -34.99 3.76 -0.20
CA MET C 174 -36.08 4.72 0.01
C MET C 174 -35.55 6.11 0.30
N VAL C 175 -36.19 7.12 -0.26
CA VAL C 175 -35.77 8.52 -0.01
C VAL C 175 -36.99 9.30 0.46
N TRP C 176 -36.70 10.32 1.25
CA TRP C 176 -37.63 11.30 1.86
C TRP C 176 -36.81 12.52 2.25
N GLY C 177 -37.47 13.55 2.77
CA GLY C 177 -36.77 14.76 3.24
C GLY C 177 -37.46 15.45 4.37
N VAL C 178 -36.80 16.46 4.91
CA VAL C 178 -37.33 17.39 5.93
C VAL C 178 -37.21 18.80 5.39
N HIS C 179 -38.25 19.58 5.52
CA HIS C 179 -38.27 20.98 5.08
C HIS C 179 -37.74 21.82 6.21
N HIS C 180 -36.79 22.71 5.91
CA HIS C 180 -36.23 23.71 6.83
C HIS C 180 -36.73 25.09 6.41
N PRO C 181 -37.97 25.50 6.75
CA PRO C 181 -38.50 26.78 6.29
C PRO C 181 -37.63 27.98 6.68
N ALA C 182 -37.78 29.12 6.03
CA ALA C 182 -36.97 30.33 6.31
C ALA C 182 -37.55 31.08 7.51
N THR C 183 -38.87 31.04 7.72
CA THR C 183 -39.53 31.81 8.81
C THR C 183 -40.60 30.94 9.47
N LEU C 184 -40.92 31.26 10.72
CA LEU C 184 -42.04 30.65 11.44
C LEU C 184 -43.30 30.74 10.58
N LYS C 185 -43.54 31.88 9.92
CA LYS C 185 -44.76 32.10 9.12
C LYS C 185 -44.85 31.05 8.01
N GLU C 186 -43.77 30.83 7.24
CA GLU C 186 -43.75 29.85 6.12
C GLU C 186 -44.13 28.50 6.75
N HIS C 187 -43.72 28.25 7.99
CA HIS C 187 -44.00 26.98 8.71
C HIS C 187 -45.50 26.91 9.01
N GLN C 188 -46.02 27.92 9.71
CA GLN C 188 -47.46 28.15 9.95
C GLN C 188 -48.31 28.05 8.67
N ASP C 189 -47.97 28.73 7.58
CA ASP C 189 -48.83 28.76 6.36
C ASP C 189 -48.92 27.37 5.73
N LEU C 190 -47.87 26.56 5.86
CA LEU C 190 -47.75 25.23 5.21
C LEU C 190 -48.19 24.11 6.17
N TYR C 191 -47.86 24.20 7.45
CA TYR C 191 -48.06 23.07 8.41
C TYR C 191 -48.95 23.50 9.58
N LYS C 192 -49.67 24.62 9.44
CA LYS C 192 -50.71 25.13 10.39
C LYS C 192 -50.36 24.62 11.81
N LYS C 193 -49.16 24.98 12.26
CA LYS C 193 -48.64 24.82 13.65
C LYS C 193 -47.22 25.38 13.66
N ASP C 194 -46.58 25.53 14.84
CA ASP C 194 -45.32 26.31 15.01
C ASP C 194 -44.02 25.49 14.81
N ASN C 195 -44.13 24.17 14.94
CA ASN C 195 -42.97 23.27 15.06
C ASN C 195 -43.46 21.84 14.82
N SER C 196 -42.78 21.12 13.94
CA SER C 196 -43.20 19.79 13.46
C SER C 196 -42.09 18.77 13.71
N TYR C 197 -42.39 17.50 13.43
CA TYR C 197 -41.38 16.40 13.47
C TYR C 197 -41.59 15.47 12.26
N VAL C 198 -40.52 14.78 11.87
CA VAL C 198 -40.60 13.59 10.99
C VAL C 198 -39.93 12.43 11.72
N ALA C 199 -40.66 11.34 11.93
CA ALA C 199 -40.21 10.14 12.68
C ALA C 199 -40.27 8.94 11.75
N VAL C 200 -39.12 8.35 11.53
CA VAL C 200 -38.91 7.23 10.59
C VAL C 200 -38.32 6.08 11.38
N GLY C 201 -38.92 4.89 11.27
CA GLY C 201 -38.59 3.73 12.10
C GLY C 201 -38.87 2.43 11.36
N SER C 202 -37.92 1.51 11.42
CA SER C 202 -38.00 0.12 10.89
C SER C 202 -37.49 -0.83 11.97
N GLU C 203 -37.28 -2.11 11.67
CA GLU C 203 -36.73 -3.05 12.67
C GLU C 203 -35.29 -2.67 12.96
N SER C 204 -34.63 -1.91 12.06
CA SER C 204 -33.20 -1.55 12.19
C SER C 204 -32.97 -0.03 12.19
N TYR C 205 -33.87 0.78 11.60
CA TYR C 205 -33.72 2.26 11.49
C TYR C 205 -34.53 2.90 12.60
N ASN C 206 -34.14 4.10 13.02
CA ASN C 206 -34.80 4.89 14.08
C ASN C 206 -34.27 6.33 14.07
N ARG C 207 -35.03 7.30 13.56
CA ARG C 207 -34.64 8.74 13.59
C ARG C 207 -35.87 9.64 13.73
N ARG C 208 -35.80 10.67 14.59
CA ARG C 208 -36.70 11.85 14.62
C ARG C 208 -35.89 12.94 13.89
N PHE C 209 -36.52 13.76 13.07
CA PHE C 209 -35.97 14.99 12.46
C PHE C 209 -36.89 16.17 12.74
N THR C 210 -36.34 17.37 12.81
CA THR C 210 -37.15 18.58 13.07
C THR C 210 -36.73 19.64 12.08
N PRO C 211 -37.66 20.49 11.64
CA PRO C 211 -37.31 21.66 10.88
C PRO C 211 -36.36 22.50 11.73
N GLU C 212 -35.47 23.22 11.06
CA GLU C 212 -34.63 24.27 11.63
C GLU C 212 -34.96 25.56 10.91
N ILE C 213 -35.70 26.44 11.56
CA ILE C 213 -36.27 27.63 10.90
C ILE C 213 -35.23 28.72 11.03
N SER C 214 -34.75 29.30 9.90
CA SER C 214 -33.75 30.40 9.84
C SER C 214 -33.60 30.94 8.41
N THR C 215 -33.31 32.23 8.24
CA THR C 215 -33.15 32.79 6.87
C THR C 215 -31.71 32.51 6.45
N ARG C 216 -31.55 31.64 5.45
CA ARG C 216 -30.28 31.46 4.67
C ARG C 216 -30.28 32.35 3.44
N PRO C 217 -29.09 32.70 2.89
CA PRO C 217 -29.02 33.36 1.59
C PRO C 217 -29.80 32.56 0.53
N LYS C 218 -30.43 33.25 -0.41
CA LYS C 218 -31.33 32.59 -1.41
C LYS C 218 -30.50 31.76 -2.40
N VAL C 219 -31.03 30.59 -2.76
CA VAL C 219 -30.53 29.74 -3.88
C VAL C 219 -31.76 29.26 -4.64
N ASN C 220 -31.81 29.50 -5.95
CA ASN C 220 -33.01 29.25 -6.80
C ASN C 220 -34.20 30.01 -6.17
N GLY C 221 -33.89 31.17 -5.61
CA GLY C 221 -34.90 32.07 -5.03
C GLY C 221 -35.41 31.62 -3.68
N GLN C 222 -34.77 30.64 -3.03
CA GLN C 222 -35.30 30.07 -1.76
C GLN C 222 -34.35 30.37 -0.59
N ALA C 223 -34.86 30.99 0.45
CA ALA C 223 -34.18 31.18 1.75
C ALA C 223 -34.30 29.93 2.65
N GLY C 224 -35.22 29.04 2.35
CA GLY C 224 -35.41 27.79 3.10
C GLY C 224 -34.45 26.74 2.57
N ARG C 225 -34.31 25.64 3.29
CA ARG C 225 -33.50 24.50 2.81
C ARG C 225 -34.36 23.23 2.94
N MET C 226 -33.89 22.15 2.36
CA MET C 226 -34.41 20.80 2.64
C MET C 226 -33.20 19.88 2.80
N THR C 227 -33.26 18.96 3.74
CA THR C 227 -32.25 17.90 3.91
C THR C 227 -32.92 16.59 3.50
N PHE C 228 -32.36 15.87 2.52
CA PHE C 228 -32.96 14.64 1.96
C PHE C 228 -32.17 13.48 2.53
N TYR C 229 -32.85 12.44 2.97
CA TYR C 229 -32.25 11.28 3.66
C TYR C 229 -32.51 10.09 2.77
N TRP C 230 -31.71 9.05 2.89
CA TRP C 230 -31.99 7.74 2.25
C TRP C 230 -31.68 6.64 3.25
N THR C 231 -32.29 5.48 3.09
CA THR C 231 -31.92 4.23 3.79
C THR C 231 -32.30 3.06 2.91
N ILE C 232 -31.71 1.92 3.19
CA ILE C 232 -32.00 0.62 2.53
C ILE C 232 -33.00 -0.12 3.43
N VAL C 233 -34.18 -0.40 2.92
CA VAL C 233 -35.12 -1.29 3.62
C VAL C 233 -34.79 -2.72 3.16
N LYS C 234 -34.29 -3.55 4.07
CA LYS C 234 -33.88 -4.94 3.73
C LYS C 234 -35.15 -5.77 3.59
N PRO C 235 -35.10 -6.89 2.84
CA PRO C 235 -36.29 -7.72 2.64
C PRO C 235 -36.89 -8.21 3.96
N GLU C 236 -38.22 -8.05 4.08
CA GLU C 236 -39.05 -8.42 5.25
C GLU C 236 -39.00 -7.34 6.36
N GLU C 237 -38.26 -6.25 6.18
CA GLU C 237 -38.33 -5.06 7.08
C GLU C 237 -39.57 -4.24 6.71
N ALA C 238 -40.27 -3.71 7.72
CA ALA C 238 -41.36 -2.71 7.60
C ALA C 238 -40.75 -1.37 8.00
N ILE C 239 -41.09 -0.26 7.36
CA ILE C 239 -40.55 1.07 7.74
C ILE C 239 -41.71 2.04 7.85
N THR C 240 -41.88 2.67 9.03
CA THR C 240 -43.01 3.58 9.34
C THR C 240 -42.53 5.02 9.28
N PHE C 241 -43.22 5.87 8.52
CA PHE C 241 -43.10 7.34 8.55
C PHE C 241 -44.28 7.92 9.32
N GLU C 242 -43.97 8.67 10.38
CA GLU C 242 -44.91 9.50 11.16
C GLU C 242 -44.43 10.93 10.98
N SER C 243 -45.36 11.87 10.86
CA SER C 243 -45.02 13.29 10.76
C SER C 243 -46.27 14.12 11.01
N ASN C 244 -46.06 15.36 11.45
CA ASN C 244 -47.10 16.41 11.57
C ASN C 244 -46.59 17.68 10.88
N GLY C 245 -45.58 17.57 9.99
CA GLY C 245 -45.16 18.69 9.14
C GLY C 245 -43.76 18.58 8.60
N ALA C 246 -43.37 19.57 7.80
CA ALA C 246 -41.99 19.74 7.27
C ALA C 246 -41.52 18.46 6.62
N PHE C 247 -42.45 17.70 6.06
CA PHE C 247 -42.19 16.31 5.62
C PHE C 247 -42.23 16.28 4.10
N LEU C 248 -41.10 15.94 3.46
CA LEU C 248 -41.07 15.57 2.03
C LEU C 248 -41.24 14.04 1.99
N ALA C 249 -42.46 13.58 1.80
CA ALA C 249 -42.92 12.20 2.08
C ALA C 249 -42.44 11.32 0.95
N PRO C 250 -42.03 10.08 1.24
CA PRO C 250 -41.57 9.18 0.20
C PRO C 250 -42.77 8.87 -0.70
N ARG C 251 -42.49 8.72 -2.00
CA ARG C 251 -43.44 8.21 -3.01
C ARG C 251 -42.80 7.04 -3.75
N TYR C 252 -41.79 7.33 -4.56
CA TYR C 252 -41.12 6.29 -5.37
C TYR C 252 -39.86 5.88 -4.63
N ALA C 253 -39.61 4.57 -4.68
CA ALA C 253 -38.42 3.88 -4.15
C ALA C 253 -37.79 3.03 -5.25
N PHE C 254 -36.60 2.48 -4.98
CA PHE C 254 -35.82 1.71 -5.98
C PHE C 254 -35.50 0.33 -5.43
N GLU C 255 -36.03 -0.70 -6.07
CA GLU C 255 -35.69 -2.11 -5.80
C GLU C 255 -34.31 -2.38 -6.40
N LEU C 256 -33.31 -2.73 -5.59
CA LEU C 256 -31.92 -2.96 -6.07
C LEU C 256 -31.87 -4.39 -6.61
N VAL C 257 -31.97 -4.54 -7.94
CA VAL C 257 -32.29 -5.81 -8.66
C VAL C 257 -31.01 -6.62 -8.93
N SER C 258 -30.03 -6.04 -9.61
CA SER C 258 -28.73 -6.70 -9.94
C SER C 258 -27.60 -5.93 -9.28
N LEU C 259 -26.75 -6.65 -8.57
CA LEU C 259 -25.46 -6.11 -8.07
C LEU C 259 -24.34 -6.64 -8.99
N GLY C 260 -23.15 -6.05 -8.94
CA GLY C 260 -22.03 -6.36 -9.85
C GLY C 260 -21.04 -5.21 -9.91
N ASN C 261 -19.94 -5.36 -10.64
CA ASN C 261 -18.87 -4.31 -10.66
C ASN C 261 -19.28 -3.24 -11.68
N GLY C 262 -19.70 -2.08 -11.19
CA GLY C 262 -20.09 -0.94 -12.02
C GLY C 262 -19.10 0.19 -11.81
N LYS C 263 -19.39 1.36 -12.38
CA LYS C 263 -18.70 2.63 -12.08
C LYS C 263 -19.65 3.79 -12.31
N LEU C 264 -19.26 4.96 -11.79
CA LEU C 264 -19.78 6.28 -12.17
C LEU C 264 -18.58 7.10 -12.64
N PHE C 265 -18.49 7.35 -13.92
CA PHE C 265 -17.50 8.30 -14.48
C PHE C 265 -18.10 9.70 -14.35
N ARG C 266 -17.31 10.70 -13.97
CA ARG C 266 -17.61 12.13 -14.22
C ARG C 266 -16.85 12.55 -15.49
N SER C 267 -17.54 12.75 -16.63
CA SER C 267 -16.92 13.31 -17.86
C SER C 267 -17.95 13.88 -18.86
N ASP C 268 -17.48 14.79 -19.71
CA ASP C 268 -18.28 15.43 -20.79
C ASP C 268 -18.35 14.54 -22.02
N LEU C 269 -17.64 13.41 -22.06
CA LEU C 269 -17.55 12.55 -23.28
C LEU C 269 -18.91 11.90 -23.56
N ASN C 270 -19.09 11.47 -24.79
CA ASN C 270 -20.40 11.01 -25.33
C ASN C 270 -20.45 9.49 -25.28
N ILE C 271 -21.61 8.93 -24.99
CA ILE C 271 -21.86 7.47 -25.07
C ILE C 271 -22.10 7.21 -26.56
N GLU C 272 -21.33 6.33 -27.19
CA GLU C 272 -21.52 5.90 -28.60
C GLU C 272 -22.01 4.45 -28.57
N SER C 273 -22.46 3.92 -29.72
CA SER C 273 -22.85 2.49 -29.88
C SER C 273 -21.69 1.71 -30.54
N CYS C 274 -20.78 1.23 -29.70
CA CYS C 274 -19.57 0.41 -29.97
C CYS C 274 -19.40 -0.52 -28.76
N SER C 275 -18.53 -1.53 -28.83
CA SER C 275 -18.13 -2.37 -27.67
C SER C 275 -16.65 -2.11 -27.39
N THR C 276 -16.21 -2.45 -26.20
CA THR C 276 -14.80 -2.39 -25.77
C THR C 276 -14.62 -3.46 -24.71
N LYS C 277 -13.47 -4.11 -24.69
CA LYS C 277 -13.04 -5.01 -23.60
C LYS C 277 -12.79 -4.14 -22.36
N CYS C 278 -12.46 -2.86 -22.57
CA CYS C 278 -11.88 -1.95 -21.55
C CYS C 278 -12.26 -0.49 -21.81
N GLN C 279 -12.78 0.19 -20.78
CA GLN C 279 -13.29 1.59 -20.81
C GLN C 279 -12.66 2.40 -19.68
N SER C 280 -12.02 3.51 -20.00
CA SER C 280 -11.38 4.42 -19.02
C SER C 280 -12.18 5.73 -18.99
N GLU C 281 -11.97 6.53 -17.95
CA GLU C 281 -12.64 7.84 -17.72
C GLU C 281 -12.51 8.77 -18.95
N ILE C 282 -11.48 8.62 -19.77
CA ILE C 282 -11.18 9.58 -20.88
C ILE C 282 -11.34 8.88 -22.24
N GLY C 283 -11.70 7.60 -22.25
CA GLY C 283 -11.91 6.89 -23.51
C GLY C 283 -11.69 5.39 -23.37
N TRP C 284 -12.04 4.66 -24.42
CA TRP C 284 -11.90 3.19 -24.48
C TRP C 284 -10.54 2.80 -25.08
N ILE C 285 -10.07 1.64 -24.63
CA ILE C 285 -8.72 1.07 -24.91
C ILE C 285 -8.95 -0.25 -25.60
N ASN C 286 -8.39 -0.46 -26.78
CA ASN C 286 -8.53 -1.73 -27.54
C ASN C 286 -7.12 -2.29 -27.78
N THR C 287 -6.66 -3.20 -26.95
CA THR C 287 -5.24 -3.62 -26.97
C THR C 287 -5.14 -5.10 -26.59
N ASN C 288 -4.14 -5.78 -27.14
CA ASN C 288 -3.71 -7.16 -26.80
C ASN C 288 -2.64 -7.08 -25.69
N ARG C 289 -2.10 -5.89 -25.38
CA ARG C 289 -1.04 -5.68 -24.35
C ARG C 289 -1.63 -5.72 -22.95
N SER C 290 -0.78 -5.93 -21.95
CA SER C 290 -1.13 -6.27 -20.55
C SER C 290 -0.76 -5.13 -19.61
N PHE C 291 -0.18 -4.04 -20.12
CA PHE C 291 0.03 -2.78 -19.36
C PHE C 291 -0.55 -1.67 -20.22
N HIS C 292 -1.04 -0.62 -19.60
CA HIS C 292 -1.44 0.64 -20.27
C HIS C 292 -1.18 1.82 -19.34
N SER C 293 -1.18 3.02 -19.91
CA SER C 293 -0.95 4.29 -19.18
C SER C 293 -1.90 5.36 -19.75
N VAL C 294 -3.13 4.95 -20.10
CA VAL C 294 -4.19 5.87 -20.61
C VAL C 294 -4.75 6.68 -19.44
N HIS C 295 -5.31 5.99 -18.45
CA HIS C 295 -5.94 6.58 -17.22
C HIS C 295 -6.23 5.47 -16.21
N ARG C 296 -6.03 5.72 -14.91
CA ARG C 296 -6.13 4.65 -13.88
C ARG C 296 -7.57 4.21 -13.67
N ASN C 297 -8.52 5.10 -13.94
CA ASN C 297 -9.94 4.90 -13.64
C ASN C 297 -10.57 4.15 -14.81
N THR C 298 -10.74 2.85 -14.64
CA THR C 298 -10.90 1.84 -15.73
C THR C 298 -12.04 0.90 -15.33
N ILE C 299 -12.81 0.38 -16.30
CA ILE C 299 -13.78 -0.72 -16.05
C ILE C 299 -13.77 -1.68 -17.24
N GLY C 300 -13.99 -2.97 -16.96
CA GLY C 300 -13.92 -4.08 -17.93
C GLY C 300 -12.71 -4.95 -17.68
N ASP C 301 -12.38 -5.81 -18.64
CA ASP C 301 -11.16 -6.65 -18.59
C ASP C 301 -9.97 -5.82 -19.10
N CYS C 302 -9.15 -5.26 -18.20
CA CYS C 302 -8.23 -4.16 -18.53
C CYS C 302 -6.77 -4.54 -18.27
N PRO C 303 -5.85 -3.95 -19.02
CA PRO C 303 -4.45 -4.01 -18.67
C PRO C 303 -4.21 -3.27 -17.34
N LYS C 304 -3.16 -3.66 -16.60
CA LYS C 304 -2.64 -2.97 -15.39
C LYS C 304 -2.22 -1.56 -15.81
N TYR C 305 -2.79 -0.54 -15.19
CA TYR C 305 -2.31 0.85 -15.34
C TYR C 305 -0.93 0.96 -14.71
N VAL C 306 -0.03 1.75 -15.32
CA VAL C 306 1.29 2.14 -14.74
C VAL C 306 1.55 3.60 -15.09
N ASN C 307 2.30 4.28 -14.21
CA ASN C 307 2.87 5.63 -14.39
C ASN C 307 3.69 5.77 -15.65
N VAL C 308 4.51 4.76 -15.94
CA VAL C 308 5.54 4.79 -17.02
C VAL C 308 4.81 4.74 -18.37
N LYS C 309 5.17 5.63 -19.30
CA LYS C 309 4.56 5.70 -20.66
C LYS C 309 5.14 4.61 -21.57
N SER C 310 6.36 4.12 -21.31
CA SER C 310 6.98 3.08 -22.16
C SER C 310 7.81 2.09 -21.34
N LEU C 311 7.57 0.80 -21.59
CA LEU C 311 8.49 -0.30 -21.19
C LEU C 311 8.90 -1.08 -22.44
N LYS C 312 10.11 -0.78 -22.94
CA LYS C 312 10.76 -1.47 -24.07
C LYS C 312 11.49 -2.69 -23.50
N LEU C 313 10.92 -3.88 -23.75
CA LEU C 313 11.46 -5.19 -23.28
C LEU C 313 12.19 -5.88 -24.43
N ALA C 314 13.49 -6.16 -24.24
CA ALA C 314 14.35 -6.82 -25.22
C ALA C 314 13.86 -8.27 -25.40
N THR C 315 13.73 -8.68 -26.67
CA THR C 315 13.60 -10.09 -27.12
C THR C 315 14.90 -10.55 -27.83
N GLY C 316 15.51 -9.71 -28.69
CA GLY C 316 16.54 -10.12 -29.67
C GLY C 316 17.94 -9.98 -29.12
N LEU C 317 18.96 -9.87 -29.98
CA LEU C 317 20.39 -9.84 -29.58
C LEU C 317 20.89 -8.40 -29.62
N ARG C 318 22.18 -8.18 -29.32
CA ARG C 318 22.67 -6.80 -29.19
C ARG C 318 22.75 -6.09 -30.55
N ASN C 319 23.03 -6.77 -31.68
CA ASN C 319 22.96 -6.12 -33.04
C ASN C 319 24.17 -5.20 -33.24
N VAL C 320 25.22 -5.73 -33.88
CA VAL C 320 26.50 -4.99 -34.17
C VAL C 320 27.15 -5.54 -35.45
N PRO C 321 27.22 -4.76 -36.56
CA PRO C 321 27.91 -5.22 -37.77
C PRO C 321 29.45 -5.22 -37.64
N ALA D 7 34.70 -14.93 -41.78
CA ALA D 7 33.91 -13.96 -40.89
C ALA D 7 33.11 -14.66 -39.75
N GLY D 8 33.64 -14.76 -38.51
CA GLY D 8 32.98 -15.42 -37.36
C GLY D 8 32.18 -14.46 -36.46
N PHE D 9 31.80 -14.90 -35.24
CA PHE D 9 30.89 -14.17 -34.28
C PHE D 9 31.61 -13.12 -33.42
N ILE D 10 32.93 -13.23 -33.26
CA ILE D 10 33.77 -12.26 -32.49
C ILE D 10 33.79 -10.92 -33.23
N GLU D 11 33.75 -10.93 -34.58
CA GLU D 11 33.86 -9.73 -35.46
C GLU D 11 32.44 -9.21 -35.72
N GLY D 12 31.40 -9.82 -35.14
CA GLY D 12 30.02 -9.32 -35.21
C GLY D 12 29.01 -10.27 -35.86
N GLY D 13 27.79 -9.77 -35.97
CA GLY D 13 26.62 -10.51 -36.45
C GLY D 13 26.57 -10.48 -37.96
N TRP D 14 25.63 -11.22 -38.54
CA TRP D 14 25.52 -11.45 -40.00
C TRP D 14 24.17 -10.96 -40.52
N PRO D 15 24.09 -9.82 -41.24
CA PRO D 15 22.91 -9.55 -42.06
C PRO D 15 23.01 -10.68 -43.08
N GLY D 16 21.98 -11.48 -43.26
CA GLY D 16 22.10 -12.65 -44.15
C GLY D 16 21.88 -13.97 -43.41
N LEU D 17 21.95 -14.00 -42.08
CA LEU D 17 21.32 -15.10 -41.29
C LEU D 17 19.79 -14.95 -41.42
N ILE D 18 19.14 -15.81 -42.22
CA ILE D 18 17.73 -15.65 -42.67
C ILE D 18 16.81 -16.13 -41.54
N ASN D 19 16.79 -17.43 -41.23
CA ASN D 19 15.64 -18.09 -40.56
C ASN D 19 15.97 -18.46 -39.09
N GLY D 20 16.69 -17.59 -38.37
CA GLY D 20 17.21 -17.92 -37.03
C GLY D 20 18.04 -16.82 -36.41
N TRP D 21 18.42 -17.01 -35.15
CA TRP D 21 19.21 -16.06 -34.33
C TRP D 21 20.69 -16.46 -34.31
N TYR D 22 20.96 -17.76 -34.34
CA TYR D 22 22.34 -18.30 -34.35
C TYR D 22 22.45 -19.34 -35.46
N GLY D 23 23.64 -19.41 -36.06
CA GLY D 23 23.94 -20.40 -37.11
C GLY D 23 25.42 -20.45 -37.45
N PHE D 24 25.68 -20.98 -38.65
CA PHE D 24 27.03 -21.26 -39.16
C PHE D 24 27.17 -20.64 -40.56
N GLN D 25 28.33 -20.01 -40.81
CA GLN D 25 28.87 -19.64 -42.15
C GLN D 25 30.00 -20.61 -42.49
N HIS D 26 29.96 -21.26 -43.67
CA HIS D 26 31.05 -22.17 -44.14
C HIS D 26 31.60 -21.68 -45.48
N ARG D 27 32.87 -22.01 -45.72
CA ARG D 27 33.49 -21.94 -47.08
C ARG D 27 34.23 -23.26 -47.34
N ASN D 28 33.79 -23.98 -48.37
CA ASN D 28 34.41 -25.25 -48.82
C ASN D 28 34.73 -25.08 -50.30
N GLU D 29 34.93 -26.20 -50.99
CA GLU D 29 35.29 -26.21 -52.42
C GLU D 29 34.01 -25.96 -53.24
N GLU D 30 32.85 -26.47 -52.83
CA GLU D 30 31.56 -26.31 -53.58
C GLU D 30 31.01 -24.89 -53.45
N GLY D 31 31.60 -24.04 -52.60
CA GLY D 31 31.22 -22.62 -52.47
C GLY D 31 31.03 -22.21 -51.02
N THR D 32 30.14 -21.24 -50.79
CA THR D 32 29.91 -20.57 -49.48
C THR D 32 28.41 -20.64 -49.13
N GLY D 33 28.07 -20.61 -47.83
CA GLY D 33 26.67 -20.58 -47.38
C GLY D 33 26.53 -20.10 -45.93
N ILE D 34 25.42 -19.46 -45.63
CA ILE D 34 24.97 -19.15 -44.24
C ILE D 34 23.68 -19.94 -44.01
N ALA D 35 23.55 -20.58 -42.85
CA ALA D 35 22.42 -21.48 -42.50
C ALA D 35 22.16 -21.42 -41.00
N ALA D 36 20.91 -21.13 -40.63
CA ALA D 36 20.49 -20.98 -39.21
C ALA D 36 20.59 -22.34 -38.52
N ASP D 37 20.84 -22.34 -37.19
CA ASP D 37 20.81 -23.55 -36.32
C ASP D 37 19.41 -23.67 -35.69
N LYS D 38 18.61 -24.61 -36.21
CA LYS D 38 17.17 -24.82 -35.88
C LYS D 38 17.06 -24.96 -34.34
N GLU D 39 17.89 -25.81 -33.73
CA GLU D 39 17.70 -26.33 -32.35
C GLU D 39 18.09 -25.29 -31.30
N SER D 40 19.26 -24.65 -31.40
CA SER D 40 19.73 -23.63 -30.41
C SER D 40 18.88 -22.35 -30.52
N THR D 41 18.34 -22.05 -31.72
CA THR D 41 17.43 -20.92 -32.00
C THR D 41 16.09 -21.18 -31.32
N GLN D 42 15.50 -22.36 -31.49
CA GLN D 42 14.13 -22.66 -30.97
C GLN D 42 14.21 -22.60 -29.44
N THR D 43 15.23 -23.20 -28.83
CA THR D 43 15.44 -23.17 -27.35
C THR D 43 15.44 -21.73 -26.83
N ALA D 44 16.28 -20.85 -27.39
CA ALA D 44 16.30 -19.41 -27.09
C ALA D 44 14.88 -18.85 -27.25
N ILE D 45 14.15 -19.20 -28.31
CA ILE D 45 12.77 -18.66 -28.56
C ILE D 45 11.80 -19.15 -27.46
N ASP D 46 11.82 -20.44 -27.10
CA ASP D 46 11.00 -21.00 -25.98
C ASP D 46 11.34 -20.20 -24.71
N GLN D 47 12.62 -19.95 -24.45
CA GLN D 47 13.08 -19.23 -23.24
C GLN D 47 12.58 -17.78 -23.25
N ILE D 48 12.80 -17.03 -24.32
CA ILE D 48 12.33 -15.62 -24.42
C ILE D 48 10.79 -15.57 -24.45
N THR D 49 10.11 -16.51 -25.09
CA THR D 49 8.62 -16.63 -25.02
C THR D 49 8.17 -16.84 -23.56
N SER D 50 8.90 -17.63 -22.78
CA SER D 50 8.63 -17.83 -21.33
C SER D 50 8.78 -16.50 -20.62
N LYS D 51 9.84 -15.76 -20.95
CA LYS D 51 10.23 -14.50 -20.27
C LYS D 51 9.14 -13.44 -20.49
N VAL D 52 8.73 -13.25 -21.73
CA VAL D 52 7.64 -12.29 -22.07
C VAL D 52 6.38 -12.72 -21.34
N ASN D 53 5.91 -13.97 -21.56
CA ASN D 53 4.64 -14.51 -20.99
C ASN D 53 4.65 -14.43 -19.46
N ASN D 54 5.80 -14.55 -18.79
CA ASN D 54 5.92 -14.39 -17.31
C ASN D 54 5.72 -12.91 -16.96
N ILE D 55 6.29 -11.98 -17.73
CA ILE D 55 6.27 -10.53 -17.38
C ILE D 55 4.88 -9.94 -17.63
N VAL D 56 4.19 -10.34 -18.70
CA VAL D 56 2.90 -9.70 -19.11
C VAL D 56 1.67 -10.48 -18.56
N ASP D 57 1.85 -11.57 -17.83
CA ASP D 57 0.72 -12.43 -17.38
C ASP D 57 1.33 -13.47 -16.42
N ARG D 58 0.77 -13.69 -15.23
CA ARG D 58 1.26 -14.72 -14.27
C ARG D 58 2.15 -14.02 -13.24
N MET D 59 3.15 -13.26 -13.68
CA MET D 59 3.91 -12.35 -12.77
C MET D 59 3.39 -10.94 -12.95
N ASN D 60 2.21 -10.79 -13.55
CA ASN D 60 1.62 -9.46 -13.78
C ASN D 60 0.40 -9.33 -12.86
N THR D 61 0.62 -9.35 -11.55
CA THR D 61 -0.50 -9.42 -10.59
C THR D 61 -1.29 -8.11 -10.77
N ASN D 62 -2.61 -8.26 -10.86
CA ASN D 62 -3.54 -7.18 -11.27
C ASN D 62 -3.92 -6.30 -10.07
N PHE D 63 -4.04 -4.99 -10.31
CA PHE D 63 -4.41 -3.95 -9.33
C PHE D 63 -5.25 -2.90 -10.04
N GLU D 64 -6.51 -2.70 -9.62
CA GLU D 64 -7.40 -1.65 -10.19
C GLU D 64 -7.69 -0.61 -9.09
N SER D 65 -7.47 0.68 -9.41
CA SER D 65 -7.73 1.89 -8.61
C SER D 65 -9.19 1.96 -8.17
N VAL D 66 -9.42 2.10 -6.86
CA VAL D 66 -10.77 2.29 -6.25
C VAL D 66 -10.70 3.70 -5.65
N GLN D 67 -11.34 4.68 -6.29
CA GLN D 67 -11.44 6.06 -5.73
C GLN D 67 -12.93 6.37 -5.46
N HIS D 68 -13.23 6.75 -4.22
CA HIS D 68 -14.56 7.15 -3.75
C HIS D 68 -14.65 8.68 -3.67
N GLU D 69 -15.84 9.20 -3.37
CA GLU D 69 -16.08 10.65 -3.17
C GLU D 69 -16.09 10.96 -1.68
N PHE D 70 -15.71 12.17 -1.30
CA PHE D 70 -15.62 12.64 0.10
C PHE D 70 -16.11 14.09 0.18
N SER D 71 -16.65 14.48 1.33
CA SER D 71 -17.16 15.85 1.60
C SER D 71 -15.98 16.78 1.92
N GLU D 72 -16.23 18.05 2.15
CA GLU D 72 -15.16 19.04 2.47
C GLU D 72 -14.60 18.81 3.88
N ILE D 73 -15.27 18.06 4.75
CA ILE D 73 -14.73 17.78 6.12
C ILE D 73 -14.36 16.31 6.24
N GLU D 74 -14.16 15.64 5.11
CA GLU D 74 -13.60 14.26 5.00
C GLU D 74 -12.29 14.31 4.21
N GLU D 75 -11.58 15.43 4.35
CA GLU D 75 -10.35 15.73 3.58
C GLU D 75 -9.26 14.74 4.04
N ARG D 76 -9.23 14.34 5.31
CA ARG D 76 -8.25 13.37 5.84
C ARG D 76 -8.44 12.04 5.13
N ILE D 77 -9.66 11.55 5.07
CA ILE D 77 -9.96 10.24 4.43
C ILE D 77 -9.78 10.39 2.91
N ASN D 78 -10.09 11.55 2.33
CA ASN D 78 -9.92 11.80 0.87
C ASN D 78 -8.44 11.69 0.52
N GLN D 79 -7.61 12.47 1.21
CA GLN D 79 -6.13 12.49 0.99
C GLN D 79 -5.54 11.09 1.26
N LEU D 80 -6.03 10.35 2.25
CA LEU D 80 -5.56 8.99 2.57
C LEU D 80 -5.94 8.06 1.41
N SER D 81 -7.18 8.05 0.94
CA SER D 81 -7.61 7.11 -0.12
C SER D 81 -6.79 7.39 -1.38
N LYS D 82 -6.50 8.66 -1.68
CA LYS D 82 -5.71 9.05 -2.88
C LYS D 82 -4.23 8.69 -2.71
N HIS D 83 -3.69 8.80 -1.50
CA HIS D 83 -2.30 8.43 -1.15
C HIS D 83 -2.12 6.90 -1.33
N VAL D 84 -3.09 6.10 -0.91
CA VAL D 84 -3.09 4.61 -1.10
C VAL D 84 -2.98 4.31 -2.60
N ASP D 85 -3.88 4.90 -3.38
CA ASP D 85 -3.96 4.67 -4.85
C ASP D 85 -2.65 5.09 -5.51
N ASP D 86 -2.16 6.28 -5.19
CA ASP D 86 -0.93 6.86 -5.80
C ASP D 86 0.27 5.97 -5.50
N SER D 87 0.51 5.62 -4.23
CA SER D 87 1.77 4.94 -3.82
C SER D 87 1.72 3.49 -4.29
N VAL D 88 0.54 2.88 -4.41
CA VAL D 88 0.43 1.48 -4.91
C VAL D 88 0.61 1.47 -6.43
N ILE D 89 0.08 2.43 -7.17
CA ILE D 89 0.48 2.55 -8.59
C ILE D 89 2.00 2.74 -8.69
N ASP D 90 2.59 3.68 -7.95
CA ASP D 90 4.05 3.94 -7.94
C ASP D 90 4.81 2.62 -7.75
N ILE D 91 4.31 1.73 -6.88
CA ILE D 91 4.95 0.43 -6.52
C ILE D 91 4.83 -0.54 -7.71
N TRP D 92 3.65 -0.74 -8.29
CA TRP D 92 3.51 -1.64 -9.47
C TRP D 92 4.31 -1.11 -10.66
N SER D 93 4.42 0.22 -10.79
CA SER D 93 5.16 0.94 -11.86
C SER D 93 6.69 0.75 -11.68
N TYR D 94 7.24 0.86 -10.48
CA TYR D 94 8.65 0.49 -10.16
C TYR D 94 8.84 -0.99 -10.53
N ASN D 95 7.98 -1.86 -10.03
CA ASN D 95 8.10 -3.32 -10.23
C ASN D 95 8.18 -3.64 -11.73
N ALA D 96 7.37 -3.01 -12.57
CA ALA D 96 7.36 -3.29 -14.02
C ALA D 96 8.66 -2.78 -14.63
N GLN D 97 9.03 -1.52 -14.37
CA GLN D 97 10.23 -0.91 -15.00
C GLN D 97 11.49 -1.66 -14.57
N LEU D 98 11.61 -2.01 -13.28
CA LEU D 98 12.78 -2.73 -12.73
C LEU D 98 12.86 -4.11 -13.40
N LEU D 99 11.79 -4.90 -13.32
CA LEU D 99 11.75 -6.26 -13.92
C LEU D 99 12.18 -6.20 -15.39
N VAL D 100 11.71 -5.20 -16.15
CA VAL D 100 12.13 -5.05 -17.57
C VAL D 100 13.64 -4.76 -17.64
N LEU D 101 14.14 -3.82 -16.85
CA LEU D 101 15.58 -3.43 -16.82
C LEU D 101 16.46 -4.61 -16.44
N LEU D 102 16.07 -5.37 -15.44
CA LEU D 102 16.88 -6.52 -14.96
C LEU D 102 16.80 -7.64 -15.99
N GLU D 103 15.64 -7.84 -16.62
CA GLU D 103 15.45 -8.94 -17.58
C GLU D 103 16.02 -8.55 -18.94
N ASN D 104 16.08 -7.27 -19.28
CA ASN D 104 16.79 -6.84 -20.51
C ASN D 104 18.28 -7.25 -20.41
N GLU D 105 18.97 -6.91 -19.30
CA GLU D 105 20.39 -7.31 -19.06
C GLU D 105 20.53 -8.84 -19.23
N LYS D 106 19.56 -9.61 -18.73
CA LYS D 106 19.62 -11.10 -18.72
C LYS D 106 19.37 -11.65 -20.14
N THR D 107 18.48 -11.03 -20.91
CA THR D 107 18.19 -11.40 -22.31
C THR D 107 19.48 -11.24 -23.13
N LEU D 108 20.13 -10.09 -23.04
CA LEU D 108 21.39 -9.77 -23.79
C LEU D 108 22.49 -10.77 -23.43
N ASP D 109 22.57 -11.18 -22.17
CA ASP D 109 23.60 -12.13 -21.65
C ASP D 109 23.26 -13.56 -22.08
N LEU D 110 21.97 -13.87 -22.28
CA LEU D 110 21.48 -15.20 -22.72
C LEU D 110 21.86 -15.45 -24.18
N HIS D 111 21.61 -14.46 -25.07
CA HIS D 111 22.00 -14.51 -26.50
C HIS D 111 23.51 -14.68 -26.62
N ASP D 112 24.29 -13.79 -25.98
CA ASP D 112 25.78 -13.89 -25.88
C ASP D 112 26.16 -15.32 -25.46
N SER D 113 25.51 -15.82 -24.42
CA SER D 113 25.88 -17.10 -23.76
C SER D 113 25.41 -18.31 -24.60
N ASN D 114 24.31 -18.17 -25.34
CA ASN D 114 23.76 -19.24 -26.23
C ASN D 114 24.71 -19.42 -27.43
N VAL D 115 25.12 -18.33 -28.11
CA VAL D 115 26.06 -18.42 -29.27
C VAL D 115 27.38 -19.05 -28.81
N ARG D 116 27.91 -18.73 -27.62
CA ARG D 116 29.23 -19.24 -27.16
C ARG D 116 29.09 -20.71 -26.76
N ASN D 117 27.86 -21.21 -26.60
CA ASN D 117 27.59 -22.62 -26.23
C ASN D 117 27.57 -23.50 -27.47
N LEU D 118 26.97 -22.99 -28.54
CA LEU D 118 27.09 -23.60 -29.89
C LEU D 118 28.58 -23.69 -30.24
N HIS D 119 29.31 -22.58 -30.17
CA HIS D 119 30.75 -22.50 -30.53
C HIS D 119 31.50 -23.62 -29.82
N GLU D 120 31.09 -23.99 -28.61
CA GLU D 120 31.84 -24.99 -27.82
C GLU D 120 31.26 -26.40 -28.03
N LYS D 121 29.98 -26.51 -28.36
CA LYS D 121 29.35 -27.81 -28.74
C LYS D 121 29.97 -28.31 -30.05
N VAL D 122 30.32 -27.36 -30.93
CA VAL D 122 30.95 -27.63 -32.24
C VAL D 122 32.45 -27.90 -32.01
N ARG D 123 33.14 -27.13 -31.16
CA ARG D 123 34.58 -27.42 -30.86
C ARG D 123 34.72 -28.84 -30.31
N ARG D 124 33.78 -29.30 -29.50
CA ARG D 124 33.89 -30.64 -28.84
C ARG D 124 33.61 -31.74 -29.83
N MET D 125 32.69 -31.54 -30.77
CA MET D 125 32.42 -32.47 -31.89
C MET D 125 33.68 -32.56 -32.78
N LEU D 126 34.30 -31.41 -33.09
CA LEU D 126 35.41 -31.25 -34.07
C LEU D 126 36.73 -31.72 -33.45
N LYS D 127 36.88 -31.56 -32.15
CA LYS D 127 38.00 -32.15 -31.37
C LYS D 127 39.32 -31.78 -32.05
N ASP D 128 40.07 -32.73 -32.60
CA ASP D 128 41.47 -32.47 -33.06
C ASP D 128 41.50 -32.19 -34.57
N ASN D 129 40.34 -32.10 -35.22
CA ASN D 129 40.21 -32.12 -36.70
C ASN D 129 40.12 -30.69 -37.22
N ALA D 130 39.97 -29.69 -36.35
CA ALA D 130 39.86 -28.28 -36.79
C ALA D 130 40.67 -27.40 -35.85
N LYS D 131 41.30 -26.35 -36.39
CA LYS D 131 42.00 -25.33 -35.58
C LYS D 131 40.95 -24.29 -35.24
N ASP D 132 40.82 -24.01 -33.95
CA ASP D 132 40.02 -22.88 -33.44
C ASP D 132 40.75 -21.60 -33.82
N GLU D 133 40.26 -20.86 -34.83
CA GLU D 133 40.95 -19.66 -35.36
C GLU D 133 40.82 -18.50 -34.35
N GLY D 134 39.96 -18.64 -33.32
CA GLY D 134 39.88 -17.70 -32.18
C GLY D 134 38.83 -16.63 -32.42
N ASN D 135 38.62 -16.25 -33.69
CA ASN D 135 37.57 -15.32 -34.18
C ASN D 135 36.20 -16.02 -34.24
N GLY D 136 36.03 -17.17 -33.58
CA GLY D 136 34.78 -17.97 -33.59
C GLY D 136 34.64 -18.84 -34.84
N CYS D 137 35.75 -19.10 -35.55
CA CYS D 137 35.76 -19.95 -36.77
C CYS D 137 36.54 -21.25 -36.53
N PHE D 138 36.62 -22.07 -37.56
CA PHE D 138 37.33 -23.36 -37.53
C PHE D 138 37.90 -23.66 -38.91
N THR D 139 39.22 -23.60 -39.11
CA THR D 139 39.85 -24.18 -40.32
C THR D 139 39.90 -25.70 -40.05
N PHE D 140 39.26 -26.50 -40.89
CA PHE D 140 39.35 -27.97 -40.81
C PHE D 140 40.72 -28.41 -41.33
N TYR D 141 41.12 -29.62 -40.98
CA TYR D 141 42.40 -30.23 -41.41
C TYR D 141 42.12 -31.24 -42.51
N HIS D 142 40.87 -31.29 -43.00
CA HIS D 142 40.42 -32.21 -44.07
C HIS D 142 39.48 -31.46 -45.00
N LYS D 143 39.26 -32.01 -46.20
CA LYS D 143 38.19 -31.54 -47.12
C LYS D 143 36.87 -31.77 -46.38
N CYS D 144 36.04 -30.73 -46.29
CA CYS D 144 34.68 -30.77 -45.69
C CYS D 144 33.71 -30.34 -46.78
N ASP D 145 33.31 -31.30 -47.61
CA ASP D 145 32.26 -31.16 -48.66
C ASP D 145 30.90 -30.89 -47.99
N ASN D 146 29.90 -30.47 -48.78
CA ASN D 146 28.54 -30.12 -48.30
C ASN D 146 27.97 -31.27 -47.46
N GLU D 147 28.31 -32.54 -47.74
CA GLU D 147 27.84 -33.70 -46.92
C GLU D 147 28.48 -33.58 -45.52
N CYS D 148 29.77 -33.21 -45.45
CA CYS D 148 30.52 -33.05 -44.18
C CYS D 148 29.97 -31.85 -43.41
N ILE D 149 29.76 -30.72 -44.06
CA ILE D 149 29.27 -29.46 -43.41
C ILE D 149 27.91 -29.74 -42.76
N GLU D 150 26.95 -30.25 -43.52
CA GLU D 150 25.57 -30.53 -43.03
C GLU D 150 25.65 -31.49 -41.83
N LYS D 151 26.66 -32.34 -41.74
CA LYS D 151 26.82 -33.24 -40.56
C LYS D 151 27.32 -32.43 -39.36
N VAL D 152 28.12 -31.38 -39.57
CA VAL D 152 28.59 -30.47 -38.48
C VAL D 152 27.37 -29.69 -37.98
N ARG D 153 26.53 -29.21 -38.91
CA ARG D 153 25.36 -28.36 -38.63
C ARG D 153 24.31 -29.15 -37.85
N ASN D 154 24.00 -30.39 -38.25
CA ASN D 154 22.93 -31.19 -37.61
C ASN D 154 23.54 -32.06 -36.49
N GLY D 155 24.80 -31.82 -36.13
CA GLY D 155 25.50 -32.47 -34.98
C GLY D 155 25.66 -33.98 -35.11
N THR D 156 25.72 -34.54 -36.33
CA THR D 156 26.01 -35.98 -36.58
C THR D 156 27.49 -36.20 -36.95
N TYR D 157 28.33 -35.15 -36.93
CA TYR D 157 29.79 -35.19 -37.28
C TYR D 157 30.53 -36.11 -36.32
N ASP D 158 30.85 -37.33 -36.76
CA ASP D 158 31.78 -38.26 -36.06
C ASP D 158 33.20 -37.89 -36.48
N HIS D 159 34.04 -37.58 -35.48
CA HIS D 159 35.44 -37.09 -35.67
C HIS D 159 36.35 -38.23 -36.09
N LYS D 160 35.92 -39.50 -35.94
CA LYS D 160 36.69 -40.67 -36.41
C LYS D 160 36.71 -40.73 -37.93
N GLU D 161 35.62 -40.33 -38.60
CA GLU D 161 35.49 -40.42 -40.08
C GLU D 161 36.65 -39.66 -40.74
N PHE D 162 37.16 -38.61 -40.09
CA PHE D 162 38.19 -37.70 -40.67
C PHE D 162 39.41 -37.60 -39.73
N GLU D 163 39.60 -38.55 -38.82
CA GLU D 163 40.63 -38.46 -37.75
C GLU D 163 42.05 -38.57 -38.34
N GLU D 164 42.27 -39.58 -39.19
CA GLU D 164 43.59 -39.88 -39.80
C GLU D 164 43.94 -38.80 -40.82
N GLU D 165 43.03 -38.49 -41.75
CA GLU D 165 43.26 -37.44 -42.78
C GLU D 165 43.74 -36.16 -42.09
N SER D 166 43.08 -35.79 -40.98
CA SER D 166 43.34 -34.57 -40.16
C SER D 166 44.73 -34.64 -39.54
N ARG D 167 44.99 -35.70 -38.77
CA ARG D 167 46.31 -35.91 -38.12
C ARG D 167 47.43 -35.82 -39.18
N LEU D 168 47.23 -36.35 -40.39
CA LEU D 168 48.25 -36.34 -41.48
C LEU D 168 48.48 -34.89 -41.99
N ASN D 169 47.44 -34.10 -42.25
CA ASN D 169 47.57 -32.69 -42.73
C ASN D 169 48.19 -31.82 -41.63
N ARG D 170 47.80 -32.07 -40.38
CA ARG D 170 48.26 -31.28 -39.20
C ARG D 170 49.71 -31.62 -38.87
N GLN D 171 50.03 -32.92 -38.75
CA GLN D 171 51.43 -33.42 -38.58
C GLN D 171 52.33 -32.58 -39.50
N GLU D 172 51.97 -32.48 -40.79
CA GLU D 172 52.81 -31.84 -41.84
C GLU D 172 52.90 -30.31 -41.61
N ILE D 173 52.26 -29.76 -40.57
CA ILE D 173 52.39 -28.33 -40.15
C ILE D 173 53.05 -28.23 -38.76
N ASP E 1 60.20 -13.67 -21.19
CA ASP E 1 59.37 -12.45 -21.53
C ASP E 1 57.91 -12.84 -21.34
N GLU E 2 57.14 -12.06 -20.56
CA GLU E 2 55.75 -12.40 -20.19
C GLU E 2 54.92 -11.15 -19.88
N ILE E 3 53.60 -11.23 -20.06
CA ILE E 3 52.57 -10.19 -19.72
C ILE E 3 51.35 -10.87 -19.07
N CYS E 4 50.91 -10.37 -17.94
CA CYS E 4 49.75 -10.89 -17.18
C CYS E 4 48.61 -9.90 -17.25
N ILE E 5 47.40 -10.38 -16.98
CA ILE E 5 46.21 -9.52 -16.80
C ILE E 5 45.84 -9.54 -15.34
N GLY E 6 45.45 -8.39 -14.81
CA GLY E 6 45.21 -8.23 -13.38
C GLY E 6 44.12 -7.22 -13.12
N TYR E 7 43.84 -7.05 -11.82
CA TYR E 7 42.79 -6.17 -11.28
C TYR E 7 43.36 -5.49 -10.03
N LEU E 8 42.55 -4.64 -9.40
CA LEU E 8 42.96 -3.84 -8.23
C LEU E 8 42.76 -4.65 -6.95
N SER E 9 43.75 -4.48 -6.07
CA SER E 9 43.77 -4.89 -4.66
C SER E 9 44.00 -3.58 -3.91
N ASN E 10 43.73 -3.53 -2.61
CA ASN E 10 43.40 -2.25 -1.97
C ASN E 10 43.68 -2.28 -0.46
N ASN E 11 43.96 -1.08 0.09
CA ASN E 11 43.83 -0.68 1.52
C ASN E 11 42.46 -1.12 2.09
N SER E 12 41.43 -1.14 1.24
CA SER E 12 40.01 -0.98 1.63
C SER E 12 39.55 -2.11 2.56
N THR E 13 38.81 -1.71 3.57
CA THR E 13 38.40 -2.54 4.73
C THR E 13 36.86 -2.67 4.69
N GLU E 14 36.26 -2.03 3.68
CA GLU E 14 34.80 -1.78 3.51
C GLU E 14 34.13 -3.07 3.05
N LYS E 15 33.04 -3.45 3.69
CA LYS E 15 32.30 -4.70 3.43
C LYS E 15 30.90 -4.36 2.87
N VAL E 16 30.36 -5.26 2.08
CA VAL E 16 28.98 -5.23 1.52
C VAL E 16 28.41 -6.64 1.57
N ASP E 17 27.11 -6.77 1.32
CA ASP E 17 26.42 -8.09 1.37
C ASP E 17 25.75 -8.34 0.03
N THR E 18 25.56 -9.62 -0.26
CA THR E 18 24.82 -10.18 -1.40
C THR E 18 23.92 -11.27 -0.81
N ILE E 19 23.17 -11.99 -1.64
CA ILE E 19 22.16 -12.97 -1.16
C ILE E 19 22.87 -14.25 -0.73
N ILE E 20 24.10 -14.46 -1.17
CA ILE E 20 24.84 -15.76 -1.05
C ILE E 20 26.06 -15.57 -0.11
N GLU E 21 26.32 -14.36 0.35
CA GLU E 21 27.62 -13.99 0.97
C GLU E 21 27.39 -12.72 1.79
N SER E 22 27.89 -12.63 3.01
CA SER E 22 27.84 -11.44 3.89
C SER E 22 29.24 -10.87 4.02
N ASN E 23 29.38 -9.63 4.52
CA ASN E 23 30.67 -9.05 4.97
C ASN E 23 31.77 -9.44 3.96
N VAL E 24 31.54 -9.15 2.67
CA VAL E 24 32.50 -9.32 1.56
C VAL E 24 33.30 -8.01 1.40
N THR E 25 34.57 -7.95 1.81
CA THR E 25 35.45 -6.75 1.66
C THR E 25 35.55 -6.42 0.16
N VAL E 26 35.47 -5.14 -0.24
CA VAL E 26 35.54 -4.70 -1.67
C VAL E 26 36.42 -3.45 -1.75
N THR E 27 36.91 -3.12 -2.95
CA THR E 27 37.87 -2.03 -3.18
C THR E 27 37.20 -0.68 -2.99
N SER E 28 35.87 -0.62 -3.06
CA SER E 28 35.14 0.65 -2.86
C SER E 28 33.64 0.36 -2.85
N SER E 29 32.92 1.19 -2.12
CA SER E 29 31.46 1.08 -1.85
C SER E 29 30.98 2.45 -1.39
N VAL E 30 29.75 2.80 -1.73
CA VAL E 30 29.08 4.04 -1.23
C VAL E 30 28.05 3.61 -0.20
N GLU E 31 27.87 4.46 0.81
CA GLU E 31 26.74 4.37 1.77
C GLU E 31 25.61 5.25 1.18
N LEU E 32 24.45 4.66 0.93
CA LEU E 32 23.36 5.35 0.20
C LEU E 32 22.47 6.15 1.16
N VAL E 33 22.43 5.72 2.42
CA VAL E 33 21.47 6.21 3.46
C VAL E 33 22.14 7.27 4.33
N GLU E 34 21.36 8.27 4.70
CA GLU E 34 21.83 9.45 5.49
C GLU E 34 21.19 9.38 6.87
N ASN E 35 21.98 9.57 7.93
CA ASN E 35 21.47 9.37 9.31
C ASN E 35 21.73 10.58 10.21
N GLU E 36 22.48 11.55 9.76
CA GLU E 36 22.72 12.71 10.62
C GLU E 36 21.76 13.84 10.23
N TYR E 37 21.28 14.56 11.24
CA TYR E 37 20.32 15.69 11.22
C TYR E 37 20.70 16.61 12.38
N THR E 38 20.20 17.84 12.43
CA THR E 38 20.78 18.87 13.32
C THR E 38 19.87 19.12 14.53
N GLY E 39 18.60 19.40 14.35
CA GLY E 39 17.76 19.45 15.57
C GLY E 39 17.38 20.86 15.93
N SER E 40 16.96 21.59 14.91
CA SER E 40 16.30 22.90 14.94
C SER E 40 15.47 23.04 13.67
N PHE E 41 14.68 24.09 13.60
CA PHE E 41 13.80 24.35 12.45
C PHE E 41 14.45 25.49 11.69
N CYS E 42 14.78 25.23 10.43
CA CYS E 42 15.38 26.22 9.51
C CYS E 42 14.28 26.66 8.55
N SER E 43 14.61 27.58 7.65
CA SER E 43 13.74 28.06 6.56
C SER E 43 13.91 27.14 5.35
N ILE E 44 12.89 27.04 4.52
CA ILE E 44 12.84 26.24 3.27
C ILE E 44 12.80 27.28 2.14
N ASP E 45 13.91 27.47 1.44
CA ASP E 45 14.06 28.44 0.31
C ASP E 45 14.00 29.85 0.89
N GLY E 46 14.63 30.08 2.04
CA GLY E 46 14.70 31.41 2.70
C GLY E 46 13.36 31.91 3.27
N LYS E 47 12.30 31.10 3.25
CA LYS E 47 11.00 31.44 3.87
C LYS E 47 10.96 30.83 5.29
N ALA E 48 10.96 31.66 6.33
CA ALA E 48 11.06 31.18 7.73
C ALA E 48 9.75 30.49 8.10
N PRO E 49 9.76 29.55 9.03
CA PRO E 49 8.53 29.05 9.62
C PRO E 49 8.11 29.97 10.78
N ILE E 50 6.96 29.70 11.41
CA ILE E 50 6.49 30.41 12.62
C ILE E 50 6.43 29.41 13.77
N SER E 51 6.71 29.90 14.97
CA SER E 51 6.38 29.28 16.27
C SER E 51 5.00 29.79 16.67
N LEU E 52 4.11 28.91 17.14
CA LEU E 52 2.85 29.33 17.81
C LEU E 52 3.15 29.77 19.24
N GLY E 53 4.43 29.87 19.62
CA GLY E 53 4.81 30.33 20.97
C GLY E 53 4.19 29.41 21.99
N ASP E 54 3.34 29.93 22.87
CA ASP E 54 2.70 29.13 23.93
C ASP E 54 1.21 28.97 23.66
N CYS E 55 0.78 28.81 22.40
CA CYS E 55 -0.64 28.49 22.06
C CYS E 55 -0.79 27.14 21.38
N SER E 56 -1.91 26.48 21.62
CA SER E 56 -2.40 25.37 20.78
C SER E 56 -2.85 25.98 19.45
N PHE E 57 -2.78 25.20 18.37
CA PHE E 57 -3.44 25.47 17.07
C PHE E 57 -4.77 26.14 17.41
N ALA E 58 -5.62 25.46 18.19
CA ALA E 58 -6.98 25.95 18.53
C ALA E 58 -6.89 27.36 19.17
N GLY E 59 -6.01 27.56 20.16
CA GLY E 59 -5.87 28.87 20.83
C GLY E 59 -5.49 29.97 19.82
N TRP E 60 -4.61 29.65 18.91
CA TRP E 60 -4.17 30.56 17.83
C TRP E 60 -5.35 30.91 16.92
N ILE E 61 -6.12 29.93 16.45
CA ILE E 61 -7.24 30.15 15.49
C ILE E 61 -8.36 30.94 16.16
N LEU E 62 -8.67 30.63 17.42
CA LEU E 62 -9.77 31.29 18.16
C LEU E 62 -9.31 32.62 18.75
N GLY E 63 -8.01 32.89 18.80
CA GLY E 63 -7.45 34.10 19.44
C GLY E 63 -7.53 34.09 20.96
N ASN E 64 -7.06 33.03 21.59
CA ASN E 64 -6.76 33.04 23.05
C ASN E 64 -6.09 34.39 23.33
N PRO E 65 -6.57 35.16 24.32
CA PRO E 65 -6.11 36.53 24.54
C PRO E 65 -4.65 36.66 24.99
N MET E 66 -4.01 35.58 25.39
CA MET E 66 -2.59 35.61 25.79
C MET E 66 -1.65 35.31 24.62
N CYS E 67 -2.20 35.20 23.41
CA CYS E 67 -1.52 34.73 22.18
C CYS E 67 -1.41 35.91 21.22
N ASP E 68 -1.13 37.09 21.74
CA ASP E 68 -1.02 38.35 20.93
C ASP E 68 0.38 38.47 20.31
N ASP E 69 1.43 37.82 20.85
CA ASP E 69 2.75 37.70 20.18
C ASP E 69 2.54 37.16 18.76
N LEU E 70 1.38 36.55 18.48
CA LEU E 70 1.15 35.77 17.24
C LEU E 70 0.57 36.67 16.16
N ILE E 71 0.06 37.85 16.51
CA ILE E 71 -0.59 38.76 15.51
C ILE E 71 0.52 39.29 14.60
N GLY E 72 0.36 39.21 13.30
CA GLY E 72 1.43 39.66 12.38
C GLY E 72 2.43 38.56 12.05
N LYS E 73 2.32 37.35 12.63
CA LYS E 73 2.83 36.10 12.03
C LYS E 73 1.77 35.56 11.06
N THR E 74 1.85 35.98 9.79
CA THR E 74 0.78 35.83 8.78
C THR E 74 1.24 34.99 7.58
N SER E 75 2.54 34.67 7.47
CA SER E 75 3.06 33.78 6.40
C SER E 75 4.24 32.95 6.93
N TRP E 76 4.44 31.79 6.32
CA TRP E 76 5.33 30.72 6.83
C TRP E 76 5.59 29.68 5.76
N SER E 77 6.70 29.01 5.87
CA SER E 77 7.01 27.76 5.14
C SER E 77 6.33 26.60 5.90
N TYR E 78 6.31 26.64 7.23
CA TYR E 78 5.55 25.67 8.05
C TYR E 78 5.36 26.20 9.46
N ILE E 79 4.68 25.43 10.29
CA ILE E 79 4.28 25.91 11.64
C ILE E 79 4.83 24.94 12.68
N VAL E 80 5.38 25.50 13.75
CA VAL E 80 5.86 24.73 14.93
C VAL E 80 4.98 25.07 16.13
N GLU E 81 4.36 24.05 16.70
CA GLU E 81 3.58 24.04 17.93
C GLU E 81 4.41 23.24 18.93
N LYS E 82 4.36 23.59 20.21
CA LYS E 82 5.06 22.86 21.27
C LYS E 82 4.15 21.74 21.74
N PRO E 83 4.69 20.67 22.40
CA PRO E 83 3.90 19.48 22.69
C PRO E 83 2.88 19.76 23.79
N ASN E 84 3.19 20.71 24.67
CA ASN E 84 2.33 21.14 25.80
C ASN E 84 2.23 22.65 25.82
N PRO E 85 1.50 23.30 24.87
CA PRO E 85 1.33 24.75 24.90
C PRO E 85 0.42 25.09 26.08
N ILE E 86 0.57 26.28 26.66
CA ILE E 86 0.01 26.62 27.99
C ILE E 86 -1.36 27.28 27.79
N ASN E 87 -1.58 27.87 26.63
CA ASN E 87 -2.73 28.74 26.30
C ASN E 87 -3.52 28.05 25.19
N GLY E 88 -4.55 27.31 25.57
CA GLY E 88 -5.39 26.54 24.64
C GLY E 88 -6.76 27.13 24.51
N ILE E 89 -7.78 26.29 24.60
CA ILE E 89 -9.19 26.71 24.69
C ILE E 89 -9.43 26.91 26.19
N CYS E 90 -8.96 28.08 26.68
CA CYS E 90 -8.92 28.50 28.11
C CYS E 90 -10.28 28.23 28.77
N TYR E 91 -11.38 28.77 28.20
CA TYR E 91 -12.75 28.39 28.63
C TYR E 91 -12.97 26.98 28.12
N PRO E 92 -13.23 26.01 29.02
CA PRO E 92 -13.07 24.60 28.69
C PRO E 92 -14.11 24.19 27.63
N GLY E 93 -13.61 23.49 26.61
CA GLY E 93 -14.34 23.33 25.35
C GLY E 93 -13.51 22.57 24.36
N THR E 94 -13.93 22.63 23.09
CA THR E 94 -13.45 21.79 21.96
C THR E 94 -13.63 22.64 20.72
N LEU E 95 -12.80 22.45 19.74
CA LEU E 95 -13.03 22.97 18.37
C LEU E 95 -13.48 21.82 17.48
N GLU E 96 -14.76 21.72 17.08
CA GLU E 96 -15.28 20.67 16.16
C GLU E 96 -14.36 20.59 14.94
N ASN E 97 -13.97 19.37 14.54
CA ASN E 97 -13.16 19.11 13.32
C ASN E 97 -11.84 19.87 13.41
N GLU E 98 -11.27 19.97 14.61
CA GLU E 98 -9.95 20.61 14.80
C GLU E 98 -8.94 19.90 13.89
N GLU E 99 -9.08 18.59 13.69
CA GLU E 99 -8.07 17.80 12.96
C GLU E 99 -8.27 18.06 11.46
N GLU E 100 -9.49 18.17 10.97
CA GLU E 100 -9.69 18.51 9.55
C GLU E 100 -9.09 19.92 9.32
N LEU E 101 -9.23 20.82 10.27
CA LEU E 101 -8.72 22.22 10.11
C LEU E 101 -7.21 22.20 10.19
N ARG E 102 -6.65 21.28 10.92
CA ARG E 102 -5.19 21.14 11.04
C ARG E 102 -4.60 20.72 9.69
N LEU E 103 -5.27 19.80 9.00
CA LEU E 103 -4.90 19.37 7.63
C LEU E 103 -4.98 20.56 6.67
N LYS E 104 -6.04 21.37 6.72
CA LYS E 104 -6.22 22.57 5.85
C LYS E 104 -4.96 23.43 5.99
N PHE E 105 -4.45 23.58 7.21
CA PHE E 105 -3.37 24.55 7.55
C PHE E 105 -2.01 23.99 7.18
N SER E 106 -1.90 22.66 7.03
CA SER E 106 -0.80 21.98 6.29
C SER E 106 -0.77 22.49 4.84
N GLY E 107 -1.88 22.94 4.26
CA GLY E 107 -2.00 23.43 2.88
C GLY E 107 -1.98 24.96 2.79
N VAL E 108 -2.13 25.66 3.91
CA VAL E 108 -2.17 27.15 3.95
C VAL E 108 -0.77 27.67 4.29
N LEU E 109 -0.28 28.66 3.57
CA LEU E 109 1.06 29.28 3.78
C LEU E 109 0.94 30.74 4.16
N GLU E 110 -0.19 31.39 3.88
CA GLU E 110 -0.37 32.80 4.27
C GLU E 110 -1.86 33.09 4.43
N PHE E 111 -2.20 33.71 5.56
CA PHE E 111 -3.55 34.24 5.80
C PHE E 111 -3.44 35.70 6.20
N ASN E 112 -4.59 36.32 6.24
CA ASN E 112 -4.78 37.74 6.54
C ASN E 112 -6.04 37.82 7.41
N LYS E 113 -5.87 38.20 8.68
CA LYS E 113 -6.97 38.29 9.66
C LYS E 113 -7.69 39.62 9.54
N PHE E 114 -9.02 39.64 9.45
CA PHE E 114 -9.82 40.88 9.31
C PHE E 114 -11.12 40.80 10.12
N GLU E 115 -11.73 41.98 10.39
CA GLU E 115 -13.02 42.15 11.13
C GLU E 115 -14.18 41.94 10.13
N ALA E 116 -14.88 40.82 10.27
CA ALA E 116 -15.99 40.39 9.40
C ALA E 116 -17.30 40.91 9.99
N PHE E 117 -17.34 41.04 11.31
CA PHE E 117 -18.46 41.57 12.09
C PHE E 117 -17.97 42.44 13.24
N THR E 118 -18.29 43.72 13.23
CA THR E 118 -17.97 44.66 14.33
C THR E 118 -18.55 44.08 15.64
N SER E 119 -17.80 44.08 16.73
CA SER E 119 -18.28 43.60 18.06
C SER E 119 -19.55 44.38 18.47
N ASN E 120 -19.65 45.64 18.03
CA ASN E 120 -20.67 46.65 18.47
C ASN E 120 -21.92 46.63 17.62
N GLY E 121 -21.94 45.90 16.54
CA GLY E 121 -22.95 46.07 15.49
C GLY E 121 -24.01 44.99 15.52
N TRP E 122 -24.20 44.27 16.62
CA TRP E 122 -25.10 43.07 16.66
C TRP E 122 -26.58 43.41 16.97
N GLY E 123 -26.90 44.66 17.31
CA GLY E 123 -28.26 45.06 17.75
C GLY E 123 -28.26 45.26 19.25
N SER E 124 -29.41 45.24 19.90
CA SER E 124 -29.49 45.64 21.33
C SER E 124 -28.96 44.49 22.19
N VAL E 125 -27.66 44.50 22.48
CA VAL E 125 -27.03 43.34 23.19
C VAL E 125 -25.71 43.84 23.76
N ASN E 126 -25.20 43.29 24.85
CA ASN E 126 -23.97 43.80 25.52
C ASN E 126 -22.74 43.12 24.89
N SER E 127 -21.97 43.85 24.08
CA SER E 127 -20.73 43.34 23.44
C SER E 127 -19.57 43.42 24.43
N GLY E 128 -19.81 44.02 25.60
CA GLY E 128 -18.81 44.70 26.46
C GLY E 128 -18.37 43.86 27.64
N ALA E 129 -19.33 43.43 28.45
CA ALA E 129 -19.18 42.26 29.35
C ALA E 129 -19.31 41.03 28.49
N GLY E 130 -18.61 39.95 28.86
CA GLY E 130 -18.32 38.88 27.89
C GLY E 130 -16.91 38.39 28.06
N VAL E 131 -16.53 38.29 29.34
CA VAL E 131 -15.14 38.07 29.83
C VAL E 131 -15.25 37.06 30.97
N THR E 132 -14.16 36.37 31.30
CA THR E 132 -14.14 35.33 32.36
C THR E 132 -12.72 35.09 32.88
N ALA E 133 -12.61 34.65 34.14
CA ALA E 133 -11.33 34.36 34.82
C ALA E 133 -10.62 33.20 34.11
N ALA E 134 -11.34 32.38 33.36
CA ALA E 134 -10.73 31.26 32.59
C ALA E 134 -9.78 31.78 31.52
N CYS E 135 -10.15 32.89 30.89
CA CYS E 135 -9.51 33.46 29.68
C CYS E 135 -8.85 34.79 30.01
N LYS E 136 -7.80 34.76 30.82
CA LYS E 136 -7.15 35.98 31.38
C LYS E 136 -6.36 36.60 30.23
N PHE E 137 -6.26 37.95 30.20
CA PHE E 137 -5.41 38.71 29.25
C PHE E 137 -4.05 38.92 29.92
N GLY E 138 -3.96 39.84 30.87
CA GLY E 138 -2.75 39.83 31.69
C GLY E 138 -3.04 38.97 32.90
N SER E 139 -3.24 39.66 34.02
CA SER E 139 -3.88 39.13 35.24
C SER E 139 -5.35 39.55 35.20
N SER E 140 -5.85 40.05 34.08
CA SER E 140 -7.24 40.59 34.02
C SER E 140 -8.15 39.79 33.07
N ASN E 141 -9.45 39.73 33.42
CA ASN E 141 -10.49 38.86 32.82
C ASN E 141 -10.72 39.23 31.37
N SER E 142 -10.65 38.26 30.48
CA SER E 142 -10.81 38.51 29.02
C SER E 142 -11.60 37.37 28.37
N PHE E 143 -11.36 37.19 27.08
CA PHE E 143 -12.02 36.17 26.23
C PHE E 143 -11.35 36.15 24.87
N PHE E 144 -11.55 35.06 24.14
CA PHE E 144 -11.02 34.85 22.78
C PHE E 144 -11.33 36.09 21.96
N ARG E 145 -10.31 36.65 21.31
CA ARG E 145 -10.37 37.94 20.58
C ARG E 145 -11.11 37.82 19.25
N ASN E 146 -11.15 36.61 18.65
CA ASN E 146 -11.72 36.36 17.30
C ASN E 146 -13.24 36.17 17.38
N MET E 147 -13.80 36.06 18.58
CA MET E 147 -15.26 35.99 18.76
C MET E 147 -15.67 36.91 19.89
N VAL E 148 -16.94 37.28 19.95
CA VAL E 148 -17.42 38.12 21.08
C VAL E 148 -18.62 37.42 21.74
N TRP E 149 -18.59 37.38 23.06
CA TRP E 149 -19.57 36.67 23.90
C TRP E 149 -20.68 37.64 24.21
N LEU E 150 -21.74 37.62 23.42
CA LEU E 150 -22.86 38.57 23.55
C LEU E 150 -23.76 38.15 24.70
N ILE E 151 -24.24 39.11 25.48
CA ILE E 151 -25.23 38.92 26.58
C ILE E 151 -26.34 39.99 26.46
N HIS E 152 -27.38 39.89 27.28
CA HIS E 152 -28.48 40.88 27.36
C HIS E 152 -27.95 42.32 27.45
N GLN E 153 -28.69 43.29 26.89
CA GLN E 153 -28.57 44.75 27.17
C GLN E 153 -29.86 45.08 27.88
N SER E 154 -29.82 45.89 28.95
CA SER E 154 -31.01 46.43 29.66
C SER E 154 -32.03 45.30 29.89
N GLY E 155 -31.56 44.11 30.32
CA GLY E 155 -32.45 43.04 30.83
C GLY E 155 -33.13 42.21 29.75
N THR E 156 -32.69 42.29 28.50
CA THR E 156 -33.27 41.59 27.31
C THR E 156 -32.21 41.25 26.26
N TYR E 157 -32.30 40.07 25.64
CA TYR E 157 -31.42 39.62 24.53
C TYR E 157 -32.30 39.38 23.31
N PRO E 158 -32.34 40.31 22.34
CA PRO E 158 -33.23 40.15 21.19
C PRO E 158 -32.69 39.05 20.25
N VAL E 159 -33.45 38.67 19.24
CA VAL E 159 -32.97 37.83 18.10
C VAL E 159 -32.06 38.68 17.20
N ILE E 160 -30.77 38.38 17.16
CA ILE E 160 -29.78 39.14 16.37
C ILE E 160 -29.51 38.36 15.08
N ARG E 161 -29.15 39.06 14.01
CA ARG E 161 -28.86 38.43 12.70
C ARG E 161 -28.03 39.38 11.87
N ARG E 162 -26.87 38.92 11.41
CA ARG E 162 -25.97 39.68 10.52
C ARG E 162 -25.44 38.72 9.47
N THR E 163 -25.08 39.28 8.31
CA THR E 163 -24.53 38.51 7.18
C THR E 163 -23.13 39.03 6.83
N PHE E 164 -22.22 38.11 6.52
CA PHE E 164 -20.92 38.41 5.90
C PHE E 164 -20.97 38.00 4.42
N ASN E 165 -20.82 38.99 3.56
CA ASN E 165 -20.79 38.93 2.08
C ASN E 165 -19.30 38.80 1.71
N ASN E 166 -18.77 37.62 1.39
CA ASN E 166 -17.32 37.40 1.11
C ASN E 166 -16.96 37.97 -0.27
N THR E 167 -16.41 39.19 -0.29
CA THR E 167 -16.09 39.96 -1.53
C THR E 167 -14.58 40.01 -1.72
N LYS E 168 -13.86 39.13 -1.05
CA LYS E 168 -12.38 39.10 -1.02
C LYS E 168 -11.82 38.37 -2.24
N GLY E 169 -12.67 37.75 -3.06
CA GLY E 169 -12.23 36.78 -4.08
C GLY E 169 -11.33 35.66 -3.53
N ARG E 170 -11.41 35.29 -2.25
CA ARG E 170 -10.67 34.13 -1.70
C ARG E 170 -11.34 33.54 -0.47
N ASP E 171 -10.99 32.29 -0.21
CA ASP E 171 -11.57 31.46 0.87
C ASP E 171 -11.36 32.22 2.18
N VAL E 172 -12.42 32.47 2.94
CA VAL E 172 -12.38 33.06 4.31
C VAL E 172 -12.72 31.99 5.34
N LEU E 173 -11.83 31.75 6.30
CA LEU E 173 -12.04 30.81 7.43
C LEU E 173 -12.80 31.56 8.50
N MET E 174 -13.99 31.12 8.83
CA MET E 174 -14.76 31.85 9.88
C MET E 174 -14.97 30.97 11.10
N VAL E 175 -14.86 31.55 12.30
CA VAL E 175 -15.01 30.75 13.53
C VAL E 175 -16.03 31.47 14.41
N TRP E 176 -16.72 30.67 15.23
CA TRP E 176 -17.77 31.06 16.19
C TRP E 176 -17.92 29.94 17.20
N GLY E 177 -18.80 30.09 18.17
CA GLY E 177 -19.06 29.02 19.15
C GLY E 177 -20.47 29.04 19.66
N VAL E 178 -20.77 28.02 20.48
CA VAL E 178 -22.01 27.87 21.27
C VAL E 178 -21.62 27.71 22.74
N HIS E 179 -22.32 28.45 23.61
CA HIS E 179 -22.10 28.37 25.06
C HIS E 179 -22.99 27.24 25.58
N HIS E 180 -22.45 26.36 26.38
CA HIS E 180 -23.16 25.30 27.13
C HIS E 180 -23.19 25.63 28.62
N PRO E 181 -24.10 26.50 29.09
CA PRO E 181 -24.11 26.91 30.49
C PRO E 181 -24.24 25.74 31.47
N ALA E 182 -23.86 25.96 32.72
CA ALA E 182 -23.84 24.90 33.75
C ALA E 182 -25.23 24.71 34.34
N THR E 183 -26.02 25.79 34.42
CA THR E 183 -27.36 25.82 35.04
C THR E 183 -28.25 26.71 34.18
N LEU E 184 -29.56 26.49 34.25
CA LEU E 184 -30.56 27.43 33.74
C LEU E 184 -30.26 28.85 34.22
N LYS E 185 -29.90 29.06 35.49
CA LYS E 185 -29.64 30.43 36.05
C LYS E 185 -28.55 31.16 35.22
N GLU E 186 -27.41 30.50 34.96
CA GLU E 186 -26.30 31.11 34.21
C GLU E 186 -26.86 31.48 32.83
N HIS E 187 -27.81 30.70 32.31
CA HIS E 187 -28.47 30.93 30.99
C HIS E 187 -29.33 32.20 31.10
N GLN E 188 -30.28 32.21 32.04
CA GLN E 188 -31.10 33.38 32.43
C GLN E 188 -30.26 34.64 32.67
N ASP E 189 -29.19 34.61 33.48
CA ASP E 189 -28.48 35.86 33.89
C ASP E 189 -27.81 36.46 32.65
N LEU E 190 -27.39 35.61 31.69
CA LEU E 190 -26.61 36.03 30.48
C LEU E 190 -27.54 36.29 29.28
N TYR E 191 -28.56 35.46 29.09
CA TYR E 191 -29.43 35.53 27.90
C TYR E 191 -30.88 35.84 28.26
N LYS E 192 -31.14 36.37 29.48
CA LYS E 192 -32.46 36.89 29.98
C LYS E 192 -33.59 36.24 29.16
N LYS E 193 -33.63 34.92 29.21
CA LYS E 193 -34.65 34.00 28.66
C LYS E 193 -34.09 32.60 28.92
N ASP E 194 -34.94 31.56 28.81
CA ASP E 194 -34.71 30.22 29.40
C ASP E 194 -34.03 29.26 28.42
N ASN E 195 -34.03 29.58 27.14
CA ASN E 195 -33.60 28.61 26.11
C ASN E 195 -33.29 29.31 24.78
N SER E 196 -32.15 29.03 24.15
CA SER E 196 -31.62 29.81 23.00
C SER E 196 -31.29 28.92 21.82
N TYR E 197 -31.00 29.53 20.67
CA TYR E 197 -30.50 28.86 19.45
C TYR E 197 -29.37 29.68 18.79
N VAL E 198 -28.51 29.01 18.03
CA VAL E 198 -27.53 29.66 17.10
C VAL E 198 -27.73 29.06 15.71
N ALA E 199 -28.04 29.88 14.71
CA ALA E 199 -28.39 29.47 13.34
C ALA E 199 -27.40 30.10 12.37
N VAL E 200 -26.65 29.27 11.69
CA VAL E 200 -25.55 29.65 10.78
C VAL E 200 -25.86 29.06 9.41
N GLY E 201 -25.79 29.87 8.36
CA GLY E 201 -26.30 29.47 7.03
C GLY E 201 -25.68 30.29 5.90
N SER E 202 -25.19 29.58 4.87
CA SER E 202 -24.65 30.14 3.61
C SER E 202 -25.32 29.45 2.42
N GLU E 203 -24.87 29.70 1.21
CA GLU E 203 -25.41 28.99 0.02
C GLU E 203 -25.06 27.51 0.12
N SER E 204 -24.02 27.15 0.90
CA SER E 204 -23.55 25.75 1.00
C SER E 204 -23.56 25.22 2.44
N TYR E 205 -23.52 26.05 3.49
CA TYR E 205 -23.57 25.64 4.92
C TYR E 205 -25.02 25.72 5.42
N ASN E 206 -25.37 24.98 6.49
CA ASN E 206 -26.71 25.02 7.12
C ASN E 206 -26.67 24.30 8.48
N ARG E 207 -26.80 25.01 9.63
CA ARG E 207 -26.92 24.41 10.98
C ARG E 207 -27.72 25.27 11.96
N ARG E 208 -28.57 24.65 12.82
CA ARG E 208 -29.07 25.17 14.12
C ARG E 208 -28.13 24.48 15.15
N PHE E 209 -27.79 25.18 16.23
CA PHE E 209 -27.18 24.62 17.46
C PHE E 209 -27.93 25.12 18.68
N THR E 210 -27.88 24.34 19.77
CA THR E 210 -28.56 24.72 21.02
C THR E 210 -27.57 24.49 22.14
N PRO E 211 -27.64 25.30 23.21
CA PRO E 211 -26.90 25.00 24.42
C PRO E 211 -27.40 23.64 24.90
N GLU E 212 -26.54 22.91 25.62
CA GLU E 212 -26.91 21.73 26.44
C GLU E 212 -26.59 21.98 27.91
N ILE E 213 -27.59 22.31 28.72
CA ILE E 213 -27.33 22.70 30.13
C ILE E 213 -27.12 21.36 30.86
N SER E 214 -26.11 21.27 31.73
CA SER E 214 -25.90 20.19 32.76
C SER E 214 -24.82 20.55 33.80
N THR E 215 -24.89 19.98 35.03
CA THR E 215 -23.79 20.12 36.01
C THR E 215 -22.66 19.16 35.60
N ARG E 216 -21.56 19.76 35.15
CA ARG E 216 -20.24 19.14 35.01
C ARG E 216 -19.41 19.45 36.26
N PRO E 217 -18.32 18.71 36.48
CA PRO E 217 -17.16 19.25 37.18
C PRO E 217 -16.67 20.55 36.54
N LYS E 218 -15.99 21.35 37.35
CA LYS E 218 -15.24 22.55 36.92
C LYS E 218 -13.96 22.15 36.18
N VAL E 219 -13.55 22.98 35.22
CA VAL E 219 -12.22 23.00 34.56
C VAL E 219 -11.86 24.48 34.40
N ASN E 220 -10.68 24.93 34.87
CA ASN E 220 -10.28 26.36 34.85
C ASN E 220 -11.39 27.17 35.57
N GLY E 221 -11.99 26.53 36.57
CA GLY E 221 -12.98 27.17 37.44
C GLY E 221 -14.35 27.26 36.81
N GLN E 222 -14.58 26.61 35.65
CA GLN E 222 -15.87 26.76 34.94
C GLN E 222 -16.61 25.43 34.87
N ALA E 223 -17.85 25.41 35.33
CA ALA E 223 -18.76 24.26 35.13
C ALA E 223 -19.46 24.33 33.76
N GLY E 224 -19.40 25.47 33.07
CA GLY E 224 -19.97 25.57 31.71
C GLY E 224 -18.97 25.03 30.69
N ARG E 225 -19.40 24.78 29.48
CA ARG E 225 -18.49 24.41 28.38
C ARG E 225 -18.80 25.32 27.20
N MET E 226 -17.89 25.37 26.22
CA MET E 226 -18.19 25.99 24.92
C MET E 226 -17.67 25.08 23.81
N THR E 227 -18.41 24.94 22.72
CA THR E 227 -18.00 24.16 21.54
C THR E 227 -17.79 25.16 20.42
N PHE E 228 -16.61 25.18 19.82
CA PHE E 228 -16.24 26.19 18.81
C PHE E 228 -16.25 25.50 17.45
N TYR E 229 -16.84 26.12 16.43
CA TYR E 229 -17.08 25.52 15.11
C TYR E 229 -16.31 26.36 14.12
N TRP E 230 -16.04 25.84 12.91
CA TRP E 230 -15.42 26.62 11.83
C TRP E 230 -16.02 26.19 10.47
N THR E 231 -16.00 27.05 9.46
CA THR E 231 -16.30 26.69 8.05
C THR E 231 -15.53 27.64 7.14
N ILE E 232 -15.39 27.25 5.87
CA ILE E 232 -14.75 28.07 4.82
C ILE E 232 -15.84 28.71 4.00
N VAL E 233 -15.90 30.03 4.00
CA VAL E 233 -16.84 30.81 3.16
C VAL E 233 -16.12 31.04 1.83
N LYS E 234 -16.63 30.45 0.77
CA LYS E 234 -16.02 30.53 -0.59
C LYS E 234 -16.36 31.90 -1.19
N PRO E 235 -15.55 32.42 -2.12
CA PRO E 235 -15.78 33.73 -2.71
C PRO E 235 -17.16 33.87 -3.36
N GLU E 236 -17.86 34.95 -3.05
CA GLU E 236 -19.23 35.29 -3.53
C GLU E 236 -20.30 34.68 -2.62
N GLU E 237 -19.95 33.78 -1.69
CA GLU E 237 -20.91 33.21 -0.70
C GLU E 237 -21.22 34.29 0.35
N ALA E 238 -22.48 34.38 0.78
CA ALA E 238 -22.92 35.14 1.97
C ALA E 238 -23.14 34.11 3.08
N ILE E 239 -22.84 34.46 4.33
CA ILE E 239 -23.12 33.55 5.46
C ILE E 239 -23.84 34.38 6.52
N THR E 240 -25.03 33.95 6.94
CA THR E 240 -25.89 34.63 7.93
C THR E 240 -25.78 33.91 9.28
N PHE E 241 -25.47 34.65 10.34
CA PHE E 241 -25.59 34.22 11.75
C PHE E 241 -26.82 34.85 12.38
N GLU E 242 -27.70 34.01 12.92
CA GLU E 242 -28.97 34.37 13.61
C GLU E 242 -28.87 33.70 14.97
N SER E 243 -29.29 34.36 16.04
CA SER E 243 -29.19 33.81 17.41
C SER E 243 -29.97 34.70 18.36
N ASN E 244 -30.41 34.09 19.46
CA ASN E 244 -31.04 34.77 20.62
C ASN E 244 -30.34 34.28 21.89
N GLY E 245 -29.13 33.74 21.79
CA GLY E 245 -28.34 33.42 22.98
C GLY E 245 -27.32 32.31 22.78
N ALA E 246 -26.54 32.10 23.86
CA ALA E 246 -25.50 31.06 23.95
C ALA E 246 -24.60 31.14 22.72
N PHE E 247 -24.45 32.34 22.15
CA PHE E 247 -23.75 32.56 20.88
C PHE E 247 -22.40 33.18 21.16
N LEU E 248 -21.31 32.52 20.82
CA LEU E 248 -19.99 33.18 20.73
C LEU E 248 -19.83 33.69 19.29
N ALA E 249 -20.12 34.97 19.08
CA ALA E 249 -20.40 35.59 17.76
C ALA E 249 -19.09 35.80 17.05
N PRO E 250 -19.00 35.55 15.74
CA PRO E 250 -17.77 35.73 15.02
C PRO E 250 -17.45 37.24 15.02
N ARG E 251 -16.15 37.56 15.08
CA ARG E 251 -15.63 38.93 14.96
C ARG E 251 -14.52 38.95 13.90
N TYR E 252 -13.41 38.29 14.18
CA TYR E 252 -12.28 38.19 13.23
C TYR E 252 -12.42 36.86 12.48
N ALA E 253 -11.99 36.89 11.23
CA ALA E 253 -11.95 35.77 10.26
C ALA E 253 -10.61 35.80 9.53
N PHE E 254 -10.28 34.75 8.76
CA PHE E 254 -8.96 34.61 8.12
C PHE E 254 -9.16 34.38 6.63
N GLU E 255 -8.66 35.31 5.83
CA GLU E 255 -8.58 35.19 4.36
C GLU E 255 -7.44 34.23 4.04
N LEU E 256 -7.71 33.09 3.40
CA LEU E 256 -6.68 32.09 3.03
C LEU E 256 -6.05 32.58 1.73
N VAL E 257 -4.87 33.20 1.86
CA VAL E 257 -4.19 34.02 0.82
C VAL E 257 -3.32 33.16 -0.10
N SER E 258 -2.38 32.38 0.45
CA SER E 258 -1.51 31.44 -0.31
C SER E 258 -1.76 30.02 0.17
N LEU E 259 -1.98 29.12 -0.78
CA LEU E 259 -1.93 27.66 -0.54
C LEU E 259 -0.58 27.14 -1.08
N GLY E 260 -0.16 25.96 -0.64
CA GLY E 260 1.10 25.30 -1.05
C GLY E 260 1.41 24.17 -0.09
N ASN E 261 2.56 23.53 -0.20
CA ASN E 261 2.93 22.40 0.68
C ASN E 261 3.51 22.95 1.99
N GLY E 262 2.76 22.83 3.07
CA GLY E 262 3.19 23.28 4.42
C GLY E 262 3.28 22.10 5.34
N LYS E 263 3.48 22.31 6.64
CA LYS E 263 3.34 21.28 7.71
C LYS E 263 3.06 21.97 9.04
N LEU E 264 2.62 21.16 10.01
CA LEU E 264 2.55 21.51 11.43
C LEU E 264 3.32 20.48 12.22
N PHE E 265 4.51 20.82 12.66
CA PHE E 265 5.31 19.94 13.54
C PHE E 265 4.84 20.22 14.97
N ARG E 266 4.68 19.18 15.78
CA ARG E 266 4.64 19.26 17.26
C ARG E 266 6.05 18.97 17.74
N SER E 267 6.79 19.96 18.27
CA SER E 267 8.12 19.71 18.91
C SER E 267 8.62 20.88 19.77
N ASP E 268 9.48 20.50 20.74
CA ASP E 268 10.31 21.31 21.67
C ASP E 268 11.30 22.21 20.92
N LEU E 269 11.72 21.82 19.73
CA LEU E 269 12.94 22.36 19.07
C LEU E 269 12.72 23.82 18.68
N ASN E 270 13.83 24.54 18.54
CA ASN E 270 13.88 26.00 18.39
C ASN E 270 14.00 26.36 16.91
N ILE E 271 13.37 27.46 16.52
CA ILE E 271 13.46 27.98 15.13
C ILE E 271 14.75 28.78 15.13
N GLU E 272 15.70 28.45 14.25
CA GLU E 272 16.98 29.19 14.11
C GLU E 272 16.94 29.90 12.76
N SER E 273 17.88 30.83 12.51
CA SER E 273 18.01 31.51 11.20
C SER E 273 19.11 30.85 10.35
N CYS E 274 18.70 29.81 9.63
CA CYS E 274 19.48 28.96 8.70
C CYS E 274 18.53 28.56 7.56
N SER E 275 19.03 28.03 6.44
CA SER E 275 18.21 27.43 5.36
C SER E 275 18.52 25.92 5.37
N THR E 276 17.63 25.14 4.78
CA THR E 276 17.78 23.70 4.58
C THR E 276 16.96 23.37 3.34
N LYS E 277 17.42 22.45 2.53
CA LYS E 277 16.65 21.87 1.43
C LYS E 277 15.54 21.00 2.07
N CYS E 278 15.76 20.50 3.29
CA CYS E 278 15.00 19.39 3.89
C CYS E 278 14.96 19.52 5.43
N GLN E 279 13.74 19.47 6.00
CA GLN E 279 13.42 19.71 7.42
C GLN E 279 12.53 18.56 7.91
N SER E 280 12.95 17.89 8.97
CA SER E 280 12.22 16.77 9.59
C SER E 280 11.72 17.24 10.96
N GLU E 281 10.76 16.50 11.52
CA GLU E 281 10.15 16.76 12.83
C GLU E 281 11.21 16.86 13.95
N ILE E 282 12.37 16.22 13.78
CA ILE E 282 13.41 16.18 14.85
C ILE E 282 14.65 16.97 14.45
N GLY E 283 14.66 17.58 13.28
CA GLY E 283 15.76 18.45 12.85
C GLY E 283 15.92 18.49 11.34
N TRP E 284 16.84 19.32 10.85
CA TRP E 284 17.12 19.47 9.40
C TRP E 284 18.22 18.51 8.92
N ILE E 285 18.14 18.14 7.64
CA ILE E 285 18.97 17.11 6.95
C ILE E 285 19.67 17.82 5.80
N ASN E 286 21.00 17.74 5.76
CA ASN E 286 21.82 18.37 4.70
C ASN E 286 22.69 17.28 4.08
N THR E 287 22.27 16.70 2.98
CA THR E 287 22.93 15.52 2.37
C THR E 287 22.84 15.57 0.85
N ASN E 288 23.79 14.93 0.16
CA ASN E 288 23.81 14.70 -1.32
C ASN E 288 23.17 13.32 -1.58
N ARG E 289 22.94 12.51 -0.53
CA ARG E 289 22.40 11.12 -0.63
C ARG E 289 20.91 11.15 -0.84
N SER E 290 20.37 10.07 -1.38
CA SER E 290 19.01 9.98 -1.96
C SER E 290 18.10 9.12 -1.09
N PHE E 291 18.65 8.54 -0.01
CA PHE E 291 17.88 7.84 1.03
C PHE E 291 18.29 8.45 2.36
N HIS E 292 17.38 8.48 3.33
CA HIS E 292 17.69 8.85 4.73
C HIS E 292 16.80 8.02 5.66
N SER E 293 17.20 7.96 6.92
CA SER E 293 16.45 7.23 7.98
C SER E 293 16.45 8.04 9.29
N VAL E 294 16.36 9.37 9.14
CA VAL E 294 16.31 10.34 10.25
C VAL E 294 14.93 10.27 10.90
N HIS E 295 13.88 10.55 10.11
CA HIS E 295 12.46 10.63 10.53
C HIS E 295 11.56 10.75 9.31
N ARG E 296 10.42 10.06 9.30
CA ARG E 296 9.54 10.02 8.08
C ARG E 296 8.82 11.35 7.88
N ASN E 297 8.65 12.12 8.95
CA ASN E 297 7.85 13.36 8.92
C ASN E 297 8.76 14.51 8.46
N THR E 298 8.67 14.85 7.18
CA THR E 298 9.68 15.62 6.42
C THR E 298 8.96 16.70 5.61
N ILE E 299 9.59 17.85 5.38
CA ILE E 299 9.13 18.86 4.38
C ILE E 299 10.33 19.45 3.67
N GLY E 300 10.15 19.79 2.38
CA GLY E 300 11.17 20.32 1.45
C GLY E 300 11.55 19.28 0.40
N ASP E 301 12.65 19.50 -0.33
CA ASP E 301 13.22 18.52 -1.28
C ASP E 301 14.05 17.49 -0.51
N CYS E 302 13.51 16.31 -0.27
CA CYS E 302 14.01 15.34 0.74
C CYS E 302 14.36 14.00 0.10
N PRO E 303 15.37 13.31 0.67
CA PRO E 303 15.61 11.92 0.33
C PRO E 303 14.41 11.06 0.75
N LYS E 304 14.21 9.92 0.08
CA LYS E 304 13.25 8.84 0.44
C LYS E 304 13.59 8.37 1.85
N TYR E 305 12.65 8.47 2.78
CA TYR E 305 12.81 7.83 4.10
C TYR E 305 12.75 6.33 3.89
N VAL E 306 13.57 5.56 4.63
CA VAL E 306 13.50 4.08 4.69
C VAL E 306 13.74 3.65 6.13
N ASN E 307 13.17 2.50 6.50
CA ASN E 307 13.40 1.70 7.72
C ASN E 307 14.86 1.40 7.95
N VAL E 308 15.56 1.02 6.90
CA VAL E 308 16.95 0.48 6.91
C VAL E 308 17.89 1.62 7.27
N LYS E 309 18.77 1.37 8.24
CA LYS E 309 19.77 2.37 8.71
C LYS E 309 20.96 2.44 7.75
N SER E 310 21.26 1.36 7.02
CA SER E 310 22.43 1.31 6.10
C SER E 310 22.14 0.50 4.83
N LEU E 311 22.46 1.07 3.68
CA LEU E 311 22.59 0.36 2.39
C LEU E 311 24.01 0.59 1.82
N LYS E 312 24.88 -0.41 2.03
CA LYS E 312 26.27 -0.42 1.48
C LYS E 312 26.18 -1.02 0.07
N LEU E 313 26.32 -0.16 -0.95
CA LEU E 313 26.28 -0.56 -2.39
C LEU E 313 27.69 -0.65 -2.98
N ALA E 314 28.08 -1.84 -3.45
CA ALA E 314 29.41 -2.11 -4.02
C ALA E 314 29.51 -1.37 -5.35
N THR E 315 30.63 -0.67 -5.52
CA THR E 315 31.17 -0.12 -6.80
C THR E 315 32.39 -0.93 -7.31
N GLY E 316 33.32 -1.29 -6.42
CA GLY E 316 34.66 -1.82 -6.77
C GLY E 316 34.67 -3.33 -6.84
N LEU E 317 35.85 -3.94 -6.72
CA LEU E 317 36.06 -5.40 -6.96
C LEU E 317 36.14 -6.12 -5.62
N ARG E 318 36.34 -7.43 -5.63
CA ARG E 318 36.28 -8.22 -4.38
C ARG E 318 37.48 -7.91 -3.47
N ASN E 319 38.69 -7.61 -3.96
CA ASN E 319 39.82 -7.18 -3.08
C ASN E 319 40.40 -8.38 -2.33
N VAL E 320 41.49 -8.97 -2.86
CA VAL E 320 42.19 -10.15 -2.26
C VAL E 320 43.68 -10.11 -2.61
N PRO E 321 44.60 -9.98 -1.62
CA PRO E 321 46.04 -10.15 -1.88
C PRO E 321 46.47 -11.62 -2.14
N ALA F 7 53.35 -13.13 -12.02
CA ALA F 7 52.27 -12.89 -10.96
C ALA F 7 50.92 -12.40 -11.54
N GLY F 8 49.98 -13.29 -11.91
CA GLY F 8 48.76 -12.94 -12.68
C GLY F 8 47.50 -12.69 -11.84
N PHE F 9 46.30 -12.65 -12.47
CA PHE F 9 44.99 -12.30 -11.83
C PHE F 9 44.31 -13.47 -11.09
N ILE F 10 44.67 -14.71 -11.43
CA ILE F 10 44.14 -15.95 -10.77
C ILE F 10 44.62 -15.98 -9.30
N GLU F 11 45.83 -15.46 -9.04
CA GLU F 11 46.52 -15.48 -7.71
C GLU F 11 46.09 -14.23 -6.92
N GLY F 12 45.26 -13.36 -7.51
CA GLY F 12 44.74 -12.16 -6.83
C GLY F 12 45.10 -10.84 -7.50
N GLY F 13 44.63 -9.77 -6.86
CA GLY F 13 44.76 -8.37 -7.33
C GLY F 13 46.13 -7.81 -7.02
N TRP F 14 46.39 -6.60 -7.51
CA TRP F 14 47.72 -5.94 -7.49
C TRP F 14 47.66 -4.63 -6.73
N PRO F 15 48.19 -4.54 -5.51
CA PRO F 15 48.35 -3.22 -4.88
C PRO F 15 49.43 -2.67 -5.80
N GLY F 16 49.24 -1.48 -6.38
CA GLY F 16 50.23 -0.98 -7.35
C GLY F 16 49.69 -0.84 -8.75
N LEU F 17 48.51 -1.38 -9.06
CA LEU F 17 47.69 -0.89 -10.20
C LEU F 17 47.21 0.54 -9.86
N ILE F 18 47.80 1.57 -10.49
CA ILE F 18 47.67 3.00 -10.05
C ILE F 18 46.30 3.52 -10.52
N ASN F 19 46.11 3.75 -11.83
CA ASN F 19 44.97 4.59 -12.30
C ASN F 19 43.91 3.74 -13.01
N GLY F 20 43.53 2.62 -12.40
CA GLY F 20 42.57 1.70 -13.04
C GLY F 20 42.16 0.56 -12.14
N TRP F 21 41.19 -0.18 -12.65
CA TRP F 21 40.61 -1.39 -12.04
C TRP F 21 41.21 -2.64 -12.68
N TYR F 22 41.52 -2.60 -13.97
CA TYR F 22 42.14 -3.74 -14.69
C TYR F 22 43.33 -3.24 -15.49
N GLY F 23 44.36 -4.08 -15.61
CA GLY F 23 45.55 -3.75 -16.43
C GLY F 23 46.47 -4.93 -16.66
N PHE F 24 47.71 -4.61 -16.99
CA PHE F 24 48.77 -5.56 -17.34
C PHE F 24 50.00 -5.30 -16.46
N GLN F 25 50.60 -6.39 -15.98
CA GLN F 25 51.99 -6.49 -15.49
C GLN F 25 52.81 -7.21 -16.57
N HIS F 26 53.94 -6.65 -17.00
CA HIS F 26 54.91 -7.32 -17.91
C HIS F 26 56.28 -7.46 -17.23
N ARG F 27 57.07 -8.46 -17.63
CA ARG F 27 58.54 -8.50 -17.45
C ARG F 27 59.17 -8.84 -18.81
N ASN F 28 60.03 -7.95 -19.32
CA ASN F 28 60.87 -8.18 -20.51
C ASN F 28 62.34 -7.98 -20.09
N GLU F 29 63.22 -7.73 -21.05
CA GLU F 29 64.66 -7.54 -20.80
C GLU F 29 64.87 -6.13 -20.26
N GLU F 30 64.13 -5.12 -20.74
CA GLU F 30 64.29 -3.70 -20.32
C GLU F 30 63.72 -3.47 -18.91
N GLY F 31 63.10 -4.48 -18.28
CA GLY F 31 62.66 -4.45 -16.88
C GLY F 31 61.22 -4.89 -16.71
N THR F 32 60.56 -4.43 -15.66
CA THR F 32 59.19 -4.83 -15.21
C THR F 32 58.30 -3.57 -15.09
N GLY F 33 56.99 -3.72 -15.27
CA GLY F 33 56.06 -2.57 -15.15
C GLY F 33 54.61 -2.99 -14.93
N ILE F 34 53.86 -2.16 -14.22
CA ILE F 34 52.38 -2.27 -14.10
C ILE F 34 51.78 -1.02 -14.77
N ALA F 35 50.69 -1.19 -15.52
CA ALA F 35 50.03 -0.13 -16.31
C ALA F 35 48.55 -0.47 -16.42
N ALA F 36 47.67 0.43 -16.01
CA ALA F 36 46.21 0.25 -16.10
C ALA F 36 45.78 0.22 -17.58
N ASP F 37 44.69 -0.51 -17.88
CA ASP F 37 44.00 -0.54 -19.19
C ASP F 37 42.89 0.52 -19.19
N LYS F 38 43.15 1.64 -19.88
CA LYS F 38 42.30 2.86 -19.93
C LYS F 38 40.88 2.42 -20.33
N GLU F 39 40.75 1.61 -21.38
CA GLU F 39 39.48 1.39 -22.12
C GLU F 39 38.53 0.46 -21.36
N SER F 40 39.01 -0.70 -20.89
CA SER F 40 38.17 -1.69 -20.15
C SER F 40 37.79 -1.14 -18.78
N THR F 41 38.62 -0.27 -18.18
CA THR F 41 38.39 0.40 -16.89
C THR F 41 37.26 1.41 -17.07
N GLN F 42 37.33 2.28 -18.08
CA GLN F 42 36.35 3.38 -18.27
C GLN F 42 34.96 2.75 -18.51
N THR F 43 34.87 1.73 -19.34
CA THR F 43 33.60 1.00 -19.65
C THR F 43 32.95 0.49 -18.35
N ALA F 44 33.69 -0.26 -17.53
CA ALA F 44 33.25 -0.69 -16.19
C ALA F 44 32.77 0.55 -15.40
N ILE F 45 33.50 1.68 -15.43
CA ILE F 45 33.14 2.90 -14.64
C ILE F 45 31.80 3.49 -15.17
N ASP F 46 31.63 3.61 -16.48
CA ASP F 46 30.36 4.08 -17.09
C ASP F 46 29.24 3.15 -16.64
N GLN F 47 29.47 1.84 -16.64
CA GLN F 47 28.45 0.83 -16.25
C GLN F 47 28.10 0.98 -14.76
N ILE F 48 29.08 1.01 -13.86
CA ILE F 48 28.81 1.16 -12.40
C ILE F 48 28.21 2.54 -12.12
N THR F 49 28.65 3.60 -12.81
CA THR F 49 28.05 4.96 -12.68
C THR F 49 26.57 4.89 -13.11
N SER F 50 26.24 4.14 -14.15
CA SER F 50 24.84 3.95 -14.60
C SER F 50 24.07 3.27 -13.49
N LYS F 51 24.67 2.25 -12.87
CA LYS F 51 24.03 1.38 -11.86
C LYS F 51 23.69 2.21 -10.62
N VAL F 52 24.64 2.98 -10.09
CA VAL F 52 24.43 3.89 -8.94
C VAL F 52 23.33 4.89 -9.31
N ASN F 53 23.51 5.66 -10.40
CA ASN F 53 22.58 6.73 -10.85
C ASN F 53 21.16 6.17 -11.05
N ASN F 54 21.01 4.91 -11.46
CA ASN F 54 19.70 4.24 -11.65
C ASN F 54 19.11 3.95 -10.27
N ILE F 55 19.92 3.50 -9.32
CA ILE F 55 19.41 3.07 -7.98
C ILE F 55 19.02 4.30 -7.16
N VAL F 56 19.79 5.40 -7.21
CA VAL F 56 19.58 6.59 -6.32
C VAL F 56 18.67 7.65 -6.96
N ASP F 57 18.20 7.47 -8.19
CA ASP F 57 17.40 8.50 -8.93
C ASP F 57 16.91 7.83 -10.20
N ARG F 58 15.63 7.91 -10.54
CA ARG F 58 15.07 7.35 -11.81
C ARG F 58 14.42 6.02 -11.47
N MET F 59 15.16 5.10 -10.84
CA MET F 59 14.55 3.86 -10.27
C MET F 59 14.34 4.06 -8.78
N ASN F 60 14.42 5.30 -8.32
CA ASN F 60 14.22 5.63 -6.89
C ASN F 60 12.90 6.39 -6.81
N THR F 61 11.80 5.70 -7.09
CA THR F 61 10.49 6.38 -7.20
C THR F 61 10.19 6.92 -5.79
N ASN F 62 9.74 8.19 -5.75
CA ASN F 62 9.59 8.96 -4.51
C ASN F 62 8.28 8.61 -3.78
N PHE F 63 8.35 8.56 -2.45
CA PHE F 63 7.20 8.37 -1.55
C PHE F 63 7.36 9.27 -0.33
N GLU F 64 6.41 10.17 -0.08
CA GLU F 64 6.35 10.98 1.18
C GLU F 64 5.19 10.52 2.08
N SER F 65 5.45 10.34 3.38
CA SER F 65 4.46 9.98 4.45
C SER F 65 3.40 11.08 4.55
N VAL F 66 2.12 10.71 4.50
CA VAL F 66 0.97 11.58 4.80
C VAL F 66 0.42 11.08 6.15
N GLN F 67 0.70 11.79 7.24
CA GLN F 67 0.09 11.49 8.55
C GLN F 67 -0.74 12.70 9.00
N HIS F 68 -2.03 12.43 9.25
CA HIS F 68 -3.03 13.39 9.75
C HIS F 68 -3.27 13.12 11.24
N GLU F 69 -4.00 13.98 11.94
CA GLU F 69 -4.38 13.80 13.36
C GLU F 69 -5.79 13.22 13.43
N PHE F 70 -6.13 12.49 14.49
CA PHE F 70 -7.47 11.87 14.66
C PHE F 70 -7.95 12.01 16.11
N SER F 71 -9.26 12.03 16.34
CA SER F 71 -9.87 12.11 17.69
C SER F 71 -9.83 10.73 18.35
N GLU F 72 -10.25 10.63 19.59
CA GLU F 72 -10.33 9.34 20.31
C GLU F 72 -11.42 8.42 19.73
N ILE F 73 -12.38 8.89 18.93
CA ILE F 73 -13.41 7.99 18.33
C ILE F 73 -13.19 7.85 16.82
N GLU F 74 -11.98 8.19 16.37
CA GLU F 74 -11.49 7.99 15.00
C GLU F 74 -10.30 7.04 15.07
N GLU F 75 -10.30 6.12 16.05
CA GLU F 75 -9.15 5.21 16.27
C GLU F 75 -9.07 4.24 15.08
N ARG F 76 -10.18 3.84 14.47
CA ARG F 76 -10.20 2.96 13.28
C ARG F 76 -9.46 3.64 12.14
N ILE F 77 -9.80 4.88 11.88
CA ILE F 77 -9.24 5.67 10.76
C ILE F 77 -7.78 5.99 11.10
N ASN F 78 -7.44 6.23 12.38
CA ASN F 78 -6.05 6.52 12.84
C ASN F 78 -5.20 5.30 12.53
N GLN F 79 -5.60 4.13 13.02
CA GLN F 79 -4.88 2.84 12.84
C GLN F 79 -4.73 2.55 11.34
N LEU F 80 -5.74 2.81 10.53
CA LEU F 80 -5.66 2.56 9.09
C LEU F 80 -4.67 3.52 8.44
N SER F 81 -4.73 4.81 8.72
CA SER F 81 -3.81 5.79 8.08
C SER F 81 -2.35 5.42 8.43
N LYS F 82 -2.09 4.99 9.68
CA LYS F 82 -0.74 4.63 10.17
C LYS F 82 -0.31 3.29 9.57
N HIS F 83 -1.23 2.37 9.35
CA HIS F 83 -0.96 1.04 8.75
C HIS F 83 -0.55 1.23 7.28
N VAL F 84 -1.23 2.14 6.56
CA VAL F 84 -0.88 2.47 5.16
C VAL F 84 0.55 3.00 5.13
N ASP F 85 0.85 3.97 5.96
CA ASP F 85 2.18 4.63 6.02
C ASP F 85 3.27 3.61 6.37
N ASP F 86 3.06 2.80 7.41
CA ASP F 86 4.02 1.78 7.88
C ASP F 86 4.30 0.76 6.78
N SER F 87 3.27 0.15 6.17
CA SER F 87 3.45 -0.97 5.21
C SER F 87 4.03 -0.44 3.90
N VAL F 88 3.71 0.79 3.52
CA VAL F 88 4.29 1.41 2.28
C VAL F 88 5.75 1.79 2.54
N ILE F 89 6.11 2.33 3.69
CA ILE F 89 7.56 2.47 4.01
C ILE F 89 8.24 1.09 3.97
N ASP F 90 7.69 0.10 4.66
CA ASP F 90 8.24 -1.28 4.70
C ASP F 90 8.54 -1.75 3.26
N ILE F 91 7.64 -1.45 2.31
CA ILE F 91 7.69 -1.91 0.88
C ILE F 91 8.84 -1.19 0.17
N TRP F 92 8.92 0.13 0.24
CA TRP F 92 10.01 0.88 -0.42
C TRP F 92 11.37 0.52 0.20
N SER F 93 11.40 0.20 1.50
CA SER F 93 12.59 -0.21 2.27
C SER F 93 13.07 -1.60 1.82
N TYR F 94 12.18 -2.59 1.68
CA TYR F 94 12.51 -3.91 1.08
C TYR F 94 13.08 -3.67 -0.33
N ASN F 95 12.36 -2.90 -1.14
CA ASN F 95 12.74 -2.66 -2.56
C ASN F 95 14.18 -2.13 -2.65
N ALA F 96 14.55 -1.20 -1.80
CA ALA F 96 15.90 -0.61 -1.83
C ALA F 96 16.92 -1.66 -1.37
N GLN F 97 16.69 -2.32 -0.22
CA GLN F 97 17.66 -3.29 0.35
C GLN F 97 17.86 -4.46 -0.62
N LEU F 98 16.79 -4.98 -1.21
CA LEU F 98 16.81 -6.12 -2.18
C LEU F 98 17.64 -5.69 -3.39
N LEU F 99 17.24 -4.60 -4.04
CA LEU F 99 17.95 -4.07 -5.23
C LEU F 99 19.44 -3.93 -4.95
N VAL F 100 19.84 -3.42 -3.78
CA VAL F 100 21.27 -3.29 -3.39
C VAL F 100 21.90 -4.67 -3.31
N LEU F 101 21.26 -5.61 -2.61
CA LEU F 101 21.75 -7.00 -2.43
C LEU F 101 21.94 -7.69 -3.77
N LEU F 102 20.94 -7.57 -4.66
CA LEU F 102 20.99 -8.26 -5.97
C LEU F 102 22.03 -7.58 -6.85
N GLU F 103 22.16 -6.26 -6.76
CA GLU F 103 23.09 -5.50 -7.63
C GLU F 103 24.51 -5.57 -7.09
N ASN F 104 24.69 -5.76 -5.79
CA ASN F 104 26.03 -6.03 -5.23
C ASN F 104 26.58 -7.32 -5.86
N GLU F 105 25.82 -8.42 -5.82
CA GLU F 105 26.21 -9.72 -6.44
C GLU F 105 26.61 -9.50 -7.91
N LYS F 106 25.84 -8.70 -8.64
CA LYS F 106 26.04 -8.47 -10.09
C LYS F 106 27.29 -7.62 -10.35
N THR F 107 27.55 -6.61 -9.52
CA THR F 107 28.74 -5.75 -9.61
C THR F 107 30.01 -6.63 -9.46
N LEU F 108 30.06 -7.47 -8.43
CA LEU F 108 31.22 -8.36 -8.16
C LEU F 108 31.46 -9.31 -9.34
N ASP F 109 30.39 -9.80 -9.95
CA ASP F 109 30.43 -10.78 -11.07
C ASP F 109 30.84 -10.06 -12.37
N LEU F 110 30.53 -8.75 -12.48
CA LEU F 110 30.87 -7.90 -13.65
C LEU F 110 32.39 -7.65 -13.68
N HIS F 111 32.96 -7.27 -12.54
CA HIS F 111 34.43 -7.06 -12.39
C HIS F 111 35.17 -8.37 -12.71
N ASP F 112 34.82 -9.48 -12.05
CA ASP F 112 35.34 -10.84 -12.35
C ASP F 112 35.26 -11.09 -13.87
N SER F 113 34.12 -10.79 -14.47
CA SER F 113 33.81 -11.12 -15.89
C SER F 113 34.54 -10.15 -16.85
N ASN F 114 34.78 -8.90 -16.43
CA ASN F 114 35.49 -7.89 -17.23
C ASN F 114 36.97 -8.28 -17.32
N VAL F 115 37.62 -8.62 -16.18
CA VAL F 115 39.06 -9.04 -16.16
C VAL F 115 39.24 -10.29 -17.06
N ARG F 116 38.33 -11.25 -17.06
CA ARG F 116 38.45 -12.51 -17.86
C ARG F 116 38.24 -12.22 -19.35
N ASN F 117 37.69 -11.06 -19.68
CA ASN F 117 37.44 -10.64 -21.09
C ASN F 117 38.66 -9.98 -21.66
N LEU F 118 39.35 -9.18 -20.85
CA LEU F 118 40.68 -8.64 -21.19
C LEU F 118 41.62 -9.84 -21.44
N HIS F 119 41.69 -10.78 -20.49
CA HIS F 119 42.55 -11.99 -20.60
C HIS F 119 42.31 -12.67 -21.93
N GLU F 120 41.08 -12.67 -22.44
CA GLU F 120 40.76 -13.41 -23.68
C GLU F 120 40.89 -12.53 -24.92
N LYS F 121 40.71 -11.21 -24.79
CA LYS F 121 40.97 -10.25 -25.89
C LYS F 121 42.47 -10.27 -26.23
N VAL F 122 43.30 -10.47 -25.18
CA VAL F 122 44.78 -10.55 -25.30
C VAL F 122 45.16 -11.94 -25.85
N ARG F 123 44.55 -13.02 -25.35
CA ARG F 123 44.84 -14.38 -25.90
C ARG F 123 44.57 -14.41 -27.40
N ARG F 124 43.52 -13.73 -27.86
CA ARG F 124 43.09 -13.82 -29.28
C ARG F 124 44.04 -13.01 -30.17
N MET F 125 44.54 -11.88 -29.66
CA MET F 125 45.59 -11.07 -30.34
C MET F 125 46.89 -11.88 -30.45
N LEU F 126 47.28 -12.56 -29.36
CA LEU F 126 48.58 -13.26 -29.17
C LEU F 126 48.57 -14.57 -29.96
N LYS F 127 47.40 -15.21 -30.06
CA LYS F 127 47.21 -16.42 -30.91
C LYS F 127 48.29 -17.46 -30.56
N ASP F 128 49.19 -17.82 -31.48
CA ASP F 128 50.13 -18.94 -31.28
C ASP F 128 51.50 -18.47 -30.79
N ASN F 129 51.61 -17.19 -30.42
CA ASN F 129 52.92 -16.53 -30.15
C ASN F 129 53.22 -16.57 -28.65
N ALA F 130 52.26 -16.95 -27.82
CA ALA F 130 52.46 -16.95 -26.36
C ALA F 130 51.84 -18.21 -25.77
N LYS F 131 52.46 -18.74 -24.73
CA LYS F 131 51.93 -19.88 -23.94
C LYS F 131 51.03 -19.26 -22.88
N ASP F 132 49.79 -19.71 -22.84
CA ASP F 132 48.85 -19.41 -21.73
C ASP F 132 49.36 -20.17 -20.51
N GLU F 133 49.95 -19.47 -19.53
CA GLU F 133 50.58 -20.11 -18.34
C GLU F 133 49.49 -20.64 -17.41
N GLY F 134 48.21 -20.29 -17.64
CA GLY F 134 47.06 -20.74 -16.83
C GLY F 134 46.74 -19.76 -15.71
N ASN F 135 47.76 -19.14 -15.13
CA ASN F 135 47.66 -18.19 -13.97
C ASN F 135 47.23 -16.79 -14.44
N GLY F 136 46.72 -16.64 -15.67
CA GLY F 136 46.32 -15.33 -16.24
C GLY F 136 47.47 -14.58 -16.87
N CYS F 137 48.60 -15.24 -17.14
CA CYS F 137 49.81 -14.67 -17.76
C CYS F 137 50.07 -15.34 -19.10
N PHE F 138 51.14 -14.90 -19.76
CA PHE F 138 51.53 -15.31 -21.11
C PHE F 138 53.04 -15.24 -21.22
N THR F 139 53.73 -16.37 -21.28
CA THR F 139 55.15 -16.41 -21.71
C THR F 139 55.11 -16.28 -23.23
N PHE F 140 55.71 -15.23 -23.78
CA PHE F 140 55.87 -15.05 -25.25
C PHE F 140 56.89 -16.05 -25.76
N TYR F 141 56.88 -16.31 -27.06
CA TYR F 141 57.86 -17.18 -27.71
C TYR F 141 58.86 -16.30 -28.46
N HIS F 142 58.83 -14.99 -28.27
CA HIS F 142 59.75 -14.03 -28.92
C HIS F 142 60.16 -12.96 -27.92
N LYS F 143 61.24 -12.21 -28.22
CA LYS F 143 61.58 -10.98 -27.46
C LYS F 143 60.40 -10.01 -27.67
N CYS F 144 59.82 -9.51 -26.58
CA CYS F 144 58.78 -8.47 -26.57
C CYS F 144 59.36 -7.27 -25.82
N ASP F 145 60.06 -6.41 -26.56
CA ASP F 145 60.63 -5.12 -26.09
C ASP F 145 59.47 -4.18 -25.75
N ASN F 146 59.77 -3.09 -25.04
CA ASN F 146 58.76 -2.10 -24.58
C ASN F 146 57.89 -1.65 -25.75
N GLU F 147 58.42 -1.60 -26.97
CA GLU F 147 57.61 -1.22 -28.17
C GLU F 147 56.58 -2.32 -28.44
N CYS F 148 56.96 -3.59 -28.29
CA CYS F 148 56.08 -4.77 -28.48
C CYS F 148 55.01 -4.81 -27.36
N ILE F 149 55.41 -4.62 -26.11
CA ILE F 149 54.48 -4.64 -24.93
C ILE F 149 53.41 -3.58 -25.14
N GLU F 150 53.80 -2.32 -25.36
CA GLU F 150 52.86 -1.18 -25.55
C GLU F 150 51.88 -1.51 -26.68
N LYS F 151 52.27 -2.31 -27.67
CA LYS F 151 51.36 -2.70 -28.77
C LYS F 151 50.36 -3.74 -28.26
N VAL F 152 50.74 -4.58 -27.30
CA VAL F 152 49.82 -5.58 -26.67
C VAL F 152 48.80 -4.80 -25.84
N ARG F 153 49.26 -3.79 -25.10
CA ARG F 153 48.45 -2.97 -24.17
C ARG F 153 47.43 -2.16 -24.97
N ASN F 154 47.82 -1.51 -26.07
CA ASN F 154 46.92 -0.63 -26.85
C ASN F 154 46.24 -1.42 -27.98
N GLY F 155 46.35 -2.75 -27.97
CA GLY F 155 45.68 -3.67 -28.91
C GLY F 155 46.04 -3.48 -30.39
N THR F 156 47.25 -3.00 -30.71
CA THR F 156 47.77 -2.88 -32.11
C THR F 156 48.72 -4.04 -32.44
N TYR F 157 48.92 -5.01 -31.54
CA TYR F 157 49.85 -6.17 -31.68
C TYR F 157 49.41 -7.05 -32.85
N ASP F 158 50.14 -6.95 -33.97
CA ASP F 158 49.99 -7.86 -35.13
C ASP F 158 50.83 -9.11 -34.88
N HIS F 159 50.18 -10.28 -34.87
CA HIS F 159 50.80 -11.59 -34.53
C HIS F 159 51.66 -12.09 -35.69
N LYS F 160 51.49 -11.51 -36.89
CA LYS F 160 52.31 -11.86 -38.07
C LYS F 160 53.73 -11.32 -37.89
N GLU F 161 53.90 -10.15 -37.26
CA GLU F 161 55.23 -9.49 -37.10
C GLU F 161 56.19 -10.45 -36.38
N PHE F 162 55.67 -11.34 -35.52
CA PHE F 162 56.48 -12.22 -34.63
C PHE F 162 56.09 -13.69 -34.84
N GLU F 163 55.43 -14.03 -35.94
CA GLU F 163 54.82 -15.37 -36.14
C GLU F 163 55.88 -16.44 -36.33
N GLU F 164 56.85 -16.17 -37.20
CA GLU F 164 57.99 -17.07 -37.56
C GLU F 164 58.90 -17.21 -36.33
N GLU F 165 59.36 -16.09 -35.74
CA GLU F 165 60.27 -16.12 -34.56
C GLU F 165 59.67 -17.08 -33.53
N SER F 166 58.36 -16.94 -33.29
CA SER F 166 57.56 -17.69 -32.27
C SER F 166 57.51 -19.17 -32.64
N ARG F 167 57.04 -19.50 -33.84
CA ARG F 167 56.99 -20.90 -34.35
C ARG F 167 58.38 -21.55 -34.18
N LEU F 168 59.48 -20.83 -34.47
CA LEU F 168 60.87 -21.35 -34.40
C LEU F 168 61.24 -21.66 -32.92
N ASN F 169 60.99 -20.75 -31.97
CA ASN F 169 61.33 -20.96 -30.53
C ASN F 169 60.45 -22.07 -29.94
N ARG F 170 59.19 -22.13 -30.35
CA ARG F 170 58.18 -23.11 -29.82
C ARG F 170 58.50 -24.50 -30.38
N GLN F 171 58.65 -24.61 -31.71
CA GLN F 171 59.07 -25.87 -32.37
C GLN F 171 60.21 -26.48 -31.52
N GLU F 172 61.23 -25.68 -31.20
CA GLU F 172 62.48 -26.14 -30.53
C GLU F 172 62.17 -26.56 -29.07
N ILE F 173 60.91 -26.47 -28.59
CA ILE F 173 60.46 -26.98 -27.26
C ILE F 173 59.47 -28.15 -27.43
#